data_7US3
#
_entry.id   7US3
#
_cell.length_a   124.827
_cell.length_b   126.314
_cell.length_c   140.248
_cell.angle_alpha   90.000
_cell.angle_beta   90.000
_cell.angle_gamma   90.000
#
_symmetry.space_group_name_H-M   'P 21 21 21'
#
loop_
_entity.id
_entity.type
_entity.pdbx_description
1 polymer 'Putrescine N-hydroxylase'
2 non-polymer 'FLAVIN-ADENINE DINUCLEOTIDE'
3 non-polymer 'NADP NICOTINAMIDE-ADENINE-DINUCLEOTIDE PHOSPHATE'
4 non-polymer 'TRIETHYLENE GLYCOL'
5 non-polymer 'TETRAETHYLENE GLYCOL'
6 water water
#
_entity_poly.entity_id   1
_entity_poly.type   'polypeptide(L)'
_entity_poly.pdbx_seq_one_letter_code
;MGSSHHHHHHSSGLVPRGSHMNSQHIYDIVGIGVGPFNLGLACLTQPLNELSTIFFDSKDEFDWHSGIMPEGSTLQIPFI
ADLVSFADPKNNYSFLNYLKLHNRLYQFFIRESFFILRAEYNLYCKWAAEQLENVHFKSFVERIDYDESRQLYTVRVKQP
QGEMKVVTKNLVLGTGTTPITPKFCQGYPEQIQSSADYLRHKKDYLTKKSITIVGGGQSGAEIYYDLLSEIDQHGYQLNW
LTKAPHFFSMDLGKLTLEYTSPDYTSHFYSLDEDKRDQVIGSQNALYKGIELSFVNRIYDLLYQKSLHQPIPTRMMPNCA
LDAVEQQSNHLNLTFKNSDINKRFKLESEVLILALGYEYKIPECLTPIRTLINWDSKGRIALNWNYSINDDNTIFAQNIG
IYSHGFTVPDLGMGCYRNAIIINTILGREVYPVEKRIAYQEFAPTTEEIVTPVKTTAKSHSTELSF
;
_entity_poly.pdbx_strand_id   A,B,C,D
#
# COMPACT_ATOMS: atom_id res chain seq x y z
N SER A 23 32.14 45.67 -13.84
CA SER A 23 31.13 46.51 -13.19
C SER A 23 30.13 47.01 -14.22
N GLN A 24 30.63 47.40 -15.40
CA GLN A 24 29.79 47.84 -16.50
C GLN A 24 29.21 46.68 -17.31
N HIS A 25 29.37 45.44 -16.86
CA HIS A 25 28.85 44.31 -17.61
C HIS A 25 27.32 44.29 -17.52
N ILE A 26 26.67 44.10 -18.66
CA ILE A 26 25.22 44.15 -18.71
C ILE A 26 24.70 42.72 -18.67
N TYR A 27 24.03 42.37 -17.59
CA TYR A 27 23.47 41.04 -17.49
C TYR A 27 22.18 40.94 -18.28
N ASP A 28 21.83 39.72 -18.66
CA ASP A 28 20.52 39.47 -19.22
C ASP A 28 19.49 39.19 -18.14
N ILE A 29 19.88 38.51 -17.08
CA ILE A 29 18.95 38.13 -16.02
C ILE A 29 19.64 38.32 -14.69
N VAL A 30 18.92 38.93 -13.73
CA VAL A 30 19.29 38.93 -12.33
C VAL A 30 18.18 38.23 -11.58
N GLY A 31 18.52 37.13 -10.90
CA GLY A 31 17.56 36.44 -10.05
C GLY A 31 17.65 36.99 -8.64
N ILE A 32 16.51 37.39 -8.10
CA ILE A 32 16.44 37.91 -6.74
C ILE A 32 15.82 36.82 -5.88
N GLY A 33 16.60 36.30 -4.94
CA GLY A 33 16.20 35.11 -4.19
C GLY A 33 16.58 33.83 -4.88
N VAL A 34 17.08 32.85 -4.12
CA VAL A 34 17.46 31.56 -4.70
C VAL A 34 16.88 30.46 -3.83
N GLY A 35 15.55 30.32 -3.87
CA GLY A 35 14.90 29.10 -3.49
C GLY A 35 14.90 28.18 -4.68
N PRO A 36 14.14 27.08 -4.61
CA PRO A 36 14.15 26.11 -5.71
C PRO A 36 13.79 26.70 -7.06
N PHE A 37 12.95 27.74 -7.11
CA PHE A 37 12.50 28.17 -8.42
C PHE A 37 13.58 28.96 -9.14
N ASN A 38 14.20 29.94 -8.48
CA ASN A 38 15.29 30.63 -9.18
C ASN A 38 16.52 29.73 -9.30
N LEU A 39 16.70 28.78 -8.38
CA LEU A 39 17.82 27.83 -8.53
C LEU A 39 17.65 26.99 -9.78
N GLY A 40 16.43 26.48 -10.02
CA GLY A 40 16.17 25.75 -11.24
C GLY A 40 16.35 26.61 -12.47
N LEU A 41 16.01 27.90 -12.37
CA LEU A 41 16.24 28.80 -13.49
C LEU A 41 17.73 28.92 -13.77
N ALA A 42 18.53 28.99 -12.72
CA ALA A 42 19.97 29.01 -12.93
C ALA A 42 20.42 27.70 -13.57
N CYS A 43 19.87 26.57 -13.13
CA CYS A 43 20.29 25.30 -13.71
C CYS A 43 19.88 25.18 -15.17
N LEU A 44 18.74 25.77 -15.55
CA LEU A 44 18.24 25.61 -16.90
C LEU A 44 18.87 26.62 -17.87
N THR A 45 19.31 27.78 -17.37
CA THR A 45 19.97 28.77 -18.20
C THR A 45 21.46 28.52 -18.35
N GLN A 46 22.05 27.74 -17.46
CA GLN A 46 23.50 27.60 -17.47
C GLN A 46 24.03 27.02 -18.77
N PRO A 47 23.43 26.00 -19.38
CA PRO A 47 23.89 25.54 -20.71
C PRO A 47 23.56 26.48 -21.86
N LEU A 48 22.97 27.65 -21.62
CA LEU A 48 22.66 28.60 -22.68
C LEU A 48 23.67 29.75 -22.59
N ASN A 49 24.71 29.70 -23.42
CA ASN A 49 25.77 30.69 -23.40
C ASN A 49 25.30 32.05 -23.93
N GLU A 50 24.17 32.11 -24.63
CA GLU A 50 23.64 33.40 -25.05
C GLU A 50 23.20 34.26 -23.87
N LEU A 51 22.94 33.65 -22.72
CA LEU A 51 22.39 34.35 -21.59
C LEU A 51 23.46 34.59 -20.53
N SER A 52 23.61 35.84 -20.14
CA SER A 52 24.44 36.23 -18.99
C SER A 52 23.50 36.40 -17.79
N THR A 53 23.65 35.54 -16.79
CA THR A 53 22.76 35.54 -15.64
C THR A 53 23.55 35.59 -14.34
N ILE A 54 22.91 36.14 -13.31
CA ILE A 54 23.48 36.17 -11.97
C ILE A 54 22.32 36.10 -10.99
N PHE A 55 22.58 35.50 -9.83
CA PHE A 55 21.55 35.21 -8.84
C PHE A 55 22.06 35.57 -7.45
N PHE A 56 21.20 36.20 -6.66
CA PHE A 56 21.52 36.66 -5.31
C PHE A 56 20.54 36.11 -4.29
N ASP A 57 21.08 35.64 -3.17
CA ASP A 57 20.25 35.16 -2.08
C ASP A 57 20.82 35.63 -0.76
N SER A 58 19.94 36.05 0.15
CA SER A 58 20.42 36.70 1.35
C SER A 58 20.92 35.71 2.40
N LYS A 59 20.57 34.43 2.30
CA LYS A 59 20.99 33.48 3.31
C LYS A 59 22.47 33.09 3.15
N ASP A 60 23.01 32.48 4.20
CA ASP A 60 24.42 32.09 4.19
C ASP A 60 24.71 31.04 3.13
N GLU A 61 23.73 30.18 2.85
CA GLU A 61 23.81 29.19 1.78
C GLU A 61 22.39 28.70 1.52
N PHE A 62 22.23 27.90 0.47
CA PHE A 62 20.91 27.38 0.17
C PHE A 62 20.36 26.63 1.37
N ASP A 63 19.12 26.94 1.73
CA ASP A 63 18.44 26.23 2.81
C ASP A 63 16.96 26.15 2.49
N TRP A 64 16.41 24.94 2.50
CA TRP A 64 14.99 24.75 2.20
C TRP A 64 14.26 24.37 3.49
N HIS A 65 13.91 25.40 4.27
CA HIS A 65 13.07 25.22 5.47
C HIS A 65 13.66 24.20 6.43
N SER A 66 14.96 24.24 6.64
CA SER A 66 15.55 23.18 7.47
C SER A 66 15.09 23.27 8.91
N GLY A 67 14.55 24.42 9.33
CA GLY A 67 14.02 24.53 10.68
C GLY A 67 12.75 23.75 10.90
N ILE A 68 12.08 23.33 9.83
CA ILE A 68 10.88 22.52 9.98
C ILE A 68 11.12 21.24 9.19
N MET A 69 12.13 20.48 9.60
CA MET A 69 12.62 19.35 8.81
C MET A 69 12.97 18.19 9.72
N PRO A 70 11.98 17.64 10.42
CA PRO A 70 12.24 16.47 11.26
C PRO A 70 12.77 15.29 10.43
N GLU A 71 13.58 14.48 11.09
CA GLU A 71 14.14 13.29 10.45
C GLU A 71 13.04 12.46 9.84
N GLY A 72 13.29 11.95 8.62
CA GLY A 72 12.33 11.17 7.89
C GLY A 72 11.29 11.97 7.15
N SER A 73 11.22 13.28 7.34
CA SER A 73 10.22 14.07 6.62
C SER A 73 10.58 14.13 5.13
N THR A 74 9.55 14.17 4.30
CA THR A 74 9.73 14.01 2.86
C THR A 74 9.00 15.12 2.13
N LEU A 75 9.33 15.26 0.86
CA LEU A 75 8.48 16.04 -0.03
C LEU A 75 7.16 15.31 -0.22
N GLN A 76 6.15 16.04 -0.69
CA GLN A 76 4.85 15.43 -0.95
C GLN A 76 4.55 15.22 -2.42
N ILE A 77 5.45 15.58 -3.32
CA ILE A 77 5.26 15.30 -4.74
C ILE A 77 6.45 14.46 -5.20
N PRO A 78 6.32 13.75 -6.31
CA PRO A 78 7.38 12.84 -6.73
C PRO A 78 8.67 13.56 -7.08
N PHE A 79 9.76 12.79 -7.07
CA PHE A 79 11.10 13.33 -7.25
C PHE A 79 11.34 13.85 -8.65
N ILE A 80 10.48 13.51 -9.63
CA ILE A 80 10.60 14.12 -10.95
C ILE A 80 10.56 15.63 -10.83
N ALA A 81 9.90 16.15 -9.80
CA ALA A 81 9.81 17.59 -9.57
C ALA A 81 11.09 18.14 -8.94
N ASP A 82 12.23 17.84 -9.55
CA ASP A 82 13.54 18.37 -9.16
C ASP A 82 13.79 19.71 -9.88
N LEU A 83 15.04 20.15 -9.96
CA LEU A 83 15.33 21.48 -10.49
C LEU A 83 15.15 21.60 -12.01
N VAL A 84 15.21 20.50 -12.78
CA VAL A 84 15.37 20.62 -14.23
C VAL A 84 14.62 19.56 -15.04
N SER A 85 14.19 18.47 -14.41
CA SER A 85 13.93 17.28 -15.22
C SER A 85 12.65 17.40 -16.03
N PHE A 86 11.67 18.17 -15.56
CA PHE A 86 10.48 18.38 -16.37
C PHE A 86 10.78 19.18 -17.62
N ALA A 87 11.75 20.09 -17.56
CA ALA A 87 12.24 20.78 -18.75
C ALA A 87 13.14 19.89 -19.60
N ASP A 88 14.00 19.11 -18.94
CA ASP A 88 15.07 18.43 -19.65
C ASP A 88 15.68 17.33 -18.79
N PRO A 89 15.22 16.08 -18.90
CA PRO A 89 15.82 15.00 -18.11
C PRO A 89 17.31 14.80 -18.35
N LYS A 90 17.84 15.27 -19.49
CA LYS A 90 19.27 15.15 -19.77
C LYS A 90 20.10 16.14 -18.96
N ASN A 91 19.47 17.14 -18.35
CA ASN A 91 20.20 18.22 -17.73
C ASN A 91 21.12 17.69 -16.63
N ASN A 92 22.28 18.33 -16.52
CA ASN A 92 23.29 17.92 -15.56
C ASN A 92 22.80 18.01 -14.11
N TYR A 93 21.76 18.80 -13.83
CA TYR A 93 21.38 19.07 -12.45
C TYR A 93 20.15 18.28 -12.01
N SER A 94 19.86 17.18 -12.68
CA SER A 94 18.73 16.35 -12.30
C SER A 94 19.05 15.60 -11.02
N PHE A 95 18.00 15.32 -10.26
CA PHE A 95 18.15 14.59 -9.01
C PHE A 95 18.75 13.20 -9.24
N LEU A 96 18.31 12.50 -10.29
CA LEU A 96 18.95 11.23 -10.65
C LEU A 96 20.46 11.40 -10.87
N ASN A 97 20.86 12.44 -11.61
CA ASN A 97 22.30 12.63 -11.82
C ASN A 97 23.00 12.91 -10.51
N TYR A 98 22.39 13.76 -9.67
CA TYR A 98 22.90 13.96 -8.31
C TYR A 98 23.12 12.64 -7.59
N LEU A 99 22.07 11.79 -7.56
CA LEU A 99 22.19 10.51 -6.86
C LEU A 99 23.34 9.68 -7.40
N LYS A 100 23.44 9.55 -8.72
CA LYS A 100 24.51 8.74 -9.32
C LYS A 100 25.88 9.24 -8.87
N LEU A 101 26.07 10.56 -8.89
CA LEU A 101 27.38 11.11 -8.56
C LEU A 101 27.67 11.07 -7.07
N HIS A 102 26.66 10.77 -6.23
CA HIS A 102 26.88 10.67 -4.79
C HIS A 102 26.67 9.25 -4.28
N ASN A 103 26.73 8.27 -5.18
CA ASN A 103 26.66 6.87 -4.82
C ASN A 103 25.39 6.57 -4.04
N ARG A 104 24.27 7.17 -4.46
CA ARG A 104 22.99 6.92 -3.83
C ARG A 104 21.88 6.56 -4.82
N LEU A 105 22.22 6.40 -6.10
CA LEU A 105 21.23 6.01 -7.11
C LEU A 105 20.67 4.62 -6.83
N TYR A 106 21.55 3.61 -6.75
CA TYR A 106 21.08 2.26 -6.42
C TYR A 106 20.28 2.25 -5.12
N GLN A 107 20.79 2.94 -4.11
CA GLN A 107 20.15 2.93 -2.80
C GLN A 107 18.80 3.62 -2.88
N PHE A 108 18.72 4.73 -3.61
CA PHE A 108 17.43 5.41 -3.70
C PHE A 108 16.38 4.50 -4.27
N PHE A 109 16.74 3.67 -5.26
CA PHE A 109 15.72 2.87 -5.91
C PHE A 109 15.43 1.58 -5.19
N ILE A 110 16.35 1.09 -4.36
CA ILE A 110 15.98 0.02 -3.45
C ILE A 110 14.97 0.55 -2.44
N ARG A 111 15.22 1.75 -1.90
CA ARG A 111 14.24 2.42 -1.03
C ARG A 111 12.88 2.52 -1.69
N GLU A 112 12.84 2.68 -3.01
CA GLU A 112 11.61 2.64 -3.81
C GLU A 112 10.50 3.51 -3.21
N SER A 113 10.82 4.76 -2.95
CA SER A 113 9.80 5.78 -2.69
C SER A 113 9.95 6.93 -3.66
N PHE A 114 8.82 7.42 -4.17
CA PHE A 114 8.80 8.58 -5.06
C PHE A 114 9.13 9.90 -4.35
N PHE A 115 9.24 9.90 -3.02
CA PHE A 115 9.35 11.14 -2.26
C PHE A 115 10.74 11.27 -1.67
N ILE A 116 11.44 12.35 -2.01
CA ILE A 116 12.78 12.58 -1.48
C ILE A 116 12.67 13.05 -0.05
N LEU A 117 13.53 12.52 0.81
CA LEU A 117 13.66 13.07 2.16
C LEU A 117 14.01 14.55 2.06
N ARG A 118 13.30 15.37 2.82
CA ARG A 118 13.57 16.81 2.78
C ARG A 118 15.02 17.11 3.11
N ALA A 119 15.67 16.30 3.95
CA ALA A 119 17.07 16.56 4.19
C ALA A 119 17.90 16.25 2.94
N GLU A 120 17.52 15.23 2.17
CA GLU A 120 18.27 14.91 0.95
C GLU A 120 18.02 15.94 -0.13
N TYR A 121 16.76 16.34 -0.34
CA TYR A 121 16.46 17.39 -1.30
C TYR A 121 17.27 18.65 -0.99
N ASN A 122 17.42 18.96 0.29
CA ASN A 122 18.24 20.08 0.73
C ASN A 122 19.69 19.92 0.28
N LEU A 123 20.29 18.75 0.52
CA LEU A 123 21.65 18.50 0.07
C LEU A 123 21.75 18.59 -1.45
N TYR A 124 20.72 18.10 -2.15
CA TYR A 124 20.72 18.16 -3.61
C TYR A 124 20.75 19.60 -4.10
N CYS A 125 19.86 20.43 -3.57
CA CYS A 125 19.85 21.83 -3.97
C CYS A 125 21.14 22.53 -3.57
N LYS A 126 21.70 22.21 -2.39
CA LYS A 126 23.00 22.73 -2.01
C LYS A 126 24.07 22.32 -3.02
N TRP A 127 24.08 21.04 -3.41
CA TRP A 127 25.05 20.59 -4.41
C TRP A 127 24.88 21.30 -5.72
N ALA A 128 23.63 21.46 -6.18
CA ALA A 128 23.39 22.17 -7.42
C ALA A 128 23.87 23.62 -7.34
N ALA A 129 23.55 24.29 -6.24
CA ALA A 129 23.97 25.68 -6.07
C ALA A 129 25.48 25.81 -6.04
N GLU A 130 26.18 24.81 -5.49
CA GLU A 130 27.63 24.85 -5.45
C GLU A 130 28.26 24.76 -6.83
N GLN A 131 27.56 24.22 -7.82
CA GLN A 131 28.15 24.12 -9.16
C GLN A 131 28.13 25.44 -9.89
N LEU A 132 27.26 26.35 -9.46
CA LEU A 132 26.92 27.54 -10.22
C LEU A 132 27.67 28.73 -9.62
N GLU A 133 28.77 29.10 -10.28
CA GLU A 133 29.57 30.24 -9.84
C GLU A 133 28.78 31.55 -9.89
N ASN A 134 27.69 31.60 -10.65
CA ASN A 134 26.89 32.82 -10.75
C ASN A 134 25.73 32.85 -9.75
N VAL A 135 25.69 31.93 -8.79
CA VAL A 135 24.69 31.93 -7.73
C VAL A 135 25.39 32.35 -6.44
N HIS A 136 25.06 33.54 -5.94
CA HIS A 136 25.78 34.16 -4.84
C HIS A 136 24.87 34.22 -3.62
N PHE A 137 25.31 33.61 -2.53
CA PHE A 137 24.62 33.72 -1.26
C PHE A 137 25.22 34.87 -0.46
N LYS A 138 24.72 35.09 0.75
CA LYS A 138 25.09 36.25 1.55
C LYS A 138 24.91 37.55 0.76
N SER A 139 23.79 37.65 0.02
CA SER A 139 23.62 38.73 -0.96
C SER A 139 22.18 39.22 -0.92
N PHE A 140 21.92 40.25 -0.13
CA PHE A 140 20.55 40.74 0.07
C PHE A 140 20.29 41.84 -0.95
N VAL A 141 19.33 41.62 -1.84
CA VAL A 141 19.02 42.65 -2.83
C VAL A 141 18.26 43.76 -2.11
N GLU A 142 18.94 44.88 -1.91
CA GLU A 142 18.41 45.98 -1.11
C GLU A 142 17.51 46.88 -1.94
N ARG A 143 17.81 47.08 -3.23
CA ARG A 143 17.18 48.13 -3.99
C ARG A 143 17.26 47.82 -5.49
N ILE A 144 16.24 48.26 -6.23
CA ILE A 144 16.21 48.11 -7.68
C ILE A 144 15.73 49.42 -8.28
N ASP A 145 16.51 49.99 -9.20
CA ASP A 145 16.10 51.16 -9.96
C ASP A 145 15.97 50.81 -11.45
N TYR A 146 15.29 51.69 -12.18
CA TYR A 146 15.15 51.55 -13.61
C TYR A 146 15.59 52.85 -14.26
N ASP A 147 16.42 52.73 -15.29
CA ASP A 147 16.87 53.85 -16.09
C ASP A 147 16.22 53.73 -17.46
N GLU A 148 15.26 54.61 -17.73
CA GLU A 148 14.60 54.61 -19.02
C GLU A 148 15.61 54.87 -20.15
N SER A 149 16.63 55.70 -19.91
CA SER A 149 17.55 56.01 -21.00
C SER A 149 18.43 54.83 -21.38
N ARG A 150 18.69 53.91 -20.46
CA ARG A 150 19.49 52.74 -20.78
C ARG A 150 18.66 51.47 -20.92
N GLN A 151 17.37 51.51 -20.58
CA GLN A 151 16.54 50.31 -20.57
C GLN A 151 17.14 49.24 -19.66
N LEU A 152 17.74 49.67 -18.54
CA LEU A 152 18.46 48.76 -17.65
C LEU A 152 17.97 48.94 -16.23
N TYR A 153 17.87 47.81 -15.52
CA TYR A 153 17.65 47.81 -14.07
C TYR A 153 19.00 47.79 -13.38
N THR A 154 19.16 48.66 -12.39
CA THR A 154 20.29 48.64 -11.48
C THR A 154 19.86 47.92 -10.20
N VAL A 155 20.59 46.88 -9.83
CA VAL A 155 20.28 46.06 -8.68
C VAL A 155 21.37 46.29 -7.65
N ARG A 156 21.01 46.87 -6.51
CA ARG A 156 21.96 47.14 -5.44
C ARG A 156 21.89 45.99 -4.44
N VAL A 157 23.05 45.40 -4.13
CA VAL A 157 23.14 44.18 -3.34
C VAL A 157 24.03 44.45 -2.13
N LYS A 158 23.50 44.21 -0.94
CA LYS A 158 24.29 44.27 0.29
C LYS A 158 24.99 42.93 0.50
N GLN A 159 26.31 42.97 0.57
CA GLN A 159 27.11 41.77 0.79
C GLN A 159 27.98 41.96 2.01
N PRO A 160 28.58 40.90 2.56
CA PRO A 160 29.59 41.08 3.62
C PRO A 160 30.67 42.10 3.27
N GLN A 161 31.21 42.05 2.04
CA GLN A 161 32.26 42.99 1.65
C GLN A 161 31.74 44.42 1.59
N GLY A 162 30.54 44.62 1.04
CA GLY A 162 30.02 45.97 0.85
C GLY A 162 28.75 45.97 0.04
N GLU A 163 28.60 47.03 -0.75
CA GLU A 163 27.43 47.22 -1.61
C GLU A 163 27.86 47.03 -3.06
N MET A 164 27.35 45.97 -3.69
CA MET A 164 27.59 45.69 -5.11
C MET A 164 26.39 46.18 -5.91
N LYS A 165 26.66 46.84 -7.05
CA LYS A 165 25.64 47.18 -8.03
C LYS A 165 25.85 46.34 -9.28
N VAL A 166 24.77 45.85 -9.87
CA VAL A 166 24.84 45.27 -11.21
C VAL A 166 23.68 45.80 -12.04
N VAL A 167 23.88 45.85 -13.35
CA VAL A 167 22.84 46.27 -14.28
C VAL A 167 22.34 45.07 -15.06
N THR A 168 21.07 45.11 -15.46
CA THR A 168 20.50 43.94 -16.10
C THR A 168 19.29 44.33 -16.93
N LYS A 169 19.02 43.52 -17.94
CA LYS A 169 17.90 43.79 -18.83
C LYS A 169 16.61 43.21 -18.27
N ASN A 170 16.70 42.12 -17.54
CA ASN A 170 15.54 41.44 -17.00
C ASN A 170 15.76 41.14 -15.53
N LEU A 171 14.65 41.05 -14.80
CA LEU A 171 14.61 40.59 -13.42
C LEU A 171 13.68 39.39 -13.31
N VAL A 172 14.08 38.41 -12.50
CA VAL A 172 13.21 37.30 -12.13
C VAL A 172 13.12 37.31 -10.62
N LEU A 173 11.95 37.65 -10.09
CA LEU A 173 11.71 37.70 -8.66
C LEU A 173 11.40 36.32 -8.14
N GLY A 174 12.31 35.76 -7.34
CA GLY A 174 12.07 34.48 -6.70
C GLY A 174 12.30 34.52 -5.20
N THR A 175 11.60 35.40 -4.48
CA THR A 175 11.87 35.61 -3.07
C THR A 175 10.97 34.80 -2.15
N GLY A 176 10.15 33.90 -2.70
CA GLY A 176 9.44 32.90 -1.91
C GLY A 176 8.35 33.47 -1.01
N THR A 177 8.12 32.77 0.10
CA THR A 177 7.03 33.09 1.01
C THR A 177 7.54 32.94 2.43
N THR A 178 6.81 33.52 3.38
CA THR A 178 7.29 33.58 4.75
C THR A 178 6.17 33.29 5.73
N PRO A 179 6.50 32.82 6.93
CA PRO A 179 5.45 32.41 7.88
C PRO A 179 4.48 33.53 8.20
N ILE A 180 3.21 33.17 8.30
CA ILE A 180 2.17 34.10 8.70
C ILE A 180 2.21 34.23 10.22
N THR A 181 2.27 35.46 10.72
CA THR A 181 2.13 35.73 12.14
C THR A 181 1.05 36.79 12.36
N PRO A 182 -0.08 36.44 12.97
CA PRO A 182 -1.11 37.44 13.23
C PRO A 182 -0.57 38.54 14.12
N LYS A 183 -1.20 39.71 13.99
CA LYS A 183 -0.76 40.90 14.71
C LYS A 183 -0.73 40.67 16.22
N PHE A 184 -1.80 40.09 16.76
CA PHE A 184 -1.88 39.87 18.20
C PHE A 184 -0.93 38.81 18.69
N CYS A 185 -0.19 38.14 17.80
CA CYS A 185 0.82 37.19 18.20
C CYS A 185 2.24 37.76 18.19
N GLN A 186 2.39 39.05 17.91
CA GLN A 186 3.73 39.62 17.88
C GLN A 186 4.13 40.11 19.26
N GLY A 187 5.44 40.11 19.52
CA GLY A 187 5.94 40.68 20.75
C GLY A 187 6.02 39.73 21.92
N TYR A 188 5.85 38.43 21.70
CA TYR A 188 6.05 37.42 22.74
C TYR A 188 7.17 36.47 22.32
N PRO A 189 8.38 36.98 22.15
CA PRO A 189 9.42 36.17 21.49
C PRO A 189 9.82 34.95 22.28
N GLU A 190 9.77 35.01 23.61
CA GLU A 190 10.21 33.85 24.38
C GLU A 190 9.17 32.73 24.39
N GLN A 191 7.91 33.01 24.06
CA GLN A 191 6.82 32.05 24.26
C GLN A 191 6.10 31.59 22.99
N ILE A 192 6.08 32.42 21.95
CA ILE A 192 5.43 32.11 20.68
C ILE A 192 6.50 32.07 19.59
N GLN A 193 6.52 30.98 18.81
CA GLN A 193 7.47 30.77 17.74
C GLN A 193 6.75 30.22 16.53
N SER A 194 7.39 30.36 15.38
CA SER A 194 6.86 29.82 14.14
C SER A 194 7.17 28.33 14.03
N SER A 195 6.27 27.62 13.36
CA SER A 195 6.57 26.24 12.98
C SER A 195 7.86 26.17 12.17
N ALA A 196 8.17 27.23 11.40
CA ALA A 196 9.40 27.27 10.61
C ALA A 196 10.65 27.09 11.47
N ASP A 197 10.59 27.49 12.74
CA ASP A 197 11.75 27.40 13.62
C ASP A 197 11.65 26.26 14.62
N TYR A 198 10.85 25.24 14.29
CA TYR A 198 10.53 24.20 15.26
C TYR A 198 11.78 23.53 15.82
N LEU A 199 12.75 23.21 14.97
CA LEU A 199 13.89 22.47 15.48
C LEU A 199 14.84 23.32 16.28
N ARG A 200 14.84 24.65 16.09
CA ARG A 200 15.61 25.52 16.97
C ARG A 200 15.10 25.46 18.41
N HIS A 201 13.82 25.15 18.59
CA HIS A 201 13.19 25.25 19.90
C HIS A 201 12.72 23.93 20.47
N LYS A 202 12.82 22.83 19.71
CA LYS A 202 12.33 21.55 20.20
C LYS A 202 12.90 21.18 21.56
N LYS A 203 14.21 21.40 21.76
CA LYS A 203 14.80 21.02 23.04
C LYS A 203 14.15 21.77 24.20
N ASP A 204 13.90 23.07 24.06
CA ASP A 204 13.15 23.81 25.08
C ASP A 204 11.74 23.27 25.23
N TYR A 205 11.08 22.99 24.09
CA TYR A 205 9.70 22.53 24.11
C TYR A 205 9.54 21.27 24.95
N LEU A 206 10.50 20.35 24.87
CA LEU A 206 10.35 19.06 25.55
C LEU A 206 10.36 19.20 27.06
N THR A 207 10.84 20.31 27.59
CA THR A 207 10.85 20.56 29.03
C THR A 207 9.61 21.28 29.53
N LYS A 208 8.66 21.59 28.66
CA LYS A 208 7.53 22.41 29.09
C LYS A 208 6.41 21.52 29.64
N LYS A 209 5.46 22.17 30.31
CA LYS A 209 4.27 21.50 30.80
C LYS A 209 3.15 21.50 29.78
N SER A 210 3.15 22.45 28.84
CA SER A 210 2.07 22.53 27.87
C SER A 210 2.59 23.14 26.58
N ILE A 211 2.28 22.47 25.45
CA ILE A 211 2.62 22.95 24.12
C ILE A 211 1.34 23.04 23.30
N THR A 212 1.14 24.14 22.59
CA THR A 212 -0.02 24.28 21.74
C THR A 212 0.40 24.65 20.32
N ILE A 213 -0.05 23.84 19.36
CA ILE A 213 0.17 24.04 17.93
C ILE A 213 -1.12 24.55 17.32
N VAL A 214 -1.11 25.76 16.76
CA VAL A 214 -2.26 26.28 16.05
C VAL A 214 -1.99 26.20 14.55
N GLY A 215 -2.86 25.50 13.82
CA GLY A 215 -2.71 25.27 12.40
C GLY A 215 -2.73 23.80 12.05
N GLY A 216 -3.65 23.37 11.20
CA GLY A 216 -3.80 21.96 10.94
C GLY A 216 -3.27 21.50 9.61
N GLY A 217 -2.36 22.30 9.04
CA GLY A 217 -1.71 21.94 7.80
C GLY A 217 -0.53 21.01 8.06
N GLN A 218 0.22 20.75 6.98
CA GLN A 218 1.28 19.77 7.05
C GLN A 218 2.37 20.17 8.05
N SER A 219 2.66 21.47 8.18
CA SER A 219 3.60 21.91 9.20
C SER A 219 3.10 21.58 10.61
N GLY A 220 1.85 21.94 10.89
CA GLY A 220 1.28 21.59 12.18
C GLY A 220 1.28 20.09 12.44
N ALA A 221 0.93 19.30 11.42
CA ALA A 221 0.86 17.86 11.60
C ALA A 221 2.22 17.27 11.93
N GLU A 222 3.26 17.80 11.28
CA GLU A 222 4.58 17.20 11.48
C GLU A 222 5.12 17.52 12.86
N ILE A 223 4.88 18.74 13.34
CA ILE A 223 5.25 19.07 14.71
C ILE A 223 4.41 18.26 15.68
N TYR A 224 3.11 18.12 15.40
CA TYR A 224 2.25 17.34 16.28
C TYR A 224 2.74 15.91 16.37
N TYR A 225 3.01 15.28 15.22
CA TYR A 225 3.47 13.90 15.24
C TYR A 225 4.82 13.79 15.93
N ASP A 226 5.69 14.77 15.70
CA ASP A 226 7.01 14.70 16.30
C ASP A 226 6.91 14.76 17.81
N LEU A 227 6.07 15.65 18.31
CA LEU A 227 5.93 15.81 19.75
C LEU A 227 5.16 14.65 20.36
N LEU A 228 4.14 14.15 19.65
CA LEU A 228 3.39 12.99 20.10
C LEU A 228 4.29 11.76 20.26
N SER A 229 5.24 11.57 19.32
CA SER A 229 6.16 10.43 19.37
C SER A 229 6.93 10.37 20.67
N GLU A 230 7.25 11.52 21.25
CA GLU A 230 8.14 11.60 22.41
C GLU A 230 7.38 11.96 23.67
N ILE A 231 6.05 11.95 23.62
CA ILE A 231 5.25 12.54 24.70
C ILE A 231 5.42 11.75 25.98
N ASP A 232 5.63 10.43 25.89
CA ASP A 232 5.70 9.62 27.10
C ASP A 232 6.98 9.87 27.90
N GLN A 233 8.04 10.31 27.25
CA GLN A 233 9.26 10.58 28.00
C GLN A 233 9.30 11.99 28.57
N HIS A 234 8.18 12.71 28.57
CA HIS A 234 8.20 14.08 29.06
C HIS A 234 6.90 14.39 29.77
N GLY A 235 6.74 15.65 30.16
CA GLY A 235 5.58 16.06 30.93
C GLY A 235 4.80 17.19 30.30
N TYR A 236 4.80 17.31 28.97
CA TYR A 236 3.96 18.31 28.34
C TYR A 236 2.61 17.71 27.98
N GLN A 237 1.57 18.49 28.21
CA GLN A 237 0.31 18.33 27.52
C GLN A 237 0.45 18.92 26.11
N LEU A 238 -0.13 18.24 25.11
CA LEU A 238 0.10 18.61 23.71
C LEU A 238 -1.23 18.93 23.06
N ASN A 239 -1.45 20.19 22.74
CA ASN A 239 -2.71 20.67 22.17
C ASN A 239 -2.50 21.08 20.72
N TRP A 240 -3.44 20.71 19.86
CA TRP A 240 -3.36 20.96 18.43
C TRP A 240 -4.72 21.46 17.99
N LEU A 241 -4.78 22.64 17.37
CA LEU A 241 -6.07 23.17 16.95
C LEU A 241 -5.95 23.80 15.57
N THR A 242 -7.00 23.65 14.76
CA THR A 242 -7.12 24.28 13.45
C THR A 242 -8.52 24.87 13.31
N LYS A 243 -8.63 25.96 12.55
CA LYS A 243 -9.95 26.53 12.31
C LYS A 243 -10.67 25.86 11.15
N ALA A 244 -10.01 24.95 10.44
CA ALA A 244 -10.63 24.23 9.33
C ALA A 244 -11.70 23.29 9.87
N PRO A 245 -12.71 22.96 9.06
CA PRO A 245 -13.84 22.16 9.58
C PRO A 245 -13.47 20.73 9.92
N HIS A 246 -12.29 20.28 9.52
CA HIS A 246 -11.67 19.05 10.03
C HIS A 246 -10.20 19.10 9.68
N PHE A 247 -9.43 18.17 10.25
CA PHE A 247 -8.01 18.01 9.93
C PHE A 247 -7.90 17.31 8.57
N PHE A 248 -8.23 18.06 7.53
CA PHE A 248 -8.54 17.45 6.25
C PHE A 248 -7.29 16.95 5.57
N SER A 249 -7.45 15.89 4.79
CA SER A 249 -6.34 15.35 4.01
C SER A 249 -6.17 16.14 2.72
N MET A 250 -4.94 16.20 2.23
CA MET A 250 -4.70 16.71 0.89
C MET A 250 -5.18 15.70 -0.16
N ASP A 251 -6.02 16.15 -1.09
CA ASP A 251 -6.59 15.26 -2.11
C ASP A 251 -5.58 15.11 -3.25
N LEU A 252 -4.85 13.99 -3.26
CA LEU A 252 -3.93 13.69 -4.35
C LEU A 252 -4.45 12.60 -5.29
N GLY A 253 -5.77 12.41 -5.35
CA GLY A 253 -6.32 11.55 -6.38
C GLY A 253 -5.83 11.93 -7.75
N LYS A 254 -5.43 10.95 -8.57
CA LYS A 254 -4.75 11.24 -9.82
C LYS A 254 -5.59 12.12 -10.74
N LEU A 255 -6.92 11.96 -10.70
CA LEU A 255 -7.77 12.86 -11.47
C LEU A 255 -7.69 14.28 -10.95
N THR A 256 -7.40 14.45 -9.66
CA THR A 256 -7.16 15.79 -9.13
C THR A 256 -5.73 16.24 -9.44
N LEU A 257 -4.79 15.29 -9.51
CA LEU A 257 -3.40 15.60 -9.91
C LEU A 257 -3.33 16.22 -11.30
N GLU A 258 -4.27 15.88 -12.20
CA GLU A 258 -4.31 16.49 -13.52
C GLU A 258 -4.46 18.00 -13.47
N TYR A 259 -4.89 18.55 -12.33
CA TYR A 259 -4.94 20.00 -12.18
C TYR A 259 -3.54 20.60 -12.08
N THR A 260 -2.54 19.78 -11.74
CA THR A 260 -1.15 20.21 -11.74
C THR A 260 -0.60 19.98 -13.13
N SER A 261 -0.89 20.93 -14.03
CA SER A 261 -0.71 20.69 -15.45
C SER A 261 -0.68 22.02 -16.17
N PRO A 262 0.00 22.11 -17.31
CA PRO A 262 -0.19 23.29 -18.17
C PRO A 262 -1.63 23.49 -18.56
N ASP A 263 -2.37 22.39 -18.81
CA ASP A 263 -3.78 22.51 -19.17
C ASP A 263 -4.51 23.39 -18.16
N TYR A 264 -4.37 23.07 -16.88
CA TYR A 264 -5.17 23.76 -15.88
C TYR A 264 -4.65 25.16 -15.63
N THR A 265 -3.33 25.34 -15.59
CA THR A 265 -2.77 26.67 -15.39
C THR A 265 -3.29 27.64 -16.45
N SER A 266 -3.31 27.20 -17.72
CA SER A 266 -3.82 28.05 -18.80
C SER A 266 -5.33 28.25 -18.67
N HIS A 267 -6.05 27.19 -18.32
CA HIS A 267 -7.47 27.35 -18.05
C HIS A 267 -7.69 28.36 -16.94
N PHE A 268 -7.03 28.17 -15.80
CA PHE A 268 -7.27 29.04 -14.65
C PHE A 268 -6.92 30.48 -14.97
N TYR A 269 -5.77 30.70 -15.61
CA TYR A 269 -5.33 32.04 -15.97
C TYR A 269 -6.39 32.76 -16.79
N SER A 270 -7.08 32.05 -17.67
CA SER A 270 -8.03 32.68 -18.58
C SER A 270 -9.32 33.11 -17.91
N LEU A 271 -9.56 32.72 -16.67
CA LEU A 271 -10.85 33.05 -16.07
C LEU A 271 -10.84 34.50 -15.57
N ASP A 272 -12.04 35.05 -15.35
CA ASP A 272 -12.13 36.40 -14.83
C ASP A 272 -11.63 36.44 -13.38
N GLU A 273 -11.31 37.65 -12.92
CA GLU A 273 -10.59 37.81 -11.66
C GLU A 273 -11.39 37.32 -10.46
N ASP A 274 -12.68 37.64 -10.41
CA ASP A 274 -13.49 37.21 -9.28
C ASP A 274 -13.67 35.70 -9.27
N LYS A 275 -13.85 35.11 -10.44
CA LYS A 275 -13.94 33.65 -10.54
C LYS A 275 -12.65 33.00 -10.09
N ARG A 276 -11.51 33.56 -10.50
CA ARG A 276 -10.22 33.04 -10.04
C ARG A 276 -10.14 33.02 -8.52
N ASP A 277 -10.56 34.11 -7.87
CA ASP A 277 -10.54 34.15 -6.41
C ASP A 277 -11.50 33.15 -5.81
N GLN A 278 -12.70 33.03 -6.40
CA GLN A 278 -13.64 32.00 -5.97
C GLN A 278 -13.04 30.60 -6.14
N VAL A 279 -12.43 30.34 -7.30
CA VAL A 279 -11.92 29.01 -7.55
C VAL A 279 -10.81 28.68 -6.57
N ILE A 280 -9.86 29.62 -6.43
CA ILE A 280 -8.76 29.40 -5.51
C ILE A 280 -9.29 29.23 -4.09
N GLY A 281 -10.37 29.92 -3.75
CA GLY A 281 -10.95 29.80 -2.42
C GLY A 281 -11.48 28.41 -2.13
N SER A 282 -11.85 27.66 -3.16
CA SER A 282 -12.46 26.34 -2.99
C SER A 282 -11.46 25.21 -2.99
N GLN A 283 -10.16 25.49 -3.15
CA GLN A 283 -9.19 24.47 -3.51
C GLN A 283 -8.15 24.16 -2.42
N ASN A 284 -8.46 24.43 -1.15
CA ASN A 284 -7.49 24.18 -0.09
C ASN A 284 -7.05 22.73 -0.06
N ALA A 285 -7.98 21.80 -0.32
CA ALA A 285 -7.65 20.38 -0.27
C ALA A 285 -6.68 19.98 -1.36
N LEU A 286 -6.52 20.80 -2.40
CA LEU A 286 -5.69 20.39 -3.53
C LEU A 286 -4.21 20.60 -3.28
N TYR A 287 -3.83 21.51 -2.41
CA TYR A 287 -2.41 21.76 -2.18
C TYR A 287 -2.07 22.08 -0.73
N LYS A 288 -3.07 22.18 0.15
CA LYS A 288 -2.85 22.35 1.58
C LYS A 288 -3.42 21.14 2.31
N GLY A 289 -3.74 21.27 3.59
CA GLY A 289 -4.11 20.08 4.35
C GLY A 289 -2.89 19.21 4.66
N ILE A 290 -3.19 17.99 5.10
CA ILE A 290 -2.16 17.06 5.54
C ILE A 290 -2.10 15.90 4.56
N GLU A 291 -0.90 15.40 4.32
CA GLU A 291 -0.75 14.24 3.45
C GLU A 291 -1.42 13.04 4.10
N LEU A 292 -2.17 12.29 3.27
CA LEU A 292 -3.08 11.27 3.78
C LEU A 292 -2.36 10.24 4.65
N SER A 293 -1.30 9.64 4.13
CA SER A 293 -0.55 8.68 4.91
C SER A 293 -0.06 9.27 6.22
N PHE A 294 0.21 10.58 6.25
CA PHE A 294 0.62 11.21 7.50
C PHE A 294 -0.55 11.36 8.46
N VAL A 295 -1.73 11.73 7.95
CA VAL A 295 -2.93 11.75 8.79
C VAL A 295 -3.12 10.39 9.44
N ASN A 296 -2.91 9.32 8.67
CA ASN A 296 -3.18 7.98 9.16
C ASN A 296 -2.09 7.50 10.12
N ARG A 297 -0.86 7.98 9.97
CA ARG A 297 0.17 7.64 10.96
C ARG A 297 -0.12 8.29 12.29
N ILE A 298 -0.61 9.53 12.26
CA ILE A 298 -0.95 10.22 13.50
C ILE A 298 -2.00 9.41 14.26
N TYR A 299 -3.06 8.99 13.57
CA TYR A 299 -4.07 8.20 14.25
C TYR A 299 -3.47 6.93 14.81
N ASP A 300 -2.71 6.21 13.98
CA ASP A 300 -2.13 4.95 14.45
C ASP A 300 -1.28 5.16 15.69
N LEU A 301 -0.55 6.27 15.76
CA LEU A 301 0.27 6.55 16.94
C LEU A 301 -0.59 6.89 18.14
N LEU A 302 -1.65 7.68 17.94
CA LEU A 302 -2.61 7.93 19.01
C LEU A 302 -3.18 6.63 19.55
N TYR A 303 -3.62 5.73 18.65
CA TYR A 303 -4.14 4.43 19.05
C TYR A 303 -3.10 3.65 19.87
N GLN A 304 -1.88 3.58 19.35
CA GLN A 304 -0.83 2.82 20.01
C GLN A 304 -0.56 3.34 21.42
N LYS A 305 -0.56 4.65 21.62
CA LYS A 305 -0.09 5.19 22.88
C LYS A 305 -1.20 5.39 23.90
N SER A 306 -2.43 4.99 23.57
CA SER A 306 -3.56 5.06 24.49
C SER A 306 -3.95 3.68 24.99
N LEU A 307 -3.05 2.71 24.85
CA LEU A 307 -3.41 1.35 25.17
C LEU A 307 -3.69 1.17 26.66
N HIS A 308 -2.93 1.88 27.50
CA HIS A 308 -3.01 1.69 28.94
C HIS A 308 -3.59 2.89 29.67
N GLN A 309 -3.19 4.09 29.31
CA GLN A 309 -3.65 5.33 29.93
C GLN A 309 -4.06 6.29 28.83
N PRO A 310 -4.91 7.26 29.15
CA PRO A 310 -5.23 8.30 28.15
C PRO A 310 -4.02 9.18 27.89
N ILE A 311 -3.87 9.54 26.63
CA ILE A 311 -2.76 10.39 26.20
C ILE A 311 -3.06 11.83 26.60
N PRO A 312 -2.11 12.55 27.19
CA PRO A 312 -2.36 13.97 27.56
C PRO A 312 -2.29 14.88 26.34
N THR A 313 -3.28 14.75 25.45
CA THR A 313 -3.28 15.53 24.21
C THR A 313 -4.70 15.86 23.83
N ARG A 314 -4.85 17.01 23.15
CA ARG A 314 -6.15 17.45 22.68
C ARG A 314 -6.01 17.92 21.24
N MET A 315 -7.02 17.61 20.42
CA MET A 315 -7.08 18.00 19.02
C MET A 315 -8.45 18.60 18.76
N MET A 316 -8.49 19.84 18.29
CA MET A 316 -9.76 20.55 18.16
C MET A 316 -9.89 21.20 16.78
N PRO A 317 -10.80 20.73 15.93
CA PRO A 317 -11.09 21.42 14.67
C PRO A 317 -12.14 22.50 14.91
N ASN A 318 -12.38 23.30 13.86
CA ASN A 318 -13.30 24.43 13.94
C ASN A 318 -12.91 25.46 15.02
N CYS A 319 -11.63 25.56 15.38
CA CYS A 319 -11.19 26.52 16.40
C CYS A 319 -10.16 27.48 15.83
N ALA A 320 -10.48 28.76 15.85
CA ALA A 320 -9.60 29.83 15.40
C ALA A 320 -9.02 30.54 16.61
N LEU A 321 -7.70 30.59 16.71
CA LEU A 321 -7.08 31.43 17.72
C LEU A 321 -7.39 32.89 17.41
N ASP A 322 -7.89 33.64 18.40
CA ASP A 322 -8.10 35.06 18.16
C ASP A 322 -7.61 35.97 19.28
N ALA A 323 -6.99 35.43 20.33
CA ALA A 323 -6.46 36.28 21.38
C ALA A 323 -5.31 35.59 22.08
N VAL A 324 -4.30 36.37 22.44
CA VAL A 324 -3.22 35.91 23.31
C VAL A 324 -3.13 36.86 24.49
N GLU A 325 -2.89 36.31 25.68
CA GLU A 325 -2.92 37.05 26.92
C GLU A 325 -1.80 36.53 27.80
N GLN A 326 -0.90 37.42 28.20
CA GLN A 326 0.16 37.06 29.12
C GLN A 326 -0.41 36.76 30.50
N GLN A 327 -0.11 35.60 31.04
CA GLN A 327 -0.31 35.31 32.45
C GLN A 327 1.06 35.15 33.09
N SER A 328 1.08 34.71 34.36
CA SER A 328 2.34 34.57 35.08
C SER A 328 3.29 33.68 34.31
N ASN A 329 3.10 32.36 34.43
CA ASN A 329 4.03 31.38 33.91
C ASN A 329 3.61 30.80 32.56
N HIS A 330 2.68 31.43 31.85
CA HIS A 330 2.09 30.80 30.67
C HIS A 330 1.29 31.81 29.87
N LEU A 331 0.76 31.35 28.74
CA LEU A 331 -0.15 32.14 27.91
C LEU A 331 -1.58 31.66 28.10
N ASN A 332 -2.50 32.62 28.17
CA ASN A 332 -3.91 32.34 28.01
C ASN A 332 -4.27 32.46 26.54
N LEU A 333 -4.67 31.35 25.93
CA LEU A 333 -5.00 31.28 24.51
C LEU A 333 -6.52 31.22 24.35
N THR A 334 -7.08 32.19 23.65
CA THR A 334 -8.52 32.22 23.42
C THR A 334 -8.81 31.85 21.98
N PHE A 335 -9.68 30.86 21.80
CA PHE A 335 -10.09 30.38 20.49
C PHE A 335 -11.58 30.59 20.33
N LYS A 336 -12.02 30.67 19.08
CA LYS A 336 -13.43 30.74 18.75
C LYS A 336 -13.81 29.42 18.09
N ASN A 337 -14.66 28.65 18.75
CA ASN A 337 -15.20 27.45 18.13
C ASN A 337 -16.35 27.88 17.23
N SER A 338 -16.15 27.78 15.91
CA SER A 338 -17.17 28.26 14.98
C SER A 338 -18.38 27.33 14.92
N ASP A 339 -18.24 26.06 15.32
CA ASP A 339 -19.41 25.17 15.35
C ASP A 339 -20.42 25.62 16.39
N ILE A 340 -19.98 25.79 17.63
CA ILE A 340 -20.89 26.24 18.70
C ILE A 340 -20.91 27.75 18.85
N ASN A 341 -20.04 28.47 18.13
CA ASN A 341 -20.03 29.93 18.14
C ASN A 341 -19.84 30.48 19.55
N LYS A 342 -18.84 29.93 20.24
CA LYS A 342 -18.45 30.45 21.54
C LYS A 342 -16.93 30.46 21.62
N ARG A 343 -16.40 31.24 22.53
CA ARG A 343 -14.96 31.34 22.71
C ARG A 343 -14.55 30.64 24.00
N PHE A 344 -13.35 30.09 24.02
CA PHE A 344 -12.84 29.37 25.18
C PHE A 344 -11.35 29.59 25.34
N LYS A 345 -10.88 29.47 26.58
CA LYS A 345 -9.49 29.70 26.95
C LYS A 345 -8.78 28.38 27.22
N LEU A 346 -7.58 28.22 26.67
CA LEU A 346 -6.63 27.20 27.05
C LEU A 346 -5.36 27.86 27.55
N GLU A 347 -4.76 27.30 28.60
CA GLU A 347 -3.47 27.77 29.07
C GLU A 347 -2.35 27.02 28.37
N SER A 348 -1.26 27.72 28.09
CA SER A 348 -0.17 27.06 27.38
C SER A 348 1.14 27.75 27.67
N GLU A 349 2.15 26.95 28.00
CA GLU A 349 3.45 27.57 28.24
C GLU A 349 4.11 28.01 26.94
N VAL A 350 3.90 27.29 25.85
CA VAL A 350 4.43 27.71 24.56
C VAL A 350 3.35 27.60 23.50
N LEU A 351 3.45 28.46 22.49
CA LEU A 351 2.52 28.44 21.37
C LEU A 351 3.33 28.34 20.08
N ILE A 352 2.95 27.42 19.21
CA ILE A 352 3.62 27.23 17.93
C ILE A 352 2.63 27.59 16.83
N LEU A 353 2.98 28.59 16.03
CA LEU A 353 2.14 29.04 14.92
C LEU A 353 2.49 28.23 13.68
N ALA A 354 1.56 27.36 13.27
CA ALA A 354 1.67 26.70 11.98
C ALA A 354 0.51 27.18 11.13
N LEU A 355 0.44 28.50 10.94
CA LEU A 355 -0.69 29.14 10.28
C LEU A 355 -0.51 29.29 8.77
N GLY A 356 0.56 28.73 8.21
CA GLY A 356 0.78 28.87 6.78
C GLY A 356 1.76 29.98 6.45
N TYR A 357 1.91 30.20 5.14
CA TYR A 357 2.91 31.09 4.58
C TYR A 357 2.25 32.07 3.63
N GLU A 358 2.86 33.27 3.51
CA GLU A 358 2.32 34.34 2.70
C GLU A 358 3.43 34.94 1.84
N TYR A 359 3.01 35.54 0.73
CA TYR A 359 3.90 36.31 -0.12
C TYR A 359 3.99 37.73 0.41
N LYS A 360 5.21 38.19 0.69
CA LYS A 360 5.43 39.59 1.04
C LYS A 360 6.27 40.23 -0.05
N ILE A 361 5.86 41.40 -0.52
CA ILE A 361 6.61 42.08 -1.58
C ILE A 361 7.97 42.51 -1.03
N PRO A 362 9.07 42.21 -1.72
CA PRO A 362 10.38 42.63 -1.21
C PRO A 362 10.53 44.14 -1.23
N GLU A 363 11.28 44.64 -0.23
CA GLU A 363 11.51 46.07 -0.13
C GLU A 363 12.18 46.63 -1.38
N CYS A 364 13.03 45.82 -2.04
CA CYS A 364 13.82 46.31 -3.18
C CYS A 364 12.96 46.71 -4.36
N LEU A 365 11.74 46.20 -4.47
CA LEU A 365 10.88 46.60 -5.58
C LEU A 365 10.33 48.01 -5.44
N THR A 366 10.43 48.62 -4.26
CA THR A 366 9.78 49.92 -4.01
C THR A 366 10.08 50.97 -5.08
N PRO A 367 11.32 51.22 -5.50
CA PRO A 367 11.55 52.30 -6.46
C PRO A 367 10.99 52.03 -7.83
N ILE A 368 10.50 50.83 -8.11
CA ILE A 368 9.96 50.51 -9.43
C ILE A 368 8.51 50.04 -9.33
N ARG A 369 7.81 50.40 -8.25
CA ARG A 369 6.43 49.95 -8.08
C ARG A 369 5.56 50.47 -9.20
N THR A 370 5.82 51.68 -9.69
CA THR A 370 4.98 52.23 -10.75
C THR A 370 5.28 51.63 -12.12
N LEU A 371 6.25 50.73 -12.22
CA LEU A 371 6.51 49.98 -13.44
C LEU A 371 5.89 48.59 -13.43
N ILE A 372 5.47 48.12 -12.27
CA ILE A 372 4.81 46.84 -12.10
C ILE A 372 3.31 47.01 -12.31
N ASN A 373 2.67 46.01 -12.91
CA ASN A 373 1.24 46.07 -13.13
C ASN A 373 0.51 45.52 -11.91
N TRP A 374 -0.57 46.21 -11.53
CA TRP A 374 -1.37 45.88 -10.36
C TRP A 374 -2.79 45.61 -10.80
N ASP A 375 -3.44 44.66 -10.14
CA ASP A 375 -4.81 44.30 -10.48
C ASP A 375 -5.79 45.13 -9.65
N SER A 376 -7.08 44.95 -9.92
CA SER A 376 -8.13 45.76 -9.29
C SER A 376 -8.19 45.60 -7.78
N LYS A 377 -7.38 44.71 -7.21
CA LYS A 377 -7.33 44.48 -5.78
C LYS A 377 -6.00 44.90 -5.16
N GLY A 378 -5.16 45.61 -5.89
CA GLY A 378 -3.86 45.97 -5.35
C GLY A 378 -2.81 44.90 -5.38
N ARG A 379 -3.03 43.79 -6.08
CA ARG A 379 -2.05 42.71 -6.12
C ARG A 379 -1.20 42.80 -7.38
N ILE A 380 -0.02 42.17 -7.32
CA ILE A 380 0.84 42.13 -8.49
C ILE A 380 0.09 41.40 -9.60
N ALA A 381 -0.06 42.05 -10.75
CA ALA A 381 -0.79 41.48 -11.88
C ALA A 381 0.18 40.80 -12.83
N LEU A 382 -0.12 39.55 -13.17
CA LEU A 382 0.77 38.72 -13.96
C LEU A 382 0.22 38.55 -15.38
N ASN A 383 1.13 38.65 -16.35
CA ASN A 383 0.81 38.20 -17.70
C ASN A 383 0.95 36.70 -17.80
N TRP A 384 0.38 36.14 -18.87
CA TRP A 384 0.40 34.69 -19.03
C TRP A 384 1.83 34.15 -18.90
N ASN A 385 2.81 34.86 -19.49
CA ASN A 385 4.20 34.39 -19.52
C ASN A 385 4.95 34.67 -18.20
N TYR A 386 4.23 35.06 -17.13
CA TYR A 386 4.73 35.33 -15.79
C TYR A 386 5.47 36.66 -15.66
N SER A 387 5.44 37.52 -16.67
CA SER A 387 5.98 38.85 -16.46
C SER A 387 4.96 39.72 -15.75
N ILE A 388 5.46 40.70 -15.00
CA ILE A 388 4.58 41.60 -14.25
C ILE A 388 4.70 43.04 -14.73
N ASN A 389 5.16 43.26 -15.96
CA ASN A 389 5.17 44.61 -16.49
C ASN A 389 4.94 44.58 -17.99
N ASP A 390 4.69 45.77 -18.53
CA ASP A 390 4.33 45.87 -19.95
C ASP A 390 5.51 45.52 -20.84
N ASP A 391 6.74 45.86 -20.44
CA ASP A 391 7.92 45.48 -21.22
C ASP A 391 8.19 43.99 -21.23
N ASN A 392 7.56 43.23 -20.33
CA ASN A 392 7.82 41.81 -20.16
C ASN A 392 9.31 41.58 -19.85
N THR A 393 9.83 42.36 -18.91
CA THR A 393 11.22 42.24 -18.47
C THR A 393 11.35 41.96 -16.98
N ILE A 394 10.24 41.92 -16.23
CA ILE A 394 10.26 41.52 -14.84
C ILE A 394 9.36 40.30 -14.71
N PHE A 395 9.94 39.18 -14.30
CA PHE A 395 9.20 37.93 -14.19
C PHE A 395 9.08 37.53 -12.73
N ALA A 396 8.09 36.68 -12.45
CA ALA A 396 7.67 36.38 -11.09
C ALA A 396 7.68 34.88 -10.85
N GLN A 397 8.48 34.43 -9.89
CA GLN A 397 8.41 33.06 -9.38
C GLN A 397 7.56 33.05 -8.12
N ASN A 398 6.60 32.13 -8.07
CA ASN A 398 5.82 31.90 -6.86
C ASN A 398 5.12 33.18 -6.41
N ILE A 399 4.57 33.93 -7.36
CA ILE A 399 3.64 35.01 -7.10
C ILE A 399 2.41 34.77 -7.97
N GLY A 400 1.22 35.01 -7.41
CA GLY A 400 0.06 35.00 -8.25
C GLY A 400 -0.72 33.69 -8.23
N ILE A 401 -0.87 33.14 -7.03
CA ILE A 401 -1.79 32.03 -6.86
C ILE A 401 -3.18 32.42 -7.35
N TYR A 402 -3.56 33.68 -7.13
CA TYR A 402 -4.83 34.20 -7.62
C TYR A 402 -4.80 34.42 -9.13
N SER A 403 -3.63 34.31 -9.74
CA SER A 403 -3.47 34.61 -11.14
C SER A 403 -3.28 33.36 -11.98
N HIS A 404 -2.38 32.47 -11.57
CA HIS A 404 -2.07 31.25 -12.29
C HIS A 404 -2.51 29.99 -11.56
N GLY A 405 -3.16 30.10 -10.41
CA GLY A 405 -3.76 28.95 -9.76
C GLY A 405 -2.91 28.37 -8.64
N PHE A 406 -3.41 27.27 -8.08
CA PHE A 406 -2.85 26.78 -6.82
C PHE A 406 -1.46 26.17 -6.99
N THR A 407 -1.04 25.87 -8.22
CA THR A 407 0.25 25.23 -8.44
C THR A 407 1.40 26.21 -8.59
N VAL A 408 1.13 27.51 -8.46
CA VAL A 408 2.16 28.54 -8.50
C VAL A 408 3.28 28.19 -7.52
N PRO A 409 3.00 27.73 -6.29
CA PRO A 409 4.10 27.24 -5.43
C PRO A 409 4.49 25.78 -5.61
N ASP A 410 3.97 25.07 -6.60
CA ASP A 410 4.22 23.63 -6.71
C ASP A 410 5.55 23.37 -7.40
N LEU A 411 6.44 22.65 -6.72
CA LEU A 411 7.76 22.35 -7.28
C LEU A 411 7.65 21.61 -8.61
N GLY A 412 6.58 20.84 -8.81
CA GLY A 412 6.38 20.12 -10.05
C GLY A 412 6.06 21.01 -11.26
N MET A 413 5.79 22.29 -11.02
CA MET A 413 5.55 23.23 -12.09
C MET A 413 6.64 24.27 -12.19
N GLY A 414 7.74 24.11 -11.44
CA GLY A 414 8.83 25.06 -11.53
C GLY A 414 9.45 25.07 -12.92
N CYS A 415 9.65 23.90 -13.51
CA CYS A 415 10.29 23.83 -14.81
C CYS A 415 9.39 24.40 -15.89
N TYR A 416 8.08 24.21 -15.72
CA TYR A 416 7.15 24.77 -16.67
C TYR A 416 7.25 26.28 -16.70
N ARG A 417 7.20 26.92 -15.52
CA ARG A 417 7.31 28.36 -15.48
C ARG A 417 8.67 28.80 -16.01
N ASN A 418 9.73 28.12 -15.58
CA ASN A 418 11.09 28.53 -15.97
C ASN A 418 11.29 28.40 -17.48
N ALA A 419 10.76 27.34 -18.09
CA ALA A 419 10.79 27.24 -19.55
C ALA A 419 10.17 28.47 -20.20
N ILE A 420 9.02 28.92 -19.67
CA ILE A 420 8.29 30.01 -20.31
C ILE A 420 9.03 31.32 -20.10
N ILE A 421 9.68 31.48 -18.95
CA ILE A 421 10.49 32.67 -18.73
C ILE A 421 11.66 32.71 -19.70
N ILE A 422 12.36 31.58 -19.85
CA ILE A 422 13.54 31.53 -20.70
C ILE A 422 13.16 31.76 -22.16
N ASN A 423 12.09 31.10 -22.62
CA ASN A 423 11.62 31.31 -23.99
C ASN A 423 11.21 32.76 -24.23
N THR A 424 10.56 33.39 -23.26
CA THR A 424 10.16 34.78 -23.45
C THR A 424 11.39 35.67 -23.61
N ILE A 425 12.36 35.53 -22.71
CA ILE A 425 13.51 36.43 -22.73
C ILE A 425 14.35 36.24 -24.00
N LEU A 426 14.56 34.99 -24.40
CA LEU A 426 15.34 34.69 -25.59
C LEU A 426 14.53 34.85 -26.87
N GLY A 427 13.21 34.86 -26.78
CA GLY A 427 12.40 35.04 -27.97
C GLY A 427 12.27 33.81 -28.85
N ARG A 428 12.55 32.62 -28.33
CA ARG A 428 12.32 31.40 -29.10
C ARG A 428 11.98 30.26 -28.15
N GLU A 429 11.46 29.17 -28.71
CA GLU A 429 11.13 27.99 -27.93
C GLU A 429 12.41 27.22 -27.64
N VAL A 430 13.12 27.68 -26.61
CA VAL A 430 14.36 27.02 -26.18
C VAL A 430 14.02 25.73 -25.46
N TYR A 431 13.12 25.80 -24.49
CA TYR A 431 12.63 24.62 -23.81
C TYR A 431 11.16 24.53 -24.17
N PRO A 432 10.80 23.74 -25.17
CA PRO A 432 9.39 23.69 -25.58
C PRO A 432 8.53 23.18 -24.43
N VAL A 433 7.32 23.70 -24.38
CA VAL A 433 6.45 23.49 -23.24
C VAL A 433 5.20 22.76 -23.71
N GLU A 434 4.80 21.73 -22.98
CA GLU A 434 3.61 20.96 -23.31
C GLU A 434 2.37 21.85 -23.29
N LYS A 435 1.44 21.58 -24.20
CA LYS A 435 0.18 22.32 -24.21
C LYS A 435 -0.95 21.53 -23.58
N ARG A 436 -0.97 20.21 -23.76
CA ARG A 436 -2.01 19.37 -23.18
C ARG A 436 -1.38 18.08 -22.66
N ILE A 437 -1.43 17.87 -21.35
CA ILE A 437 -1.05 16.59 -20.76
C ILE A 437 -2.22 15.86 -20.13
N ALA A 438 -3.39 16.47 -20.03
CA ALA A 438 -4.43 15.94 -19.18
C ALA A 438 -5.51 15.22 -19.96
N TYR A 439 -5.98 14.10 -19.41
CA TYR A 439 -7.13 13.43 -20.01
C TYR A 439 -8.38 14.28 -19.90
N GLN A 440 -8.55 15.00 -18.78
CA GLN A 440 -9.69 15.89 -18.61
C GLN A 440 -9.59 17.10 -19.51
N GLU A 441 -10.74 17.65 -19.87
CA GLU A 441 -10.83 19.00 -20.43
C GLU A 441 -11.50 19.91 -19.43
N PHE A 442 -10.93 21.10 -19.22
CA PHE A 442 -11.47 22.06 -18.28
C PHE A 442 -12.39 23.09 -18.93
N ALA A 443 -12.59 22.98 -20.24
CA ALA A 443 -13.47 23.84 -21.02
C ALA A 443 -13.85 23.08 -22.28
N PRO A 444 -14.99 23.36 -22.88
CA PRO A 444 -15.33 22.72 -24.14
C PRO A 444 -14.56 23.39 -25.28
N THR A 445 -14.60 22.77 -26.45
CA THR A 445 -14.00 23.41 -27.62
C THR A 445 -14.82 24.63 -28.01
N THR A 446 -14.15 25.57 -28.68
CA THR A 446 -14.83 26.79 -29.14
C THR A 446 -16.03 26.44 -29.99
N GLU A 447 -15.92 25.41 -30.84
CA GLU A 447 -17.02 25.03 -31.70
C GLU A 447 -18.24 24.54 -30.93
N GLU A 448 -18.06 24.03 -29.70
CA GLU A 448 -19.18 23.48 -28.95
C GLU A 448 -19.92 24.52 -28.14
N ILE A 449 -19.28 25.67 -27.87
CA ILE A 449 -19.88 26.70 -27.02
C ILE A 449 -21.16 27.22 -27.65
N VAL A 450 -22.18 27.44 -26.81
CA VAL A 450 -23.45 27.99 -27.28
C VAL A 450 -23.39 29.52 -27.32
N GLN B 24 -10.98 -35.25 44.70
CA GLN B 24 -12.16 -36.10 44.58
C GLN B 24 -12.95 -35.80 43.29
N HIS B 25 -13.16 -34.52 43.00
CA HIS B 25 -13.78 -34.13 41.74
C HIS B 25 -12.91 -34.57 40.58
N ILE B 26 -13.52 -35.17 39.56
CA ILE B 26 -12.81 -35.67 38.40
C ILE B 26 -12.97 -34.66 37.27
N TYR B 27 -11.88 -34.02 36.87
CA TYR B 27 -11.91 -33.13 35.71
C TYR B 27 -11.89 -33.91 34.43
N ASP B 28 -12.46 -33.32 33.37
CA ASP B 28 -12.37 -33.90 32.05
C ASP B 28 -11.07 -33.50 31.37
N ILE B 29 -10.64 -32.27 31.57
CA ILE B 29 -9.44 -31.75 30.96
C ILE B 29 -8.65 -31.00 32.02
N VAL B 30 -7.35 -31.26 32.08
CA VAL B 30 -6.43 -30.31 32.68
C VAL B 30 -5.54 -29.78 31.57
N GLY B 31 -5.52 -28.46 31.40
CA GLY B 31 -4.56 -27.82 30.53
C GLY B 31 -3.31 -27.48 31.34
N ILE B 32 -2.16 -27.88 30.80
CA ILE B 32 -0.86 -27.58 31.42
C ILE B 32 -0.17 -26.53 30.57
N GLY B 33 0.01 -25.33 31.15
CA GLY B 33 0.45 -24.16 30.45
C GLY B 33 -0.75 -23.40 29.88
N VAL B 34 -0.74 -22.09 30.00
CA VAL B 34 -1.82 -21.29 29.42
C VAL B 34 -1.20 -20.21 28.56
N GLY B 35 -0.72 -20.59 27.40
CA GLY B 35 -0.38 -19.66 26.35
C GLY B 35 -1.64 -19.44 25.56
N PRO B 36 -1.53 -18.78 24.41
CA PRO B 36 -2.72 -18.55 23.59
C PRO B 36 -3.50 -19.82 23.27
N PHE B 37 -2.82 -20.95 23.11
CA PHE B 37 -3.52 -22.15 22.64
C PHE B 37 -4.41 -22.74 23.72
N ASN B 38 -3.86 -23.02 24.90
CA ASN B 38 -4.72 -23.54 25.97
C ASN B 38 -5.73 -22.49 26.47
N LEU B 39 -5.38 -21.21 26.39
CA LEU B 39 -6.34 -20.17 26.71
C LEU B 39 -7.51 -20.20 25.74
N GLY B 40 -7.23 -20.33 24.44
CA GLY B 40 -8.31 -20.57 23.49
C GLY B 40 -9.16 -21.78 23.86
N LEU B 41 -8.51 -22.85 24.34
CA LEU B 41 -9.26 -24.05 24.69
C LEU B 41 -10.17 -23.81 25.88
N ALA B 42 -9.67 -23.11 26.91
CA ALA B 42 -10.54 -22.70 28.00
C ALA B 42 -11.74 -21.91 27.50
N CYS B 43 -11.50 -20.92 26.64
CA CYS B 43 -12.59 -20.10 26.10
C CYS B 43 -13.58 -20.92 25.27
N LEU B 44 -13.11 -21.96 24.59
CA LEU B 44 -14.02 -22.73 23.74
C LEU B 44 -14.74 -23.85 24.48
N THR B 45 -14.23 -24.28 25.64
CA THR B 45 -14.90 -25.27 26.46
C THR B 45 -15.77 -24.66 27.54
N GLN B 46 -15.48 -23.43 27.97
CA GLN B 46 -16.36 -22.71 28.89
C GLN B 46 -17.85 -22.90 28.60
N PRO B 47 -18.35 -22.73 27.38
CA PRO B 47 -19.81 -22.91 27.15
C PRO B 47 -20.29 -24.36 27.20
N LEU B 48 -19.43 -25.34 27.40
CA LEU B 48 -19.87 -26.74 27.32
C LEU B 48 -20.01 -27.29 28.75
N ASN B 49 -21.24 -27.27 29.27
CA ASN B 49 -21.49 -27.65 30.65
C ASN B 49 -21.11 -29.11 30.92
N GLU B 50 -21.13 -29.95 29.87
CA GLU B 50 -20.69 -31.34 29.96
C GLU B 50 -19.28 -31.49 30.51
N LEU B 51 -18.41 -30.53 30.23
CA LEU B 51 -16.99 -30.66 30.46
C LEU B 51 -16.58 -29.91 31.71
N SER B 52 -15.89 -30.58 32.61
CA SER B 52 -15.22 -29.91 33.72
C SER B 52 -13.75 -29.78 33.35
N THR B 53 -13.26 -28.55 33.28
CA THR B 53 -11.91 -28.26 32.82
C THR B 53 -11.21 -27.35 33.82
N ILE B 54 -9.88 -27.45 33.87
CA ILE B 54 -9.07 -26.57 34.70
C ILE B 54 -7.74 -26.38 34.01
N PHE B 55 -7.14 -25.20 34.20
CA PHE B 55 -5.91 -24.84 33.52
C PHE B 55 -4.93 -24.22 34.50
N PHE B 56 -3.64 -24.44 34.23
CA PHE B 56 -2.54 -24.06 35.10
C PHE B 56 -1.40 -23.46 34.30
N ASP B 57 -0.87 -22.35 34.80
CA ASP B 57 0.27 -21.71 34.19
C ASP B 57 1.18 -21.19 35.28
N SER B 58 2.48 -21.33 35.06
CA SER B 58 3.43 -21.03 36.10
C SER B 58 3.74 -19.54 36.23
N LYS B 59 3.43 -18.73 35.21
CA LYS B 59 3.70 -17.31 35.27
C LYS B 59 2.75 -16.61 36.23
N ASP B 60 3.10 -15.38 36.62
CA ASP B 60 2.26 -14.63 37.55
C ASP B 60 0.90 -14.29 36.95
N GLU B 61 0.86 -14.04 35.64
CA GLU B 61 -0.37 -13.77 34.91
C GLU B 61 -0.06 -14.00 33.44
N PHE B 62 -1.09 -13.85 32.60
CA PHE B 62 -0.87 -14.07 31.18
C PHE B 62 0.18 -13.10 30.68
N ASP B 63 1.14 -13.62 29.94
CA ASP B 63 2.14 -12.78 29.31
C ASP B 63 2.55 -13.41 27.99
N TRP B 64 2.34 -12.69 26.91
CA TRP B 64 2.71 -13.18 25.58
C TRP B 64 3.99 -12.47 25.14
N HIS B 65 5.14 -13.04 25.55
CA HIS B 65 6.45 -12.65 25.07
C HIS B 65 6.70 -11.16 25.22
N SER B 66 6.26 -10.59 26.34
CA SER B 66 6.35 -9.14 26.43
C SER B 66 7.76 -8.65 26.70
N GLY B 67 8.72 -9.54 27.00
CA GLY B 67 10.09 -9.09 27.06
C GLY B 67 10.66 -8.67 25.71
N ILE B 68 10.05 -9.12 24.60
CA ILE B 68 10.50 -8.79 23.25
C ILE B 68 9.32 -8.16 22.53
N MET B 69 8.93 -6.97 22.99
CA MET B 69 7.65 -6.36 22.59
C MET B 69 7.82 -4.84 22.54
N PRO B 70 8.62 -4.35 21.59
CA PRO B 70 8.76 -2.91 21.43
C PRO B 70 7.42 -2.26 21.12
N GLU B 71 7.27 -1.01 21.56
CA GLU B 71 6.07 -0.27 21.21
C GLU B 71 5.86 -0.29 19.70
N GLY B 72 4.64 -0.59 19.27
CA GLY B 72 4.30 -0.65 17.87
C GLY B 72 4.46 -2.00 17.23
N SER B 73 5.06 -2.96 17.93
CA SER B 73 5.16 -4.30 17.37
C SER B 73 3.77 -4.91 17.23
N THR B 74 3.62 -5.73 16.21
CA THR B 74 2.33 -6.29 15.86
C THR B 74 2.45 -7.80 15.69
N LEU B 75 1.33 -8.49 15.84
CA LEU B 75 1.25 -9.83 15.30
C LEU B 75 1.48 -9.77 13.80
N GLN B 76 1.90 -10.90 13.22
CA GLN B 76 2.13 -10.97 11.79
C GLN B 76 0.99 -11.64 11.02
N ILE B 77 -0.15 -11.86 11.66
CA ILE B 77 -1.29 -12.47 10.99
C ILE B 77 -2.55 -11.74 11.40
N PRO B 78 -3.62 -11.84 10.60
CA PRO B 78 -4.81 -11.03 10.89
C PRO B 78 -5.45 -11.40 12.22
N PHE B 79 -6.21 -10.44 12.75
CA PHE B 79 -6.83 -10.54 14.07
C PHE B 79 -7.91 -11.61 14.15
N ILE B 80 -8.33 -12.18 13.01
CA ILE B 80 -9.27 -13.28 13.09
C ILE B 80 -8.67 -14.41 13.92
N ALA B 81 -7.35 -14.52 13.92
CA ALA B 81 -6.62 -15.54 14.67
C ALA B 81 -6.62 -15.21 16.15
N ASP B 82 -7.79 -14.92 16.70
CA ASP B 82 -7.92 -14.66 18.12
C ASP B 82 -8.14 -16.01 18.83
N LEU B 83 -8.59 -15.96 20.08
CA LEU B 83 -8.68 -17.19 20.85
C LEU B 83 -9.81 -18.11 20.40
N VAL B 84 -10.81 -17.60 19.66
CA VAL B 84 -12.02 -18.39 19.46
C VAL B 84 -12.66 -18.25 18.08
N SER B 85 -12.36 -17.16 17.35
CA SER B 85 -13.26 -16.77 16.26
C SER B 85 -13.24 -17.77 15.10
N PHE B 86 -12.12 -18.44 14.84
CA PHE B 86 -12.14 -19.43 13.77
C PHE B 86 -13.00 -20.63 14.12
N ALA B 87 -13.26 -20.86 15.40
CA ALA B 87 -14.19 -21.92 15.78
C ALA B 87 -15.62 -21.41 15.91
N ASP B 88 -15.79 -20.21 16.40
CA ASP B 88 -17.12 -19.68 16.67
C ASP B 88 -17.02 -18.17 16.82
N PRO B 89 -17.31 -17.41 15.76
CA PRO B 89 -17.31 -15.94 15.89
C PRO B 89 -18.29 -15.40 16.94
N LYS B 90 -19.24 -16.21 17.42
CA LYS B 90 -20.19 -15.72 18.42
C LYS B 90 -19.66 -15.80 19.84
N ASN B 91 -18.58 -16.54 20.06
CA ASN B 91 -18.06 -16.78 21.40
C ASN B 91 -17.75 -15.46 22.09
N ASN B 92 -17.95 -15.45 23.41
CA ASN B 92 -17.82 -14.21 24.18
C ASN B 92 -16.40 -13.64 24.17
N TYR B 93 -15.40 -14.46 23.87
CA TYR B 93 -14.00 -14.07 24.03
C TYR B 93 -13.31 -13.80 22.69
N SER B 94 -14.08 -13.49 21.65
CA SER B 94 -13.55 -12.95 20.40
C SER B 94 -12.84 -11.63 20.66
N PHE B 95 -11.86 -11.32 19.81
CA PHE B 95 -11.16 -10.04 19.92
C PHE B 95 -12.11 -8.87 19.68
N LEU B 96 -13.07 -9.04 18.78
CA LEU B 96 -14.05 -8.00 18.49
C LEU B 96 -14.92 -7.70 19.70
N ASN B 97 -15.33 -8.73 20.43
CA ASN B 97 -16.14 -8.48 21.61
C ASN B 97 -15.29 -7.84 22.70
N TYR B 98 -14.04 -8.27 22.83
CA TYR B 98 -13.12 -7.59 23.74
C TYR B 98 -13.04 -6.11 23.40
N LEU B 99 -12.93 -5.79 22.10
CA LEU B 99 -12.87 -4.39 21.70
C LEU B 99 -14.16 -3.68 22.03
N LYS B 100 -15.29 -4.31 21.71
CA LYS B 100 -16.57 -3.74 22.10
C LYS B 100 -16.62 -3.45 23.58
N LEU B 101 -16.25 -4.45 24.40
CA LEU B 101 -16.40 -4.29 25.84
C LEU B 101 -15.41 -3.28 26.41
N HIS B 102 -14.37 -2.91 25.67
CA HIS B 102 -13.38 -1.99 26.21
C HIS B 102 -13.36 -0.66 25.47
N ASN B 103 -14.45 -0.33 24.77
CA ASN B 103 -14.61 0.98 24.15
C ASN B 103 -13.50 1.25 23.14
N ARG B 104 -13.09 0.20 22.42
CA ARG B 104 -12.03 0.33 21.43
C ARG B 104 -12.41 -0.22 20.06
N LEU B 105 -13.66 -0.65 19.88
CA LEU B 105 -14.08 -1.26 18.62
C LEU B 105 -14.04 -0.26 17.47
N TYR B 106 -14.70 0.89 17.61
CA TYR B 106 -14.65 1.90 16.56
C TYR B 106 -13.22 2.32 16.29
N GLN B 107 -12.42 2.49 17.33
CA GLN B 107 -11.05 2.93 17.13
C GLN B 107 -10.25 1.90 16.36
N PHE B 108 -10.46 0.61 16.63
CA PHE B 108 -9.67 -0.40 15.94
C PHE B 108 -9.94 -0.38 14.46
N PHE B 109 -11.19 -0.15 14.06
CA PHE B 109 -11.51 -0.12 12.65
C PHE B 109 -11.19 1.21 11.98
N ILE B 110 -11.13 2.32 12.72
CA ILE B 110 -10.51 3.51 12.14
C ILE B 110 -9.03 3.26 11.87
N ARG B 111 -8.32 2.63 12.81
CA ARG B 111 -6.92 2.27 12.57
C ARG B 111 -6.77 1.38 11.34
N GLU B 112 -7.76 0.52 11.08
CA GLU B 112 -7.88 -0.23 9.85
C GLU B 112 -6.59 -0.98 9.50
N SER B 113 -6.05 -1.69 10.50
CA SER B 113 -4.97 -2.65 10.28
C SER B 113 -5.44 -4.04 10.68
N PHE B 114 -5.11 -5.03 9.86
CA PHE B 114 -5.47 -6.40 10.21
C PHE B 114 -4.61 -6.95 11.34
N PHE B 115 -3.61 -6.23 11.79
CA PHE B 115 -2.61 -6.79 12.70
C PHE B 115 -2.73 -6.15 14.07
N ILE B 116 -2.97 -6.97 15.09
CA ILE B 116 -3.12 -6.41 16.42
C ILE B 116 -1.75 -6.00 16.96
N LEU B 117 -1.72 -4.85 17.64
CA LEU B 117 -0.54 -4.52 18.45
C LEU B 117 -0.29 -5.66 19.43
N ARG B 118 0.97 -6.06 19.55
CA ARG B 118 1.25 -7.18 20.45
C ARG B 118 0.88 -6.82 21.89
N ALA B 119 1.09 -5.57 22.30
CA ALA B 119 0.64 -5.16 23.63
C ALA B 119 -0.88 -5.32 23.76
N GLU B 120 -1.63 -4.93 22.72
CA GLU B 120 -3.08 -5.02 22.84
C GLU B 120 -3.52 -6.47 22.89
N TYR B 121 -2.90 -7.33 22.08
CA TYR B 121 -3.13 -8.76 22.15
C TYR B 121 -2.86 -9.30 23.55
N ASN B 122 -1.83 -8.76 24.23
CA ASN B 122 -1.60 -9.14 25.62
C ASN B 122 -2.76 -8.71 26.51
N LEU B 123 -3.21 -7.46 26.37
CA LEU B 123 -4.33 -7.00 27.18
C LEU B 123 -5.54 -7.86 26.92
N TYR B 124 -5.72 -8.28 25.67
CA TYR B 124 -6.89 -9.06 25.30
C TYR B 124 -6.88 -10.42 25.97
N CYS B 125 -5.75 -11.13 25.87
CA CYS B 125 -5.66 -12.46 26.48
C CYS B 125 -5.72 -12.38 28.01
N LYS B 126 -5.08 -11.36 28.59
CA LYS B 126 -5.20 -11.13 30.04
C LYS B 126 -6.67 -10.99 30.43
N TRP B 127 -7.40 -10.15 29.69
CA TRP B 127 -8.82 -9.96 29.98
C TRP B 127 -9.58 -11.27 29.92
N ALA B 128 -9.34 -12.07 28.87
CA ALA B 128 -10.05 -13.33 28.73
C ALA B 128 -9.65 -14.31 29.83
N ALA B 129 -8.35 -14.39 30.13
CA ALA B 129 -7.89 -15.27 31.19
C ALA B 129 -8.49 -14.86 32.53
N GLU B 130 -8.67 -13.55 32.75
CA GLU B 130 -9.18 -13.10 34.03
C GLU B 130 -10.65 -13.43 34.22
N GLN B 131 -11.43 -13.49 33.13
CA GLN B 131 -12.84 -13.84 33.25
C GLN B 131 -13.05 -15.31 33.60
N LEU B 132 -12.05 -16.16 33.42
CA LEU B 132 -12.22 -17.61 33.55
C LEU B 132 -11.66 -18.04 34.89
N GLU B 133 -12.58 -18.41 35.80
CA GLU B 133 -12.17 -18.79 37.15
C GLU B 133 -11.33 -20.05 37.15
N ASN B 134 -11.52 -20.93 36.18
CA ASN B 134 -10.81 -22.20 36.15
C ASN B 134 -9.45 -22.09 35.46
N VAL B 135 -8.99 -20.88 35.16
CA VAL B 135 -7.66 -20.64 34.62
C VAL B 135 -6.79 -20.08 35.74
N HIS B 136 -5.79 -20.85 36.18
CA HIS B 136 -5.00 -20.52 37.37
C HIS B 136 -3.57 -20.23 37.00
N PHE B 137 -3.12 -18.99 37.20
CA PHE B 137 -1.72 -18.66 37.06
C PHE B 137 -0.99 -18.93 38.37
N LYS B 138 0.30 -18.57 38.41
CA LYS B 138 1.16 -18.90 39.55
C LYS B 138 1.07 -20.38 39.90
N SER B 139 0.89 -21.23 38.89
CA SER B 139 0.58 -22.65 39.10
C SER B 139 1.52 -23.49 38.22
N PHE B 140 2.59 -24.01 38.81
CA PHE B 140 3.56 -24.79 38.06
C PHE B 140 3.21 -26.27 38.20
N VAL B 141 2.86 -26.90 37.08
CA VAL B 141 2.61 -28.33 37.05
C VAL B 141 3.96 -29.02 37.16
N GLU B 142 4.19 -29.73 38.27
CA GLU B 142 5.49 -30.37 38.50
C GLU B 142 5.49 -31.87 38.21
N ARG B 143 4.35 -32.55 38.26
CA ARG B 143 4.38 -34.00 38.14
C ARG B 143 3.03 -34.54 37.69
N ILE B 144 3.06 -35.56 36.84
CA ILE B 144 1.86 -36.25 36.37
C ILE B 144 2.05 -37.74 36.55
N ASP B 145 1.03 -38.41 37.10
CA ASP B 145 0.98 -39.86 37.24
C ASP B 145 -0.34 -40.37 36.69
N TYR B 146 -0.37 -41.66 36.33
CA TYR B 146 -1.56 -42.26 35.74
C TYR B 146 -1.93 -43.50 36.52
N ASP B 147 -3.21 -43.64 36.78
CA ASP B 147 -3.80 -44.77 37.49
C ASP B 147 -4.60 -45.54 36.43
N GLU B 148 -4.05 -46.66 35.94
CA GLU B 148 -4.72 -47.36 34.85
C GLU B 148 -6.07 -47.91 35.29
N SER B 149 -6.23 -48.25 36.58
CA SER B 149 -7.48 -48.87 36.99
C SER B 149 -8.65 -47.90 36.92
N ARG B 150 -8.40 -46.62 37.15
CA ARG B 150 -9.45 -45.61 37.11
C ARG B 150 -9.34 -44.71 35.90
N GLN B 151 -8.37 -44.96 35.01
CA GLN B 151 -8.07 -44.11 33.85
C GLN B 151 -7.97 -42.64 34.26
N LEU B 152 -7.18 -42.39 35.30
CA LEU B 152 -7.07 -41.07 35.91
C LEU B 152 -5.62 -40.61 35.93
N TYR B 153 -5.38 -39.43 35.38
CA TYR B 153 -4.12 -38.73 35.59
C TYR B 153 -4.22 -37.92 36.88
N THR B 154 -3.23 -38.05 37.74
CA THR B 154 -3.10 -37.19 38.90
C THR B 154 -2.08 -36.12 38.57
N VAL B 155 -2.49 -34.86 38.67
CA VAL B 155 -1.63 -33.73 38.35
C VAL B 155 -1.31 -33.00 39.66
N ARG B 156 -0.02 -32.98 40.00
CA ARG B 156 0.49 -32.21 41.14
C ARG B 156 0.94 -30.83 40.66
N VAL B 157 0.44 -29.79 41.31
CA VAL B 157 0.74 -28.41 40.93
C VAL B 157 1.38 -27.72 42.11
N LYS B 158 2.49 -27.03 41.88
CA LYS B 158 3.06 -26.14 42.88
C LYS B 158 2.41 -24.78 42.70
N GLN B 159 1.73 -24.30 43.74
CA GLN B 159 1.13 -22.98 43.80
C GLN B 159 1.75 -22.22 44.96
N PRO B 160 1.62 -20.89 44.99
CA PRO B 160 2.32 -20.14 46.04
C PRO B 160 1.95 -20.60 47.44
N GLN B 161 0.68 -20.92 47.69
CA GLN B 161 0.30 -21.37 49.02
C GLN B 161 0.60 -22.84 49.24
N GLY B 162 1.17 -23.54 48.25
CA GLY B 162 1.58 -24.92 48.46
C GLY B 162 1.25 -25.86 47.32
N GLU B 163 1.60 -27.13 47.46
CA GLU B 163 1.33 -28.13 46.42
C GLU B 163 -0.12 -28.57 46.47
N MET B 164 -0.67 -28.88 45.29
CA MET B 164 -2.06 -29.30 45.16
C MET B 164 -2.16 -30.45 44.17
N LYS B 165 -3.22 -31.23 44.30
CA LYS B 165 -3.49 -32.42 43.50
C LYS B 165 -4.83 -32.26 42.84
N VAL B 166 -4.90 -32.52 41.52
CA VAL B 166 -6.17 -32.72 40.84
C VAL B 166 -6.10 -34.01 40.02
N VAL B 167 -7.26 -34.60 39.78
CA VAL B 167 -7.35 -35.79 38.94
C VAL B 167 -8.20 -35.45 37.72
N THR B 168 -7.93 -36.14 36.62
CA THR B 168 -8.57 -35.78 35.36
C THR B 168 -8.51 -36.94 34.37
N LYS B 169 -9.47 -36.95 33.45
CA LYS B 169 -9.53 -37.98 32.41
C LYS B 169 -8.56 -37.68 31.27
N ASN B 170 -8.42 -36.39 30.90
CA ASN B 170 -7.60 -35.97 29.77
C ASN B 170 -6.66 -34.84 30.18
N LEU B 171 -5.46 -34.87 29.62
CA LEU B 171 -4.47 -33.80 29.68
C LEU B 171 -4.39 -33.12 28.33
N VAL B 172 -4.19 -31.80 28.34
CA VAL B 172 -3.85 -31.06 27.13
C VAL B 172 -2.60 -30.24 27.46
N LEU B 173 -1.49 -30.59 26.80
CA LEU B 173 -0.18 -29.96 26.99
C LEU B 173 -0.07 -28.73 26.12
N GLY B 174 0.05 -27.56 26.74
CA GLY B 174 0.28 -26.34 26.02
C GLY B 174 1.40 -25.56 26.67
N THR B 175 2.58 -26.16 26.75
CA THR B 175 3.69 -25.55 27.48
C THR B 175 4.56 -24.68 26.58
N GLY B 176 4.19 -24.54 25.30
CA GLY B 176 4.82 -23.57 24.44
C GLY B 176 6.26 -23.92 24.12
N THR B 177 7.04 -22.89 23.82
CA THR B 177 8.43 -23.01 23.42
C THR B 177 9.25 -21.93 24.10
N THR B 178 10.56 -22.12 24.12
CA THR B 178 11.49 -21.28 24.85
C THR B 178 12.70 -20.98 23.97
N PRO B 179 13.40 -19.88 24.23
CA PRO B 179 14.53 -19.50 23.39
C PRO B 179 15.60 -20.57 23.38
N ILE B 180 16.23 -20.73 22.22
CA ILE B 180 17.39 -21.60 22.08
C ILE B 180 18.61 -20.85 22.60
N THR B 181 19.39 -21.51 23.45
CA THR B 181 20.70 -21.00 23.86
C THR B 181 21.71 -22.10 23.69
N PRO B 182 22.59 -22.00 22.69
CA PRO B 182 23.62 -23.02 22.48
C PRO B 182 24.45 -23.25 23.73
N LYS B 183 24.93 -24.48 23.89
CA LYS B 183 25.74 -24.81 25.06
C LYS B 183 27.01 -23.99 25.09
N PHE B 184 27.60 -23.67 23.93
CA PHE B 184 28.80 -22.83 23.97
C PHE B 184 28.50 -21.38 24.35
N CYS B 185 27.23 -20.98 24.42
CA CYS B 185 26.86 -19.63 24.80
C CYS B 185 26.42 -19.52 26.26
N GLN B 186 26.32 -20.62 26.98
CA GLN B 186 25.95 -20.54 28.38
C GLN B 186 27.13 -20.08 29.23
N GLY B 187 26.83 -19.70 30.47
CA GLY B 187 27.86 -19.34 31.41
C GLY B 187 28.44 -17.96 31.27
N TYR B 188 27.80 -17.08 30.49
CA TYR B 188 28.18 -15.67 30.41
C TYR B 188 26.95 -14.81 30.70
N PRO B 189 26.38 -14.93 31.90
CA PRO B 189 25.07 -14.29 32.14
C PRO B 189 25.13 -12.77 32.06
N GLU B 190 26.28 -12.18 32.35
CA GLU B 190 26.35 -10.72 32.36
C GLU B 190 26.39 -10.14 30.95
N GLN B 191 26.95 -10.87 29.98
CA GLN B 191 27.19 -10.33 28.65
C GLN B 191 26.33 -10.92 27.55
N ILE B 192 25.83 -12.13 27.72
CA ILE B 192 25.02 -12.80 26.71
C ILE B 192 23.59 -12.91 27.23
N GLN B 193 22.64 -12.40 26.45
CA GLN B 193 21.23 -12.49 26.82
C GLN B 193 20.41 -12.90 25.62
N SER B 194 19.24 -13.45 25.92
CA SER B 194 18.32 -13.86 24.88
C SER B 194 17.51 -12.67 24.40
N SER B 195 17.21 -12.67 23.10
CA SER B 195 16.27 -11.71 22.54
C SER B 195 14.98 -11.63 23.35
N ALA B 196 14.58 -12.74 24.01
CA ALA B 196 13.30 -12.78 24.69
C ALA B 196 13.25 -11.84 25.88
N ASP B 197 14.42 -11.44 26.39
CA ASP B 197 14.52 -10.55 27.55
C ASP B 197 15.04 -9.18 27.15
N TYR B 198 14.83 -8.80 25.89
CA TYR B 198 15.43 -7.59 25.33
C TYR B 198 15.05 -6.35 26.12
N LEU B 199 13.76 -6.14 26.38
CA LEU B 199 13.35 -4.91 27.05
C LEU B 199 13.91 -4.85 28.46
N ARG B 200 14.16 -5.99 29.09
CA ARG B 200 14.71 -6.00 30.43
C ARG B 200 16.12 -5.41 30.42
N HIS B 201 16.85 -5.50 29.31
CA HIS B 201 18.24 -5.08 29.25
C HIS B 201 18.51 -3.88 28.36
N LYS B 202 17.53 -3.43 27.55
CA LYS B 202 17.77 -2.35 26.60
C LYS B 202 18.41 -1.12 27.26
N LYS B 203 17.98 -0.77 28.48
CA LYS B 203 18.53 0.41 29.12
C LYS B 203 20.03 0.24 29.32
N ASP B 204 20.46 -0.92 29.82
CA ASP B 204 21.90 -1.21 29.88
C ASP B 204 22.53 -1.17 28.50
N TYR B 205 21.86 -1.79 27.52
CA TYR B 205 22.42 -1.87 26.17
C TYR B 205 22.78 -0.49 25.61
N LEU B 206 21.93 0.51 25.85
CA LEU B 206 22.16 1.82 25.25
C LEU B 206 23.48 2.46 25.68
N THR B 207 24.07 2.02 26.79
CA THR B 207 25.29 2.64 27.30
C THR B 207 26.55 1.96 26.79
N LYS B 208 26.41 0.89 26.03
CA LYS B 208 27.53 0.06 25.62
C LYS B 208 28.21 0.64 24.39
N LYS B 209 29.45 0.22 24.17
CA LYS B 209 30.20 0.58 22.97
C LYS B 209 29.88 -0.30 21.77
N SER B 210 29.40 -1.52 21.98
CA SER B 210 29.11 -2.41 20.86
C SER B 210 28.05 -3.43 21.24
N ILE B 211 27.14 -3.68 20.31
CA ILE B 211 26.02 -4.59 20.47
C ILE B 211 25.96 -5.47 19.23
N THR B 212 25.97 -6.78 19.43
CA THR B 212 25.91 -7.75 18.33
C THR B 212 24.67 -8.59 18.49
N ILE B 213 23.81 -8.59 17.48
CA ILE B 213 22.64 -9.44 17.44
C ILE B 213 22.96 -10.62 16.54
N VAL B 214 22.65 -11.83 16.98
CA VAL B 214 22.87 -13.02 16.16
C VAL B 214 21.53 -13.68 15.89
N GLY B 215 21.21 -13.84 14.60
CA GLY B 215 19.92 -14.38 14.19
C GLY B 215 19.07 -13.38 13.44
N GLY B 216 18.70 -13.72 12.21
CA GLY B 216 18.06 -12.74 11.36
C GLY B 216 16.56 -12.95 11.21
N GLY B 217 15.93 -13.60 12.18
CA GLY B 217 14.50 -13.75 12.19
C GLY B 217 13.82 -12.47 12.67
N GLN B 218 12.50 -12.59 12.92
CA GLN B 218 11.74 -11.42 13.30
C GLN B 218 12.20 -10.86 14.64
N SER B 219 12.60 -11.74 15.57
CA SER B 219 13.08 -11.26 16.86
C SER B 219 14.31 -10.38 16.68
N GLY B 220 15.31 -10.90 15.95
CA GLY B 220 16.51 -10.12 15.72
C GLY B 220 16.22 -8.85 14.94
N ALA B 221 15.31 -8.93 13.96
CA ALA B 221 15.00 -7.75 13.15
C ALA B 221 14.40 -6.64 13.99
N GLU B 222 13.48 -6.98 14.90
CA GLU B 222 12.84 -5.96 15.71
C GLU B 222 13.82 -5.34 16.66
N ILE B 223 14.72 -6.15 17.22
CA ILE B 223 15.74 -5.62 18.10
C ILE B 223 16.70 -4.72 17.30
N TYR B 224 17.04 -5.15 16.09
CA TYR B 224 17.95 -4.35 15.27
C TYR B 224 17.31 -3.02 14.91
N TYR B 225 16.06 -3.05 14.45
CA TYR B 225 15.37 -1.80 14.15
C TYR B 225 15.29 -0.92 15.38
N ASP B 226 15.00 -1.50 16.54
CA ASP B 226 14.84 -0.71 17.75
C ASP B 226 16.14 -0.02 18.12
N LEU B 227 17.26 -0.75 18.07
CA LEU B 227 18.55 -0.14 18.37
C LEU B 227 18.99 0.83 17.27
N LEU B 228 18.71 0.48 16.01
CA LEU B 228 19.07 1.37 14.91
C LEU B 228 18.36 2.72 15.06
N SER B 229 17.09 2.70 15.47
CA SER B 229 16.32 3.94 15.63
C SER B 229 16.98 4.92 16.60
N GLU B 230 17.74 4.43 17.57
CA GLU B 230 18.27 5.26 18.63
C GLU B 230 19.78 5.43 18.54
N ILE B 231 20.40 4.92 17.46
CA ILE B 231 21.85 4.80 17.39
C ILE B 231 22.54 6.16 17.42
N ASP B 232 21.85 7.20 16.93
CA ASP B 232 22.46 8.52 16.89
C ASP B 232 22.55 9.16 18.27
N GLN B 233 21.73 8.74 19.22
CA GLN B 233 21.71 9.30 20.55
C GLN B 233 22.66 8.58 21.50
N HIS B 234 23.40 7.59 21.02
CA HIS B 234 24.30 6.82 21.88
C HIS B 234 25.60 6.58 21.12
N GLY B 235 26.45 5.74 21.69
CA GLY B 235 27.71 5.45 21.04
C GLY B 235 28.02 3.98 20.88
N TYR B 236 27.02 3.16 20.54
CA TYR B 236 27.28 1.75 20.29
C TYR B 236 27.40 1.49 18.79
N GLN B 237 28.25 0.53 18.47
CA GLN B 237 28.29 -0.09 17.16
C GLN B 237 27.27 -1.23 17.14
N LEU B 238 26.48 -1.32 16.07
CA LEU B 238 25.36 -2.25 16.02
C LEU B 238 25.61 -3.29 14.93
N ASN B 239 25.95 -4.52 15.33
CA ASN B 239 26.20 -5.60 14.40
C ASN B 239 25.03 -6.58 14.42
N TRP B 240 24.74 -7.16 13.25
CA TRP B 240 23.62 -8.08 13.09
C TRP B 240 24.05 -9.11 12.07
N LEU B 241 24.02 -10.38 12.46
CA LEU B 241 24.53 -11.48 11.66
C LEU B 241 23.50 -12.59 11.66
N THR B 242 23.37 -13.29 10.53
CA THR B 242 22.52 -14.46 10.45
C THR B 242 23.23 -15.51 9.60
N LYS B 243 23.08 -16.78 9.98
CA LYS B 243 23.68 -17.86 9.18
C LYS B 243 22.89 -18.17 7.92
N ALA B 244 21.67 -17.63 7.80
CA ALA B 244 20.84 -17.87 6.64
C ALA B 244 21.43 -17.18 5.41
N PRO B 245 21.08 -17.63 4.20
CA PRO B 245 21.76 -17.12 2.99
C PRO B 245 21.43 -15.67 2.66
N HIS B 246 20.38 -15.09 3.26
CA HIS B 246 20.11 -13.67 3.23
C HIS B 246 19.14 -13.34 4.36
N PHE B 247 18.95 -12.05 4.62
CA PHE B 247 17.92 -11.68 5.61
C PHE B 247 16.57 -11.81 4.88
N PHE B 248 16.13 -13.06 4.76
CA PHE B 248 15.03 -13.37 3.85
C PHE B 248 13.70 -12.91 4.40
N SER B 249 12.79 -12.58 3.48
CA SER B 249 11.45 -12.15 3.85
C SER B 249 10.56 -13.35 4.09
N MET B 250 9.63 -13.19 5.03
CA MET B 250 8.60 -14.22 5.19
C MET B 250 7.66 -14.14 4.01
N ASP B 251 7.41 -15.26 3.36
CA ASP B 251 6.55 -15.28 2.18
C ASP B 251 5.10 -15.43 2.64
N LEU B 252 4.38 -14.30 2.67
CA LEU B 252 2.95 -14.29 2.95
C LEU B 252 2.13 -14.11 1.68
N GLY B 253 2.68 -14.51 0.54
CA GLY B 253 1.88 -14.54 -0.67
C GLY B 253 0.64 -15.37 -0.47
N LYS B 254 -0.47 -14.93 -1.07
CA LYS B 254 -1.75 -15.51 -0.71
C LYS B 254 -1.85 -16.96 -1.14
N LEU B 255 -1.35 -17.30 -2.33
CA LEU B 255 -1.28 -18.71 -2.72
C LEU B 255 -0.40 -19.50 -1.76
N THR B 256 0.62 -18.86 -1.18
CA THR B 256 1.38 -19.51 -0.13
C THR B 256 0.61 -19.55 1.18
N LEU B 257 -0.19 -18.53 1.47
CA LEU B 257 -1.02 -18.57 2.67
C LEU B 257 -2.00 -19.73 2.67
N GLU B 258 -2.35 -20.26 1.49
CA GLU B 258 -3.25 -21.42 1.48
C GLU B 258 -2.65 -22.61 2.20
N TYR B 259 -1.33 -22.62 2.45
CA TYR B 259 -0.72 -23.67 3.25
C TYR B 259 -1.06 -23.55 4.73
N THR B 260 -1.60 -22.41 5.16
CA THR B 260 -2.16 -22.26 6.49
C THR B 260 -3.64 -22.60 6.41
N SER B 261 -3.94 -23.90 6.49
CA SER B 261 -5.28 -24.37 6.17
C SER B 261 -5.49 -25.76 6.74
N PRO B 262 -6.73 -26.15 7.01
CA PRO B 262 -6.99 -27.56 7.28
C PRO B 262 -6.57 -28.44 6.12
N ASP B 263 -6.76 -27.94 4.89
CA ASP B 263 -6.32 -28.65 3.69
C ASP B 263 -4.88 -29.11 3.87
N TYR B 264 -3.97 -28.16 4.07
CA TYR B 264 -2.55 -28.50 4.06
C TYR B 264 -2.16 -29.27 5.31
N THR B 265 -2.68 -28.87 6.46
CA THR B 265 -2.42 -29.62 7.70
C THR B 265 -2.71 -31.09 7.50
N SER B 266 -3.90 -31.40 7.00
CA SER B 266 -4.28 -32.78 6.80
C SER B 266 -3.39 -33.46 5.76
N HIS B 267 -3.07 -32.74 4.68
CA HIS B 267 -2.20 -33.30 3.67
C HIS B 267 -0.82 -33.61 4.24
N PHE B 268 -0.21 -32.64 4.93
CA PHE B 268 1.13 -32.83 5.50
C PHE B 268 1.16 -33.99 6.49
N TYR B 269 0.16 -34.11 7.37
CA TYR B 269 0.16 -35.18 8.35
C TYR B 269 0.11 -36.54 7.70
N SER B 270 -0.59 -36.66 6.57
CA SER B 270 -0.70 -37.91 5.83
C SER B 270 0.62 -38.32 5.18
N LEU B 271 1.60 -37.43 5.10
CA LEU B 271 2.83 -37.76 4.39
C LEU B 271 3.72 -38.68 5.20
N ASP B 272 4.56 -39.40 4.48
CA ASP B 272 5.56 -40.27 5.08
C ASP B 272 6.47 -39.45 5.99
N GLU B 273 7.06 -40.13 6.98
CA GLU B 273 7.76 -39.42 8.04
C GLU B 273 9.01 -38.71 7.53
N ASP B 274 9.79 -39.38 6.68
CA ASP B 274 10.98 -38.73 6.14
C ASP B 274 10.60 -37.57 5.21
N LYS B 275 9.58 -37.78 4.37
CA LYS B 275 9.07 -36.69 3.54
C LYS B 275 8.67 -35.49 4.38
N ARG B 276 8.00 -35.73 5.51
CA ARG B 276 7.60 -34.63 6.37
C ARG B 276 8.79 -33.77 6.78
N ASP B 277 9.89 -34.43 7.18
CA ASP B 277 11.06 -33.68 7.62
C ASP B 277 11.69 -32.89 6.47
N GLN B 278 11.77 -33.50 5.29
CA GLN B 278 12.32 -32.79 4.13
C GLN B 278 11.49 -31.56 3.81
N VAL B 279 10.18 -31.74 3.66
CA VAL B 279 9.28 -30.63 3.34
C VAL B 279 9.38 -29.54 4.41
N ILE B 280 9.27 -29.93 5.69
CA ILE B 280 9.34 -28.90 6.72
C ILE B 280 10.70 -28.21 6.71
N GLY B 281 11.74 -28.91 6.28
CA GLY B 281 13.06 -28.30 6.18
C GLY B 281 13.17 -27.24 5.11
N SER B 282 12.32 -27.31 4.08
CA SER B 282 12.33 -26.35 3.00
C SER B 282 11.44 -25.13 3.24
N GLN B 283 10.79 -25.01 4.41
CA GLN B 283 9.69 -24.08 4.53
C GLN B 283 9.97 -22.91 5.48
N ASN B 284 11.23 -22.61 5.78
CA ASN B 284 11.55 -21.51 6.69
C ASN B 284 10.88 -20.20 6.27
N ALA B 285 10.81 -19.94 4.96
CA ALA B 285 10.22 -18.71 4.46
C ALA B 285 8.71 -18.67 4.57
N LEU B 286 8.06 -19.79 4.94
CA LEU B 286 6.61 -19.76 5.11
C LEU B 286 6.21 -19.25 6.49
N TYR B 287 7.06 -19.40 7.50
CA TYR B 287 6.66 -18.97 8.83
C TYR B 287 7.78 -18.37 9.66
N LYS B 288 9.03 -18.38 9.18
CA LYS B 288 10.12 -17.65 9.83
C LYS B 288 10.60 -16.53 8.90
N GLY B 289 11.85 -16.10 9.05
CA GLY B 289 12.26 -14.89 8.35
C GLY B 289 11.67 -13.64 8.96
N ILE B 290 11.70 -12.57 8.17
CA ILE B 290 11.31 -11.24 8.62
C ILE B 290 10.07 -10.82 7.85
N GLU B 291 9.16 -10.13 8.53
CA GLU B 291 7.98 -9.58 7.88
C GLU B 291 8.42 -8.58 6.81
N LEU B 292 7.88 -8.72 5.61
CA LEU B 292 8.39 -7.97 4.46
C LEU B 292 8.40 -6.47 4.72
N SER B 293 7.27 -5.91 5.17
CA SER B 293 7.23 -4.47 5.38
C SER B 293 8.22 -4.06 6.45
N PHE B 294 8.48 -4.94 7.41
CA PHE B 294 9.49 -4.67 8.43
C PHE B 294 10.90 -4.68 7.83
N VAL B 295 11.22 -5.71 7.04
CA VAL B 295 12.42 -5.73 6.20
C VAL B 295 12.58 -4.38 5.55
N ASN B 296 11.49 -3.90 4.92
CA ASN B 296 11.59 -2.70 4.10
C ASN B 296 11.73 -1.46 4.96
N ARG B 297 11.12 -1.44 6.16
CA ARG B 297 11.36 -0.32 7.06
C ARG B 297 12.80 -0.29 7.55
N ILE B 298 13.42 -1.44 7.72
CA ILE B 298 14.83 -1.43 8.11
C ILE B 298 15.66 -0.75 7.04
N TYR B 299 15.42 -1.08 5.78
CA TYR B 299 16.21 -0.46 4.72
C TYR B 299 15.98 1.04 4.68
N ASP B 300 14.71 1.46 4.73
CA ASP B 300 14.39 2.88 4.65
C ASP B 300 15.04 3.66 5.78
N LEU B 301 15.18 3.03 6.95
CA LEU B 301 15.84 3.71 8.07
C LEU B 301 17.35 3.78 7.84
N LEU B 302 17.92 2.72 7.26
CA LEU B 302 19.34 2.78 6.91
C LEU B 302 19.60 3.89 5.90
N TYR B 303 18.72 4.03 4.91
CA TYR B 303 18.91 5.08 3.92
C TYR B 303 18.85 6.44 4.58
N GLN B 304 17.89 6.62 5.48
CA GLN B 304 17.66 7.93 6.09
C GLN B 304 18.81 8.34 7.00
N LYS B 305 19.38 7.39 7.74
CA LYS B 305 20.41 7.73 8.73
C LYS B 305 21.81 7.77 8.16
N SER B 306 22.01 7.39 6.89
CA SER B 306 23.31 7.42 6.25
C SER B 306 23.45 8.63 5.34
N LEU B 307 22.61 9.64 5.53
CA LEU B 307 22.58 10.74 4.59
C LEU B 307 23.83 11.61 4.68
N HIS B 308 24.35 11.80 5.88
CA HIS B 308 25.49 12.69 6.07
C HIS B 308 26.79 11.96 6.32
N GLN B 309 26.78 10.95 7.18
CA GLN B 309 27.95 10.12 7.43
C GLN B 309 27.49 8.68 7.56
N PRO B 310 28.41 7.72 7.45
CA PRO B 310 28.00 6.31 7.49
C PRO B 310 27.45 5.93 8.86
N ILE B 311 26.59 4.90 8.88
CA ILE B 311 26.01 4.46 10.14
C ILE B 311 26.97 3.48 10.79
N PRO B 312 27.25 3.59 12.10
CA PRO B 312 28.14 2.58 12.71
C PRO B 312 27.40 1.27 12.96
N THR B 313 27.16 0.54 11.87
CA THR B 313 26.41 -0.69 11.93
C THR B 313 26.89 -1.61 10.84
N ARG B 314 26.81 -2.92 11.12
CA ARG B 314 27.25 -3.96 10.19
C ARG B 314 26.22 -5.07 10.14
N MET B 315 25.91 -5.53 8.93
CA MET B 315 24.92 -6.59 8.71
C MET B 315 25.57 -7.67 7.86
N MET B 316 25.47 -8.93 8.29
CA MET B 316 26.20 -9.97 7.59
C MET B 316 25.43 -11.27 7.49
N PRO B 317 24.95 -11.64 6.32
CA PRO B 317 24.33 -12.95 6.12
C PRO B 317 25.41 -14.02 5.96
N ASN B 318 24.97 -15.28 5.96
CA ASN B 318 25.85 -16.44 5.80
C ASN B 318 26.89 -16.55 6.91
N CYS B 319 26.60 -16.02 8.10
CA CYS B 319 27.53 -16.04 9.22
C CYS B 319 26.90 -16.73 10.42
N ALA B 320 27.53 -17.80 10.87
CA ALA B 320 27.07 -18.59 12.01
C ALA B 320 28.02 -18.35 13.18
N LEU B 321 27.49 -17.84 14.28
CA LEU B 321 28.27 -17.81 15.51
C LEU B 321 28.59 -19.23 15.95
N ASP B 322 29.89 -19.54 16.10
CA ASP B 322 30.26 -20.85 16.59
C ASP B 322 31.17 -20.82 17.81
N ALA B 323 31.54 -19.65 18.31
CA ALA B 323 32.41 -19.59 19.48
C ALA B 323 32.27 -18.23 20.16
N VAL B 324 32.51 -18.24 21.47
CA VAL B 324 32.52 -17.05 22.32
C VAL B 324 33.64 -17.23 23.33
N GLU B 325 34.45 -16.19 23.54
CA GLU B 325 35.43 -16.19 24.61
C GLU B 325 35.53 -14.80 25.21
N GLN B 326 35.72 -14.73 26.52
CA GLN B 326 35.93 -13.44 27.14
C GLN B 326 37.33 -12.92 26.87
N GLN B 327 37.47 -11.59 26.93
CA GLN B 327 38.77 -10.93 26.83
C GLN B 327 38.58 -9.50 27.30
N SER B 328 39.36 -9.08 28.30
CA SER B 328 39.16 -7.78 28.95
C SER B 328 37.70 -7.66 29.37
N ASN B 329 37.01 -6.63 28.91
CA ASN B 329 35.61 -6.44 29.25
C ASN B 329 34.72 -6.50 28.01
N HIS B 330 35.03 -7.44 27.10
CA HIS B 330 34.20 -7.68 25.92
C HIS B 330 34.22 -9.16 25.59
N LEU B 331 33.38 -9.55 24.62
CA LEU B 331 33.39 -10.90 24.10
C LEU B 331 34.12 -10.92 22.77
N ASN B 332 34.84 -12.02 22.52
CA ASN B 332 35.32 -12.34 21.17
C ASN B 332 34.35 -13.35 20.57
N LEU B 333 33.61 -12.90 19.57
CA LEU B 333 32.64 -13.72 18.84
C LEU B 333 33.30 -14.26 17.57
N THR B 334 33.34 -15.58 17.43
CA THR B 334 33.86 -16.18 16.21
C THR B 334 32.69 -16.66 15.37
N PHE B 335 32.70 -16.27 14.10
CA PHE B 335 31.69 -16.70 13.15
C PHE B 335 32.34 -17.45 11.99
N LYS B 336 31.51 -18.23 11.31
CA LYS B 336 31.90 -19.00 10.14
C LYS B 336 31.10 -18.51 8.95
N ASN B 337 31.78 -17.89 7.98
CA ASN B 337 31.11 -17.42 6.77
C ASN B 337 31.01 -18.58 5.79
N SER B 338 29.80 -19.11 5.62
CA SER B 338 29.61 -20.29 4.79
C SER B 338 30.00 -20.03 3.33
N ASP B 339 29.91 -18.79 2.86
CA ASP B 339 30.18 -18.51 1.45
C ASP B 339 31.67 -18.63 1.14
N ILE B 340 32.52 -17.91 1.90
CA ILE B 340 33.97 -17.99 1.70
C ILE B 340 34.59 -19.11 2.51
N ASN B 341 33.79 -19.85 3.27
CA ASN B 341 34.28 -20.94 4.11
C ASN B 341 35.51 -20.54 4.92
N LYS B 342 35.39 -19.44 5.67
CA LYS B 342 36.42 -19.03 6.62
C LYS B 342 35.75 -18.57 7.90
N ARG B 343 36.57 -18.45 8.94
CA ARG B 343 36.12 -18.01 10.25
C ARG B 343 36.70 -16.64 10.55
N PHE B 344 35.96 -15.84 11.30
CA PHE B 344 36.41 -14.49 11.61
C PHE B 344 35.88 -14.11 12.98
N LYS B 345 36.53 -13.11 13.59
CA LYS B 345 36.20 -12.67 14.93
C LYS B 345 35.77 -11.21 14.92
N LEU B 346 34.68 -10.92 15.64
CA LEU B 346 34.26 -9.58 15.98
C LEU B 346 34.26 -9.45 17.49
N GLU B 347 34.57 -8.25 17.96
CA GLU B 347 34.49 -7.93 19.37
C GLU B 347 33.16 -7.27 19.67
N SER B 348 32.58 -7.59 20.82
CA SER B 348 31.28 -7.04 21.18
C SER B 348 31.14 -7.03 22.70
N GLU B 349 30.58 -5.94 23.22
CA GLU B 349 30.36 -5.88 24.66
C GLU B 349 29.15 -6.67 25.09
N VAL B 350 28.13 -6.76 24.26
CA VAL B 350 26.96 -7.56 24.57
C VAL B 350 26.59 -8.39 23.36
N LEU B 351 26.04 -9.56 23.64
CA LEU B 351 25.61 -10.50 22.62
C LEU B 351 24.14 -10.78 22.86
N ILE B 352 23.32 -10.53 21.85
CA ILE B 352 21.90 -10.85 21.90
C ILE B 352 21.66 -12.04 20.99
N LEU B 353 21.22 -13.15 21.58
CA LEU B 353 20.89 -14.36 20.84
C LEU B 353 19.44 -14.27 20.38
N ALA B 354 19.24 -14.11 19.08
CA ALA B 354 17.91 -14.25 18.50
C ALA B 354 17.90 -15.48 17.59
N LEU B 355 18.13 -16.64 18.17
CA LEU B 355 18.41 -17.85 17.40
C LEU B 355 17.20 -18.73 17.22
N GLY B 356 16.04 -18.29 17.67
CA GLY B 356 14.83 -19.08 17.56
C GLY B 356 14.42 -19.72 18.87
N TYR B 357 13.29 -20.42 18.80
CA TYR B 357 12.67 -21.08 19.94
C TYR B 357 12.61 -22.57 19.65
N GLU B 358 12.55 -23.36 20.71
CA GLU B 358 12.50 -24.81 20.58
C GLU B 358 11.51 -25.35 21.60
N TYR B 359 11.02 -26.56 21.33
CA TYR B 359 10.15 -27.26 22.25
C TYR B 359 11.01 -28.08 23.21
N LYS B 360 10.84 -27.85 24.52
CA LYS B 360 11.45 -28.68 25.55
C LYS B 360 10.34 -29.49 26.24
N ILE B 361 10.57 -30.78 26.41
CA ILE B 361 9.59 -31.63 27.08
C ILE B 361 9.42 -31.17 28.53
N PRO B 362 8.19 -30.99 29.02
CA PRO B 362 8.02 -30.64 30.43
C PRO B 362 8.42 -31.79 31.35
N GLU B 363 9.06 -31.43 32.45
CA GLU B 363 9.52 -32.43 33.40
C GLU B 363 8.37 -33.14 34.10
N CYS B 364 7.18 -32.55 34.13
CA CYS B 364 6.05 -33.23 34.74
C CYS B 364 5.68 -34.52 33.98
N LEU B 365 6.01 -34.62 32.69
CA LEU B 365 5.64 -35.80 31.93
C LEU B 365 6.48 -37.02 32.26
N THR B 366 7.58 -36.86 32.99
CA THR B 366 8.53 -37.95 33.17
C THR B 366 7.88 -39.26 33.63
N PRO B 367 6.98 -39.30 34.62
CA PRO B 367 6.45 -40.60 35.07
C PRO B 367 5.49 -41.26 34.10
N ILE B 368 5.02 -40.56 33.09
CA ILE B 368 4.13 -41.18 32.12
C ILE B 368 4.79 -41.26 30.75
N ARG B 369 6.13 -41.19 30.69
CA ARG B 369 6.78 -41.15 29.38
C ARG B 369 6.46 -42.40 28.57
N THR B 370 6.37 -43.55 29.24
CA THR B 370 6.02 -44.81 28.61
C THR B 370 4.57 -44.87 28.18
N LEU B 371 3.75 -43.90 28.56
CA LEU B 371 2.41 -43.76 28.02
C LEU B 371 2.37 -42.95 26.73
N ILE B 372 3.42 -42.25 26.40
CA ILE B 372 3.50 -41.42 25.20
C ILE B 372 4.11 -42.23 24.07
N ASN B 373 3.61 -42.02 22.86
CA ASN B 373 4.18 -42.61 21.66
C ASN B 373 5.32 -41.76 21.11
N TRP B 374 6.36 -42.43 20.62
CA TRP B 374 7.56 -41.80 20.09
C TRP B 374 7.81 -42.29 18.68
N ASP B 375 8.43 -41.45 17.85
CA ASP B 375 8.70 -41.83 16.47
C ASP B 375 10.11 -42.42 16.32
N SER B 376 10.46 -42.77 15.07
CA SER B 376 11.76 -43.35 14.74
C SER B 376 12.91 -42.57 15.34
N LYS B 377 12.74 -41.25 15.44
CA LYS B 377 13.79 -40.35 15.89
C LYS B 377 13.64 -39.94 17.35
N GLY B 378 12.79 -40.63 18.12
CA GLY B 378 12.65 -40.31 19.54
C GLY B 378 11.90 -39.03 19.84
N ARG B 379 11.15 -38.48 18.89
CA ARG B 379 10.30 -37.34 19.15
C ARG B 379 8.89 -37.80 19.53
N ILE B 380 8.15 -36.92 20.20
CA ILE B 380 6.77 -37.24 20.54
C ILE B 380 5.98 -37.50 19.26
N ALA B 381 5.35 -38.67 19.18
CA ALA B 381 4.60 -39.05 17.99
C ALA B 381 3.13 -38.68 18.18
N LEU B 382 2.56 -37.97 17.21
CA LEU B 382 1.19 -37.50 17.29
C LEU B 382 0.26 -38.28 16.35
N ASN B 383 -0.96 -38.53 16.82
CA ASN B 383 -2.05 -38.99 16.00
C ASN B 383 -2.64 -37.80 15.26
N TRP B 384 -3.52 -38.08 14.29
CA TRP B 384 -4.11 -37.00 13.50
C TRP B 384 -4.83 -35.99 14.39
N ASN B 385 -5.51 -36.46 15.43
CA ASN B 385 -6.32 -35.61 16.30
C ASN B 385 -5.53 -34.99 17.44
N TYR B 386 -4.19 -35.01 17.36
CA TYR B 386 -3.25 -34.34 18.24
C TYR B 386 -3.11 -35.07 19.57
N SER B 387 -3.67 -36.27 19.72
CA SER B 387 -3.35 -37.06 20.88
C SER B 387 -1.97 -37.67 20.73
N ILE B 388 -1.30 -37.91 21.85
CA ILE B 388 0.03 -38.49 21.75
C ILE B 388 0.10 -39.86 22.42
N ASN B 389 -1.05 -40.46 22.70
CA ASN B 389 -1.06 -41.79 23.31
C ASN B 389 -2.14 -42.61 22.63
N ASP B 390 -2.04 -43.93 22.81
CA ASP B 390 -3.00 -44.82 22.16
C ASP B 390 -4.42 -44.58 22.66
N ASP B 391 -4.58 -44.23 23.94
CA ASP B 391 -5.90 -44.03 24.55
C ASP B 391 -6.56 -42.71 24.15
N ASN B 392 -5.83 -41.82 23.47
CA ASN B 392 -6.35 -40.51 23.03
C ASN B 392 -6.80 -39.65 24.22
N THR B 393 -6.02 -39.65 25.29
CA THR B 393 -6.36 -38.86 26.47
C THR B 393 -5.30 -37.83 26.78
N ILE B 394 -4.21 -37.79 26.01
CA ILE B 394 -3.16 -36.78 26.15
C ILE B 394 -3.03 -36.07 24.80
N PHE B 395 -3.35 -34.78 24.76
CA PHE B 395 -3.33 -34.00 23.54
C PHE B 395 -2.24 -32.93 23.60
N ALA B 396 -1.78 -32.52 22.43
CA ALA B 396 -0.57 -31.70 22.32
C ALA B 396 -0.88 -30.40 21.60
N GLN B 397 -0.70 -29.28 22.31
CA GLN B 397 -0.76 -27.95 21.73
C GLN B 397 0.65 -27.54 21.36
N ASN B 398 0.86 -27.19 20.08
CA ASN B 398 2.13 -26.63 19.65
C ASN B 398 3.27 -27.61 19.88
N ILE B 399 3.08 -28.82 19.37
CA ILE B 399 4.08 -29.88 19.43
C ILE B 399 4.08 -30.56 18.08
N GLY B 400 5.24 -30.59 17.42
CA GLY B 400 5.39 -31.39 16.23
C GLY B 400 5.14 -30.68 14.91
N ILE B 401 5.94 -29.65 14.59
CA ILE B 401 5.92 -29.16 13.22
C ILE B 401 6.30 -30.28 12.27
N TYR B 402 7.11 -31.25 12.74
CA TYR B 402 7.50 -32.43 11.97
C TYR B 402 6.34 -33.38 11.74
N SER B 403 5.22 -33.19 12.43
CA SER B 403 4.08 -34.10 12.33
C SER B 403 2.89 -33.45 11.64
N HIS B 404 2.50 -32.24 12.06
CA HIS B 404 1.37 -31.54 11.48
C HIS B 404 1.76 -30.32 10.65
N GLY B 405 3.03 -29.98 10.58
CA GLY B 405 3.46 -28.96 9.64
C GLY B 405 3.75 -27.63 10.30
N PHE B 406 4.24 -26.71 9.46
CA PHE B 406 4.79 -25.44 9.94
C PHE B 406 3.76 -24.55 10.61
N THR B 407 2.47 -24.85 10.50
CA THR B 407 1.46 -24.05 11.20
C THR B 407 1.13 -24.59 12.58
N VAL B 408 1.87 -25.58 13.06
CA VAL B 408 1.66 -26.08 14.41
C VAL B 408 1.78 -24.94 15.43
N PRO B 409 2.72 -24.00 15.29
CA PRO B 409 2.72 -22.81 16.16
C PRO B 409 1.92 -21.61 15.66
N ASP B 410 1.12 -21.75 14.60
CA ASP B 410 0.42 -20.60 14.02
C ASP B 410 -0.86 -20.31 14.82
N LEU B 411 -0.96 -19.10 15.37
CA LEU B 411 -2.16 -18.75 16.14
C LEU B 411 -3.42 -18.91 15.32
N GLY B 412 -3.30 -18.77 13.99
CA GLY B 412 -4.42 -18.90 13.07
C GLY B 412 -4.95 -20.32 12.91
N MET B 413 -4.21 -21.32 13.37
CA MET B 413 -4.70 -22.70 13.37
C MET B 413 -5.00 -23.20 14.78
N GLY B 414 -5.00 -22.31 15.77
CA GLY B 414 -5.26 -22.74 17.13
C GLY B 414 -6.70 -23.20 17.32
N CYS B 415 -7.66 -22.51 16.69
CA CYS B 415 -9.04 -22.94 16.77
C CYS B 415 -9.25 -24.28 16.10
N TYR B 416 -8.58 -24.47 14.95
CA TYR B 416 -8.69 -25.74 14.26
C TYR B 416 -8.29 -26.89 15.18
N ARG B 417 -7.15 -26.75 15.84
CA ARG B 417 -6.65 -27.80 16.71
C ARG B 417 -7.55 -27.98 17.93
N ASN B 418 -7.95 -26.87 18.58
CA ASN B 418 -8.77 -26.99 19.79
C ASN B 418 -10.13 -27.62 19.47
N ALA B 419 -10.72 -27.25 18.33
CA ALA B 419 -11.99 -27.86 17.94
C ALA B 419 -11.84 -29.36 17.79
N ILE B 420 -10.75 -29.82 17.20
CA ILE B 420 -10.54 -31.26 17.04
C ILE B 420 -10.32 -31.93 18.39
N ILE B 421 -9.53 -31.29 19.26
CA ILE B 421 -9.39 -31.83 20.60
C ILE B 421 -10.76 -31.93 21.27
N ILE B 422 -11.52 -30.82 21.25
CA ILE B 422 -12.82 -30.81 21.92
C ILE B 422 -13.71 -31.91 21.35
N ASN B 423 -13.78 -32.00 20.01
CA ASN B 423 -14.62 -33.00 19.37
C ASN B 423 -14.18 -34.40 19.74
N THR B 424 -12.87 -34.63 19.81
CA THR B 424 -12.37 -35.96 20.17
C THR B 424 -12.81 -36.34 21.57
N ILE B 425 -12.58 -35.44 22.53
CA ILE B 425 -12.81 -35.74 23.93
C ILE B 425 -14.30 -36.01 24.19
N LEU B 426 -15.16 -35.15 23.66
CA LEU B 426 -16.60 -35.34 23.78
C LEU B 426 -17.17 -36.34 22.78
N GLY B 427 -16.37 -36.78 21.82
CA GLY B 427 -16.86 -37.78 20.88
C GLY B 427 -18.00 -37.35 19.99
N ARG B 428 -18.07 -36.07 19.62
CA ARG B 428 -19.05 -35.62 18.62
C ARG B 428 -18.58 -34.28 18.07
N GLU B 429 -19.21 -33.84 16.98
CA GLU B 429 -18.75 -32.64 16.27
C GLU B 429 -19.33 -31.41 16.98
N VAL B 430 -18.74 -31.07 18.12
CA VAL B 430 -19.17 -29.87 18.84
C VAL B 430 -18.89 -28.64 18.00
N TYR B 431 -17.68 -28.54 17.49
CA TYR B 431 -17.27 -27.45 16.62
C TYR B 431 -16.89 -28.12 15.30
N PRO B 432 -17.80 -28.22 14.33
CA PRO B 432 -17.42 -28.84 13.05
C PRO B 432 -16.28 -28.06 12.42
N VAL B 433 -15.32 -28.80 11.89
CA VAL B 433 -14.10 -28.23 11.37
C VAL B 433 -14.16 -28.26 9.85
N GLU B 434 -13.74 -27.18 9.22
CA GLU B 434 -13.61 -27.13 7.77
C GLU B 434 -12.65 -28.20 7.28
N LYS B 435 -12.90 -28.68 6.06
CA LYS B 435 -12.04 -29.65 5.42
C LYS B 435 -11.39 -29.12 4.14
N ARG B 436 -12.03 -28.21 3.41
CA ARG B 436 -11.45 -27.64 2.19
C ARG B 436 -11.74 -26.16 2.15
N ILE B 437 -10.70 -25.36 2.42
CA ILE B 437 -10.77 -23.92 2.21
C ILE B 437 -9.82 -23.43 1.12
N ALA B 438 -8.95 -24.30 0.56
CA ALA B 438 -7.93 -23.84 -0.37
C ALA B 438 -8.33 -24.11 -1.81
N TYR B 439 -8.03 -23.15 -2.70
CA TYR B 439 -8.26 -23.41 -4.11
C TYR B 439 -7.26 -24.42 -4.65
N GLN B 440 -6.05 -24.41 -4.12
CA GLN B 440 -5.06 -25.41 -4.52
C GLN B 440 -5.42 -26.78 -4.01
N GLU B 441 -5.01 -27.80 -4.76
CA GLU B 441 -5.01 -29.17 -4.26
C GLU B 441 -3.56 -29.61 -4.10
N PHE B 442 -3.25 -30.22 -2.95
CA PHE B 442 -1.91 -30.65 -2.60
C PHE B 442 -1.63 -32.10 -2.99
N ALA B 443 -2.59 -32.77 -3.61
CA ALA B 443 -2.46 -34.16 -4.04
C ALA B 443 -3.55 -34.44 -5.06
N PRO B 444 -3.36 -35.37 -5.98
CA PRO B 444 -4.45 -35.74 -6.88
C PRO B 444 -5.49 -36.57 -6.16
N THR B 445 -6.67 -36.70 -6.76
CA THR B 445 -7.65 -37.64 -6.23
C THR B 445 -7.11 -39.06 -6.38
N THR B 446 -7.49 -39.93 -5.43
CA THR B 446 -7.06 -41.31 -5.47
C THR B 446 -7.37 -41.98 -6.79
N GLU B 447 -8.30 -41.44 -7.57
CA GLU B 447 -8.70 -42.02 -8.84
C GLU B 447 -7.85 -41.56 -10.03
N GLU B 448 -7.01 -40.54 -9.85
CA GLU B 448 -6.15 -40.07 -10.94
C GLU B 448 -4.76 -40.71 -10.90
N ILE B 449 -4.49 -41.57 -9.92
CA ILE B 449 -3.14 -42.11 -9.75
C ILE B 449 -2.84 -43.13 -10.83
N VAL B 450 -1.61 -43.10 -11.37
CA VAL B 450 -1.19 -44.08 -12.36
C VAL B 450 -0.46 -45.22 -11.66
N THR B 451 -0.89 -46.45 -11.92
CA THR B 451 -0.19 -47.65 -11.44
C THR B 451 1.13 -47.83 -12.20
N SER C 23 -54.42 -10.88 14.10
CA SER C 23 -55.54 -9.95 13.91
C SER C 23 -55.60 -8.95 15.06
N GLN C 24 -56.02 -9.44 16.23
CA GLN C 24 -55.97 -8.69 17.47
C GLN C 24 -54.56 -8.51 18.01
N HIS C 25 -53.54 -9.00 17.30
CA HIS C 25 -52.18 -8.96 17.81
C HIS C 25 -51.59 -7.57 17.66
N ILE C 26 -50.91 -7.10 18.71
CA ILE C 26 -50.35 -5.76 18.73
C ILE C 26 -48.84 -5.88 18.76
N TYR C 27 -48.19 -5.32 17.73
CA TYR C 27 -46.74 -5.38 17.66
C TYR C 27 -46.14 -4.24 18.45
N ASP C 28 -44.96 -4.50 19.01
CA ASP C 28 -44.18 -3.41 19.56
C ASP C 28 -43.60 -2.54 18.45
N ILE C 29 -43.17 -3.15 17.34
CA ILE C 29 -42.49 -2.43 16.28
C ILE C 29 -42.96 -2.96 14.92
N VAL C 30 -43.23 -2.05 14.00
CA VAL C 30 -43.36 -2.37 12.58
C VAL C 30 -42.26 -1.64 11.84
N GLY C 31 -41.39 -2.39 11.16
CA GLY C 31 -40.38 -1.80 10.31
C GLY C 31 -40.89 -1.66 8.89
N ILE C 32 -40.79 -0.45 8.35
CA ILE C 32 -41.30 -0.14 7.02
C ILE C 32 -40.12 0.09 6.09
N GLY C 33 -39.89 -0.87 5.20
CA GLY C 33 -38.68 -0.92 4.40
C GLY C 33 -37.69 -1.85 5.06
N VAL C 34 -37.00 -2.68 4.27
CA VAL C 34 -35.91 -3.51 4.78
C VAL C 34 -34.66 -3.37 3.90
N GLY C 35 -33.97 -2.24 4.05
CA GLY C 35 -32.60 -2.12 3.65
C GLY C 35 -31.73 -2.62 4.78
N PRO C 36 -30.43 -2.42 4.68
CA PRO C 36 -29.55 -2.83 5.78
C PRO C 36 -29.94 -2.26 7.14
N PHE C 37 -30.52 -1.06 7.21
CA PHE C 37 -30.74 -0.45 8.52
C PHE C 37 -31.88 -1.13 9.29
N ASN C 38 -33.04 -1.32 8.63
CA ASN C 38 -34.12 -2.04 9.30
C ASN C 38 -33.82 -3.53 9.38
N LEU C 39 -33.06 -4.07 8.41
CA LEU C 39 -32.65 -5.47 8.53
C LEU C 39 -31.78 -5.66 9.76
N GLY C 40 -30.84 -4.75 9.98
CA GLY C 40 -30.05 -4.81 11.20
C GLY C 40 -30.93 -4.68 12.42
N LEU C 41 -31.96 -3.83 12.35
CA LEU C 41 -32.84 -3.67 13.51
C LEU C 41 -33.58 -4.96 13.80
N ALA C 42 -33.99 -5.68 12.75
CA ALA C 42 -34.61 -6.99 12.95
C ALA C 42 -33.62 -7.98 13.54
N CYS C 43 -32.36 -7.91 13.10
CA CYS C 43 -31.35 -8.83 13.63
C CYS C 43 -31.06 -8.56 15.09
N LEU C 44 -31.09 -7.30 15.50
CA LEU C 44 -30.75 -6.93 16.86
C LEU C 44 -31.91 -7.07 17.82
N THR C 45 -33.15 -7.17 17.32
CA THR C 45 -34.31 -7.37 18.19
C THR C 45 -34.71 -8.82 18.31
N GLN C 46 -34.46 -9.63 17.29
CA GLN C 46 -34.76 -11.05 17.32
C GLN C 46 -34.33 -11.68 18.64
N PRO C 47 -33.12 -11.40 19.15
CA PRO C 47 -32.75 -11.96 20.47
C PRO C 47 -33.61 -11.49 21.63
N LEU C 48 -34.37 -10.40 21.48
CA LEU C 48 -35.11 -9.82 22.60
C LEU C 48 -36.54 -10.35 22.56
N ASN C 49 -36.86 -11.29 23.44
CA ASN C 49 -38.17 -11.92 23.45
C ASN C 49 -39.26 -11.03 24.05
N GLU C 50 -38.91 -9.92 24.69
CA GLU C 50 -39.93 -8.95 25.07
C GLU C 50 -40.65 -8.42 23.85
N LEU C 51 -39.89 -8.09 22.80
CA LEU C 51 -40.39 -7.32 21.68
C LEU C 51 -41.07 -8.21 20.63
N SER C 52 -42.24 -7.77 20.17
CA SER C 52 -42.90 -8.35 19.01
C SER C 52 -42.74 -7.36 17.85
N THR C 53 -41.98 -7.77 16.84
CA THR C 53 -41.61 -6.91 15.72
C THR C 53 -41.97 -7.55 14.39
N ILE C 54 -42.19 -6.72 13.39
CA ILE C 54 -42.45 -7.19 12.04
C ILE C 54 -42.01 -6.12 11.05
N PHE C 55 -41.48 -6.57 9.91
CA PHE C 55 -40.81 -5.73 8.93
C PHE C 55 -41.35 -6.06 7.54
N PHE C 56 -41.63 -5.03 6.76
CA PHE C 56 -42.23 -5.17 5.44
C PHE C 56 -41.35 -4.48 4.41
N ASP C 57 -41.21 -5.11 3.25
CA ASP C 57 -40.45 -4.51 2.16
C ASP C 57 -41.14 -4.80 0.84
N SER C 58 -41.14 -3.81 -0.05
CA SER C 58 -41.89 -3.91 -1.30
C SER C 58 -41.18 -4.75 -2.36
N LYS C 59 -39.87 -4.93 -2.28
CA LYS C 59 -39.15 -5.67 -3.31
C LYS C 59 -39.47 -7.17 -3.24
N ASP C 60 -39.09 -7.89 -4.31
CA ASP C 60 -39.35 -9.33 -4.37
C ASP C 60 -38.54 -10.09 -3.35
N GLU C 61 -37.35 -9.58 -3.04
CA GLU C 61 -36.43 -10.16 -2.07
C GLU C 61 -35.46 -9.06 -1.70
N PHE C 62 -34.66 -9.30 -0.67
CA PHE C 62 -33.67 -8.30 -0.31
C PHE C 62 -32.76 -8.03 -1.49
N ASP C 63 -32.39 -6.76 -1.65
CA ASP C 63 -31.50 -6.40 -2.73
C ASP C 63 -30.84 -5.07 -2.39
N TRP C 64 -29.51 -5.05 -2.46
CA TRP C 64 -28.78 -3.85 -2.09
C TRP C 64 -28.10 -3.30 -3.35
N HIS C 65 -28.88 -2.54 -4.13
CA HIS C 65 -28.36 -1.80 -5.28
C HIS C 65 -27.65 -2.72 -6.26
N SER C 66 -28.26 -3.87 -6.52
CA SER C 66 -27.59 -4.86 -7.35
C SER C 66 -27.56 -4.47 -8.81
N GLY C 67 -28.32 -3.45 -9.22
CA GLY C 67 -28.23 -2.92 -10.57
C GLY C 67 -27.01 -2.05 -10.84
N ILE C 68 -26.31 -1.61 -9.81
CA ILE C 68 -25.09 -0.82 -9.97
C ILE C 68 -24.03 -1.55 -9.17
N MET C 69 -23.67 -2.75 -9.62
CA MET C 69 -22.84 -3.66 -8.83
C MET C 69 -21.93 -4.45 -9.76
N PRO C 70 -20.97 -3.77 -10.42
CA PRO C 70 -20.03 -4.49 -11.28
C PRO C 70 -19.26 -5.52 -10.49
N GLU C 71 -18.80 -6.55 -11.19
CA GLU C 71 -17.91 -7.53 -10.60
C GLU C 71 -16.72 -6.85 -9.94
N GLY C 72 -16.37 -7.29 -8.75
CA GLY C 72 -15.25 -6.70 -8.05
C GLY C 72 -15.58 -5.46 -7.25
N SER C 73 -16.76 -4.88 -7.43
CA SER C 73 -17.15 -3.70 -6.67
C SER C 73 -17.27 -4.05 -5.20
N THR C 74 -16.93 -3.08 -4.34
CA THR C 74 -16.86 -3.30 -2.91
C THR C 74 -17.59 -2.19 -2.15
N LEU C 75 -17.81 -2.45 -0.86
CA LEU C 75 -18.16 -1.37 0.04
C LEU C 75 -16.95 -0.46 0.26
N GLN C 76 -17.23 0.78 0.63
CA GLN C 76 -16.18 1.74 0.92
C GLN C 76 -15.85 1.85 2.40
N ILE C 77 -16.44 1.02 3.26
CA ILE C 77 -16.14 1.01 4.69
C ILE C 77 -15.85 -0.42 5.13
N PRO C 78 -15.16 -0.58 6.25
CA PRO C 78 -14.72 -1.92 6.67
C PRO C 78 -15.90 -2.82 7.02
N PHE C 79 -15.63 -4.13 6.95
CA PHE C 79 -16.66 -5.14 7.18
C PHE C 79 -17.25 -5.10 8.58
N ILE C 80 -16.62 -4.41 9.54
CA ILE C 80 -17.21 -4.27 10.86
C ILE C 80 -18.59 -3.63 10.77
N ALA C 81 -18.79 -2.80 9.74
CA ALA C 81 -20.06 -2.16 9.45
C ALA C 81 -21.10 -3.12 8.90
N ASP C 82 -21.23 -4.32 9.49
CA ASP C 82 -22.25 -5.28 9.13
C ASP C 82 -23.55 -4.99 9.87
N LEU C 83 -24.44 -5.96 9.96
CA LEU C 83 -25.77 -5.68 10.48
C LEU C 83 -25.82 -5.54 12.00
N VAL C 84 -24.83 -6.04 12.74
CA VAL C 84 -25.03 -6.21 14.19
C VAL C 84 -23.79 -5.98 15.04
N SER C 85 -22.61 -5.97 14.42
CA SER C 85 -21.38 -6.17 15.20
C SER C 85 -21.00 -4.95 16.01
N PHE C 86 -21.30 -3.74 15.53
CA PHE C 86 -21.03 -2.55 16.35
C PHE C 86 -21.90 -2.50 17.60
N ALA C 87 -23.05 -3.16 17.58
CA ALA C 87 -23.88 -3.31 18.76
C ALA C 87 -23.47 -4.51 19.59
N ASP C 88 -23.16 -5.63 18.92
CA ASP C 88 -22.94 -6.89 19.61
C ASP C 88 -22.16 -7.83 18.71
N PRO C 89 -20.84 -7.97 18.88
CA PRO C 89 -20.10 -8.91 18.04
C PRO C 89 -20.52 -10.36 18.23
N LYS C 90 -21.24 -10.70 19.30
CA LYS C 90 -21.68 -12.07 19.52
C LYS C 90 -22.93 -12.44 18.71
N ASN C 91 -23.63 -11.46 18.15
CA ASN C 91 -24.92 -11.72 17.51
C ASN C 91 -24.76 -12.72 16.39
N ASN C 92 -25.82 -13.49 16.17
CA ASN C 92 -25.74 -14.58 15.21
C ASN C 92 -25.62 -14.10 13.76
N TYR C 93 -25.95 -12.84 13.45
CA TYR C 93 -25.99 -12.38 12.07
C TYR C 93 -24.83 -11.44 11.74
N SER C 94 -23.72 -11.58 12.47
CA SER C 94 -22.50 -10.89 12.10
C SER C 94 -21.98 -11.45 10.78
N PHE C 95 -21.24 -10.60 10.07
CA PHE C 95 -20.62 -11.03 8.82
C PHE C 95 -19.64 -12.17 9.05
N LEU C 96 -18.86 -12.10 10.13
CA LEU C 96 -17.91 -13.18 10.40
C LEU C 96 -18.63 -14.49 10.68
N ASN C 97 -19.76 -14.45 11.37
CA ASN C 97 -20.50 -15.71 11.55
C ASN C 97 -21.07 -16.18 10.23
N TYR C 98 -21.65 -15.27 9.44
CA TYR C 98 -22.03 -15.62 8.08
C TYR C 98 -20.88 -16.30 7.35
N LEU C 99 -19.68 -15.69 7.42
CA LEU C 99 -18.52 -16.28 6.76
C LEU C 99 -18.25 -17.68 7.26
N LYS C 100 -18.32 -17.89 8.57
CA LYS C 100 -18.04 -19.20 9.15
C LYS C 100 -19.04 -20.25 8.67
N LEU C 101 -20.33 -19.93 8.69
CA LEU C 101 -21.38 -20.85 8.28
C LEU C 101 -21.39 -21.09 6.78
N HIS C 102 -20.67 -20.31 5.99
CA HIS C 102 -20.68 -20.47 4.54
C HIS C 102 -19.31 -20.88 4.02
N ASN C 103 -18.44 -21.37 4.90
CA ASN C 103 -17.13 -21.90 4.51
C ASN C 103 -16.28 -20.84 3.80
N ARG C 104 -16.46 -19.56 4.12
CA ARG C 104 -15.65 -18.48 3.53
C ARG C 104 -14.78 -17.75 4.56
N LEU C 105 -14.71 -18.22 5.82
CA LEU C 105 -14.03 -17.42 6.85
C LEU C 105 -12.53 -17.42 6.65
N TYR C 106 -11.92 -18.59 6.48
CA TYR C 106 -10.48 -18.65 6.24
C TYR C 106 -10.13 -17.88 4.98
N GLN C 107 -10.92 -18.04 3.92
CA GLN C 107 -10.60 -17.41 2.65
C GLN C 107 -10.75 -15.91 2.74
N PHE C 108 -11.80 -15.44 3.42
CA PHE C 108 -11.97 -13.99 3.53
C PHE C 108 -10.73 -13.33 4.13
N PHE C 109 -10.09 -14.01 5.08
CA PHE C 109 -8.95 -13.40 5.72
C PHE C 109 -7.64 -13.65 4.99
N ILE C 110 -7.56 -14.68 4.14
CA ILE C 110 -6.43 -14.74 3.21
C ILE C 110 -6.53 -13.59 2.20
N ARG C 111 -7.74 -13.33 1.70
CA ARG C 111 -7.98 -12.16 0.84
C ARG C 111 -7.49 -10.89 1.51
N GLU C 112 -7.77 -10.74 2.81
CA GLU C 112 -7.18 -9.69 3.64
C GLU C 112 -7.51 -8.30 3.11
N SER C 113 -8.75 -8.09 2.74
CA SER C 113 -9.26 -6.76 2.51
C SER C 113 -10.31 -6.46 3.56
N PHE C 114 -10.30 -5.23 4.08
CA PHE C 114 -11.36 -4.78 4.97
C PHE C 114 -12.70 -4.61 4.27
N PHE C 115 -12.75 -4.65 2.95
CA PHE C 115 -13.92 -4.24 2.21
C PHE C 115 -14.61 -5.45 1.61
N ILE C 116 -15.89 -5.58 1.89
CA ILE C 116 -16.63 -6.74 1.41
C ILE C 116 -17.03 -6.48 -0.03
N LEU C 117 -16.89 -7.49 -0.87
CA LEU C 117 -17.44 -7.41 -2.21
C LEU C 117 -18.92 -7.08 -2.11
N ARG C 118 -19.37 -6.07 -2.85
CA ARG C 118 -20.77 -5.67 -2.79
C ARG C 118 -21.68 -6.86 -3.03
N ALA C 119 -21.29 -7.75 -3.96
CA ALA C 119 -22.09 -8.94 -4.22
C ALA C 119 -22.13 -9.87 -3.03
N GLU C 120 -21.04 -9.94 -2.24
CA GLU C 120 -21.02 -10.81 -1.07
C GLU C 120 -21.85 -10.21 0.05
N TYR C 121 -21.79 -8.89 0.22
CA TYR C 121 -22.68 -8.21 1.13
C TYR C 121 -24.14 -8.49 0.79
N ASN C 122 -24.46 -8.59 -0.50
CA ASN C 122 -25.83 -8.94 -0.89
C ASN C 122 -26.16 -10.36 -0.46
N LEU C 123 -25.25 -11.30 -0.70
CA LEU C 123 -25.50 -12.67 -0.24
C LEU C 123 -25.67 -12.73 1.27
N TYR C 124 -24.88 -11.92 1.99
CA TYR C 124 -24.92 -11.95 3.45
C TYR C 124 -26.24 -11.42 3.99
N CYS C 125 -26.73 -10.31 3.43
CA CYS C 125 -28.00 -9.77 3.91
C CYS C 125 -29.15 -10.69 3.56
N LYS C 126 -29.20 -11.17 2.31
CA LYS C 126 -30.25 -12.12 1.93
C LYS C 126 -30.20 -13.34 2.83
N TRP C 127 -29.01 -13.77 3.21
CA TRP C 127 -28.92 -14.85 4.18
C TRP C 127 -29.58 -14.46 5.51
N ALA C 128 -29.29 -13.25 5.99
CA ALA C 128 -29.89 -12.81 7.26
C ALA C 128 -31.41 -12.69 7.13
N ALA C 129 -31.86 -12.05 6.05
CA ALA C 129 -33.30 -11.87 5.85
C ALA C 129 -34.02 -13.21 5.81
N GLU C 130 -33.43 -14.21 5.16
CA GLU C 130 -34.09 -15.50 5.02
C GLU C 130 -34.25 -16.21 6.35
N GLN C 131 -33.42 -15.89 7.35
CA GLN C 131 -33.53 -16.53 8.64
C GLN C 131 -34.65 -15.93 9.49
N LEU C 132 -34.98 -14.67 9.26
CA LEU C 132 -35.92 -13.94 10.11
C LEU C 132 -37.35 -14.09 9.56
N GLU C 133 -38.16 -14.92 10.21
CA GLU C 133 -39.49 -15.21 9.68
C GLU C 133 -40.45 -14.02 9.79
N ASN C 134 -40.06 -12.97 10.50
CA ASN C 134 -40.86 -11.76 10.60
C ASN C 134 -40.41 -10.69 9.63
N VAL C 135 -39.56 -11.02 8.66
CA VAL C 135 -39.14 -10.06 7.64
C VAL C 135 -39.83 -10.45 6.34
N HIS C 136 -40.81 -9.66 5.90
CA HIS C 136 -41.68 -10.04 4.80
C HIS C 136 -41.49 -9.12 3.61
N PHE C 137 -41.09 -9.70 2.48
CA PHE C 137 -40.96 -8.98 1.23
C PHE C 137 -42.27 -9.08 0.45
N LYS C 138 -42.28 -8.59 -0.78
CA LYS C 138 -43.50 -8.48 -1.58
C LYS C 138 -44.61 -7.81 -0.76
N SER C 139 -44.22 -6.81 0.04
CA SER C 139 -45.08 -6.20 1.06
C SER C 139 -44.94 -4.69 1.00
N PHE C 140 -45.83 -4.03 0.25
CA PHE C 140 -45.80 -2.58 0.09
C PHE C 140 -46.68 -1.91 1.13
N VAL C 141 -46.09 -1.06 1.96
CA VAL C 141 -46.84 -0.36 3.01
C VAL C 141 -47.51 0.85 2.37
N GLU C 142 -48.81 0.74 2.12
CA GLU C 142 -49.54 1.75 1.40
C GLU C 142 -50.00 2.88 2.31
N ARG C 143 -50.35 2.58 3.56
CA ARG C 143 -51.04 3.57 4.36
C ARG C 143 -50.85 3.30 5.84
N ILE C 144 -50.71 4.38 6.61
CA ILE C 144 -50.54 4.31 8.06
C ILE C 144 -51.58 5.23 8.66
N ASP C 145 -52.41 4.70 9.57
CA ASP C 145 -53.34 5.52 10.32
C ASP C 145 -53.05 5.40 11.80
N TYR C 146 -53.47 6.41 12.56
CA TYR C 146 -53.25 6.44 14.00
C TYR C 146 -54.58 6.52 14.72
N ASP C 147 -54.68 5.81 15.83
CA ASP C 147 -55.87 5.77 16.67
C ASP C 147 -55.49 6.42 18.00
N GLU C 148 -55.86 7.69 18.19
CA GLU C 148 -55.47 8.44 19.37
C GLU C 148 -56.08 7.86 20.66
N SER C 149 -57.21 7.15 20.56
CA SER C 149 -57.81 6.54 21.74
C SER C 149 -56.96 5.38 22.25
N ARG C 150 -56.65 4.42 21.38
CA ARG C 150 -55.80 3.28 21.74
C ARG C 150 -54.30 3.59 21.66
N GLN C 151 -53.90 4.69 21.04
CA GLN C 151 -52.49 4.99 20.80
C GLN C 151 -51.81 3.85 20.05
N LEU C 152 -52.42 3.45 18.93
CA LEU C 152 -51.91 2.38 18.09
C LEU C 152 -51.99 2.80 16.64
N TYR C 153 -50.92 2.53 15.90
CA TYR C 153 -50.89 2.70 14.46
C TYR C 153 -51.43 1.45 13.81
N THR C 154 -52.27 1.63 12.80
CA THR C 154 -52.67 0.55 11.91
C THR C 154 -51.96 0.75 10.58
N VAL C 155 -51.26 -0.28 10.13
CA VAL C 155 -50.43 -0.23 8.94
C VAL C 155 -51.04 -1.15 7.88
N ARG C 156 -51.43 -0.56 6.75
CA ARG C 156 -52.03 -1.29 5.65
C ARG C 156 -50.95 -1.72 4.65
N VAL C 157 -50.92 -3.01 4.33
CA VAL C 157 -49.84 -3.61 3.56
C VAL C 157 -50.41 -4.29 2.34
N LYS C 158 -49.90 -3.96 1.16
CA LYS C 158 -50.32 -4.58 -0.09
C LYS C 158 -49.33 -5.71 -0.40
N GLN C 159 -49.84 -6.94 -0.42
CA GLN C 159 -49.10 -8.14 -0.77
C GLN C 159 -49.76 -8.82 -1.96
N PRO C 160 -49.05 -9.73 -2.64
CA PRO C 160 -49.64 -10.34 -3.86
C PRO C 160 -51.02 -10.91 -3.67
N GLN C 161 -51.31 -11.52 -2.50
CA GLN C 161 -52.62 -12.10 -2.23
C GLN C 161 -53.67 -11.05 -1.86
N GLY C 162 -53.25 -9.86 -1.46
CA GLY C 162 -54.19 -8.78 -1.21
C GLY C 162 -53.64 -7.78 -0.22
N GLU C 163 -54.57 -7.07 0.41
CA GLU C 163 -54.26 -6.06 1.42
C GLU C 163 -54.38 -6.69 2.80
N MET C 164 -53.42 -6.38 3.68
CA MET C 164 -53.51 -6.80 5.06
C MET C 164 -53.31 -5.59 5.96
N LYS C 165 -53.79 -5.71 7.19
CA LYS C 165 -53.61 -4.69 8.20
C LYS C 165 -52.87 -5.30 9.40
N VAL C 166 -51.88 -4.57 9.92
CA VAL C 166 -51.26 -4.92 11.19
C VAL C 166 -51.33 -3.73 12.12
N VAL C 167 -51.33 -4.02 13.41
CA VAL C 167 -51.43 -3.01 14.46
C VAL C 167 -50.14 -3.01 15.27
N THR C 168 -49.64 -1.82 15.62
CA THR C 168 -48.36 -1.72 16.31
C THR C 168 -48.33 -0.50 17.22
N LYS C 169 -47.48 -0.58 18.23
CA LYS C 169 -47.22 0.57 19.10
C LYS C 169 -46.22 1.54 18.48
N ASN C 170 -45.20 1.03 17.80
CA ASN C 170 -44.15 1.87 17.26
C ASN C 170 -43.89 1.54 15.79
N LEU C 171 -43.56 2.58 15.04
CA LEU C 171 -43.07 2.47 13.67
C LEU C 171 -41.60 2.82 13.65
N VAL C 172 -40.86 2.12 12.81
CA VAL C 172 -39.49 2.47 12.50
C VAL C 172 -39.43 2.58 10.99
N LEU C 173 -39.23 3.81 10.50
CA LEU C 173 -39.26 4.07 9.06
C LEU C 173 -37.90 3.79 8.45
N GLY C 174 -37.84 2.86 7.51
CA GLY C 174 -36.57 2.49 6.92
C GLY C 174 -36.68 2.39 5.40
N THR C 175 -37.23 3.44 4.77
CA THR C 175 -37.56 3.41 3.35
C THR C 175 -36.43 3.88 2.46
N GLY C 176 -35.25 4.17 3.03
CA GLY C 176 -34.06 4.41 2.22
C GLY C 176 -34.12 5.62 1.31
N THR C 177 -33.32 5.55 0.24
CA THR C 177 -33.19 6.65 -0.71
C THR C 177 -33.25 6.09 -2.13
N THR C 178 -33.54 6.97 -3.08
CA THR C 178 -33.83 6.64 -4.47
C THR C 178 -33.07 7.59 -5.40
N PRO C 179 -32.70 7.13 -6.61
CA PRO C 179 -31.91 7.98 -7.52
C PRO C 179 -32.64 9.27 -7.86
N ILE C 180 -31.87 10.36 -7.94
CA ILE C 180 -32.40 11.65 -8.37
C ILE C 180 -32.51 11.64 -9.89
N THR C 181 -33.72 11.89 -10.39
CA THR C 181 -33.97 12.06 -11.82
C THR C 181 -34.72 13.37 -11.97
N PRO C 182 -34.04 14.46 -12.33
CA PRO C 182 -34.74 15.74 -12.48
C PRO C 182 -35.79 15.68 -13.57
N LYS C 183 -36.77 16.58 -13.45
CA LYS C 183 -37.95 16.56 -14.31
C LYS C 183 -37.55 16.71 -15.77
N PHE C 184 -36.50 17.46 -16.06
CA PHE C 184 -36.11 17.64 -17.45
C PHE C 184 -35.45 16.39 -18.03
N CYS C 185 -35.08 15.41 -17.21
CA CYS C 185 -34.54 14.14 -17.69
C CYS C 185 -35.56 13.01 -17.69
N GLN C 186 -36.81 13.29 -17.36
CA GLN C 186 -37.83 12.26 -17.36
C GLN C 186 -38.49 12.17 -18.72
N GLY C 187 -38.96 10.98 -19.07
CA GLY C 187 -39.70 10.80 -20.31
C GLY C 187 -38.90 10.36 -21.51
N TYR C 188 -37.63 9.98 -21.34
CA TYR C 188 -36.79 9.46 -22.42
C TYR C 188 -36.32 8.06 -22.07
N PRO C 189 -37.24 7.12 -21.94
CA PRO C 189 -36.88 5.82 -21.35
C PRO C 189 -35.83 5.09 -22.15
N GLU C 190 -35.86 5.22 -23.47
CA GLU C 190 -34.93 4.46 -24.29
C GLU C 190 -33.51 5.05 -24.23
N GLN C 191 -33.37 6.30 -23.84
CA GLN C 191 -32.10 7.01 -23.97
C GLN C 191 -31.53 7.49 -22.66
N ILE C 192 -32.34 7.81 -21.66
CA ILE C 192 -31.88 8.30 -20.37
C ILE C 192 -32.23 7.24 -19.34
N GLN C 193 -31.22 6.71 -18.66
CA GLN C 193 -31.44 5.74 -17.59
C GLN C 193 -30.65 6.14 -16.36
N SER C 194 -31.11 5.66 -15.21
CA SER C 194 -30.41 5.87 -13.96
C SER C 194 -29.21 4.93 -13.86
N SER C 195 -28.17 5.42 -13.19
CA SER C 195 -27.03 4.58 -12.87
C SER C 195 -27.45 3.38 -12.03
N ALA C 196 -28.54 3.49 -11.26
CA ALA C 196 -29.01 2.37 -10.47
C ALA C 196 -29.31 1.15 -11.34
N ASP C 197 -29.58 1.36 -12.63
CA ASP C 197 -29.99 0.27 -13.52
C ASP C 197 -28.93 -0.03 -14.56
N TYR C 198 -27.68 0.35 -14.29
CA TYR C 198 -26.60 0.22 -15.25
C TYR C 198 -26.54 -1.18 -15.84
N LEU C 199 -26.54 -2.19 -14.97
CA LEU C 199 -26.25 -3.54 -15.43
C LEU C 199 -27.38 -4.09 -16.30
N ARG C 200 -28.63 -3.68 -16.08
CA ARG C 200 -29.71 -4.09 -16.96
C ARG C 200 -29.57 -3.49 -18.36
N HIS C 201 -28.82 -2.40 -18.49
CA HIS C 201 -28.70 -1.72 -19.77
C HIS C 201 -27.28 -1.81 -20.35
N LYS C 202 -26.34 -2.44 -19.64
CA LYS C 202 -24.95 -2.40 -20.12
C LYS C 202 -24.82 -3.03 -21.50
N LYS C 203 -25.56 -4.11 -21.76
CA LYS C 203 -25.37 -4.80 -23.04
C LYS C 203 -25.80 -3.92 -24.20
N ASP C 204 -26.89 -3.19 -24.04
CA ASP C 204 -27.32 -2.24 -25.06
C ASP C 204 -26.32 -1.11 -25.20
N TYR C 205 -25.77 -0.65 -24.06
CA TYR C 205 -24.80 0.44 -24.07
C TYR C 205 -23.60 0.09 -24.95
N LEU C 206 -23.11 -1.15 -24.84
CA LEU C 206 -21.89 -1.54 -25.55
C LEU C 206 -22.02 -1.42 -27.06
N THR C 207 -23.24 -1.38 -27.57
CA THR C 207 -23.51 -1.28 -29.01
C THR C 207 -23.67 0.16 -29.48
N LYS C 208 -23.63 1.14 -28.58
CA LYS C 208 -23.90 2.52 -28.96
C LYS C 208 -22.61 3.23 -29.41
N LYS C 209 -22.80 4.38 -30.06
CA LYS C 209 -21.68 5.19 -30.55
C LYS C 209 -21.24 6.29 -29.58
N SER C 210 -22.07 6.63 -28.59
CA SER C 210 -21.72 7.64 -27.59
C SER C 210 -22.45 7.35 -26.28
N ILE C 211 -21.72 7.42 -25.18
CA ILE C 211 -22.31 7.26 -23.85
C ILE C 211 -21.84 8.43 -22.99
N THR C 212 -22.79 9.15 -22.41
CA THR C 212 -22.48 10.25 -21.52
C THR C 212 -22.95 9.89 -20.12
N ILE C 213 -22.02 9.93 -19.17
CA ILE C 213 -22.30 9.73 -17.76
C ILE C 213 -22.26 11.09 -17.09
N VAL C 214 -23.34 11.46 -16.42
CA VAL C 214 -23.40 12.71 -15.69
C VAL C 214 -23.45 12.44 -14.19
N GLY C 215 -22.48 13.01 -13.48
CA GLY C 215 -22.35 12.85 -12.04
C GLY C 215 -21.06 12.15 -11.68
N GLY C 216 -20.21 12.78 -10.87
CA GLY C 216 -18.88 12.27 -10.63
C GLY C 216 -18.65 11.67 -9.25
N GLY C 217 -19.69 11.09 -8.65
CA GLY C 217 -19.55 10.32 -7.44
C GLY C 217 -19.09 8.91 -7.74
N GLN C 218 -19.12 8.06 -6.69
CA GLN C 218 -18.69 6.68 -6.85
C GLN C 218 -19.52 5.96 -7.91
N SER C 219 -20.82 6.25 -7.98
CA SER C 219 -21.70 5.62 -8.97
C SER C 219 -21.21 5.88 -10.38
N GLY C 220 -21.05 7.16 -10.74
CA GLY C 220 -20.54 7.49 -12.06
C GLY C 220 -19.16 6.93 -12.31
N ALA C 221 -18.29 6.97 -11.29
CA ALA C 221 -16.93 6.48 -11.44
C ALA C 221 -16.92 4.99 -11.78
N GLU C 222 -17.72 4.18 -11.08
CA GLU C 222 -17.70 2.75 -11.37
C GLU C 222 -18.22 2.47 -12.76
N ILE C 223 -19.26 3.18 -13.19
CA ILE C 223 -19.74 3.00 -14.56
C ILE C 223 -18.67 3.47 -15.55
N TYR C 224 -18.02 4.60 -15.26
CA TYR C 224 -16.96 5.06 -16.14
C TYR C 224 -15.85 4.03 -16.26
N TYR C 225 -15.35 3.55 -15.12
CA TYR C 225 -14.28 2.56 -15.16
C TYR C 225 -14.72 1.32 -15.93
N ASP C 226 -15.95 0.85 -15.67
CA ASP C 226 -16.42 -0.36 -16.32
C ASP C 226 -16.46 -0.19 -17.83
N LEU C 227 -17.01 0.92 -18.29
CA LEU C 227 -17.13 1.16 -19.72
C LEU C 227 -15.77 1.47 -20.35
N LEU C 228 -14.94 2.26 -19.67
CA LEU C 228 -13.56 2.47 -20.14
C LEU C 228 -12.83 1.14 -20.29
N SER C 229 -13.05 0.22 -19.34
CA SER C 229 -12.33 -1.05 -19.33
C SER C 229 -12.55 -1.84 -20.61
N GLU C 230 -13.70 -1.67 -21.26
CA GLU C 230 -14.02 -2.37 -22.51
C GLU C 230 -14.08 -1.43 -23.72
N ILE C 231 -13.50 -0.24 -23.62
CA ILE C 231 -13.72 0.72 -24.70
C ILE C 231 -13.08 0.27 -26.00
N ASP C 232 -12.03 -0.56 -25.94
CA ASP C 232 -11.33 -0.99 -27.15
C ASP C 232 -12.10 -2.05 -27.94
N GLN C 233 -13.05 -2.72 -27.33
CA GLN C 233 -13.79 -3.77 -28.04
C GLN C 233 -15.09 -3.26 -28.64
N HIS C 234 -15.32 -1.95 -28.64
CA HIS C 234 -16.58 -1.44 -29.15
C HIS C 234 -16.30 -0.13 -29.90
N GLY C 235 -17.36 0.62 -30.17
CA GLY C 235 -17.20 1.85 -30.91
C GLY C 235 -17.92 3.00 -30.24
N TYR C 236 -17.98 3.05 -28.92
CA TYR C 236 -18.59 4.19 -28.26
C TYR C 236 -17.55 5.23 -27.83
N GLN C 237 -17.89 6.48 -28.08
CA GLN C 237 -17.29 7.60 -27.37
C GLN C 237 -17.84 7.66 -25.96
N LEU C 238 -16.97 7.84 -24.97
CA LEU C 238 -17.32 7.74 -23.55
C LEU C 238 -17.10 9.07 -22.85
N ASN C 239 -18.17 9.78 -22.54
CA ASN C 239 -18.12 11.09 -21.91
C ASN C 239 -18.56 11.02 -20.47
N TRP C 240 -17.89 11.79 -19.60
CA TRP C 240 -18.15 11.78 -18.16
C TRP C 240 -17.98 13.19 -17.64
N LEU C 241 -19.06 13.78 -17.12
CA LEU C 241 -19.02 15.16 -16.65
C LEU C 241 -19.59 15.25 -15.24
N THR C 242 -19.01 16.13 -14.42
CA THR C 242 -19.55 16.41 -13.10
C THR C 242 -19.56 17.91 -12.87
N LYS C 243 -20.56 18.38 -12.11
CA LYS C 243 -20.62 19.79 -11.75
C LYS C 243 -19.66 20.16 -10.62
N ALA C 244 -19.17 19.18 -9.87
CA ALA C 244 -18.26 19.45 -8.77
C ALA C 244 -16.98 20.09 -9.29
N PRO C 245 -16.29 20.88 -8.46
CA PRO C 245 -15.10 21.61 -8.97
C PRO C 245 -13.94 20.71 -9.35
N HIS C 246 -14.02 19.42 -9.04
CA HIS C 246 -13.10 18.42 -9.58
C HIS C 246 -13.66 17.04 -9.25
N PHE C 247 -13.16 16.03 -9.96
CA PHE C 247 -13.56 14.68 -9.63
C PHE C 247 -12.92 14.33 -8.29
N PHE C 248 -13.45 14.89 -7.21
CA PHE C 248 -12.79 14.80 -5.91
C PHE C 248 -12.90 13.41 -5.31
N SER C 249 -11.92 13.07 -4.47
CA SER C 249 -11.89 11.79 -3.78
C SER C 249 -12.58 11.92 -2.43
N MET C 250 -13.09 10.79 -1.93
CA MET C 250 -13.66 10.79 -0.60
C MET C 250 -12.51 10.84 0.40
N ASP C 251 -12.57 11.79 1.33
CA ASP C 251 -11.52 11.96 2.31
C ASP C 251 -11.76 10.97 3.44
N LEU C 252 -11.04 9.85 3.43
CA LEU C 252 -11.11 8.87 4.50
C LEU C 252 -9.88 8.92 5.40
N GLY C 253 -9.22 10.06 5.45
CA GLY C 253 -8.17 10.29 6.42
C GLY C 253 -8.65 9.95 7.81
N LYS C 254 -7.85 9.18 8.54
CA LYS C 254 -8.30 8.63 9.81
C LYS C 254 -8.73 9.71 10.79
N LEU C 255 -8.10 10.88 10.74
CA LEU C 255 -8.53 11.98 11.61
C LEU C 255 -9.90 12.52 11.17
N THR C 256 -10.23 12.42 9.90
CA THR C 256 -11.58 12.75 9.45
C THR C 256 -12.57 11.62 9.77
N LEU C 257 -12.11 10.36 9.81
CA LEU C 257 -12.99 9.26 10.17
C LEU C 257 -13.52 9.37 11.59
N GLU C 258 -12.82 10.11 12.48
CA GLU C 258 -13.35 10.28 13.82
C GLU C 258 -14.68 11.00 13.80
N TYR C 259 -15.04 11.62 12.67
CA TYR C 259 -16.35 12.21 12.49
C TYR C 259 -17.42 11.15 12.35
N THR C 260 -17.06 9.93 11.96
CA THR C 260 -17.99 8.80 11.98
C THR C 260 -17.95 8.24 13.39
N SER C 261 -18.79 8.81 14.28
CA SER C 261 -18.70 8.47 15.70
C SER C 261 -19.86 9.03 16.51
N PRO C 262 -20.18 8.41 17.65
CA PRO C 262 -21.16 9.02 18.57
C PRO C 262 -20.79 10.44 18.91
N ASP C 263 -19.52 10.66 19.28
CA ASP C 263 -19.02 12.00 19.59
C ASP C 263 -19.54 13.03 18.62
N TYR C 264 -19.34 12.76 17.33
CA TYR C 264 -19.62 13.79 16.34
C TYR C 264 -21.10 13.86 16.04
N THR C 265 -21.77 12.71 15.99
CA THR C 265 -23.21 12.73 15.83
C THR C 265 -23.85 13.55 16.94
N SER C 266 -23.42 13.34 18.19
CA SER C 266 -24.03 14.10 19.28
C SER C 266 -23.69 15.57 19.17
N HIS C 267 -22.44 15.88 18.83
CA HIS C 267 -22.05 17.27 18.63
C HIS C 267 -22.87 17.94 17.53
N PHE C 268 -22.90 17.33 16.35
CA PHE C 268 -23.63 17.92 15.24
C PHE C 268 -25.10 18.14 15.62
N TYR C 269 -25.74 17.13 16.22
CA TYR C 269 -27.15 17.25 16.58
C TYR C 269 -27.41 18.47 17.46
N SER C 270 -26.44 18.81 18.31
CA SER C 270 -26.66 19.90 19.26
C SER C 270 -26.47 21.28 18.64
N LEU C 271 -25.95 21.38 17.43
CA LEU C 271 -25.80 22.70 16.84
C LEU C 271 -27.15 23.22 16.37
N ASP C 272 -27.23 24.53 16.17
CA ASP C 272 -28.50 25.03 15.69
C ASP C 272 -28.73 24.62 14.22
N GLU C 273 -29.98 24.75 13.81
CA GLU C 273 -30.42 24.21 12.53
C GLU C 273 -29.66 24.82 11.36
N ASP C 274 -29.43 26.15 11.41
CA ASP C 274 -28.79 26.78 10.25
C ASP C 274 -27.33 26.42 10.17
N LYS C 275 -26.65 26.33 11.31
CA LYS C 275 -25.28 25.86 11.35
C LYS C 275 -25.17 24.42 10.85
N ARG C 276 -26.14 23.58 11.19
CA ARG C 276 -26.14 22.22 10.69
C ARG C 276 -26.18 22.19 9.17
N ASP C 277 -27.03 23.03 8.56
CA ASP C 277 -27.10 23.06 7.11
C ASP C 277 -25.79 23.54 6.51
N GLN C 278 -25.19 24.56 7.13
CA GLN C 278 -23.88 25.02 6.68
C GLN C 278 -22.85 23.89 6.80
N VAL C 279 -22.78 23.25 7.97
CA VAL C 279 -21.78 22.22 8.20
C VAL C 279 -21.94 21.10 7.18
N ILE C 280 -23.14 20.54 7.12
CA ILE C 280 -23.39 19.43 6.19
C ILE C 280 -23.11 19.87 4.74
N GLY C 281 -23.44 21.10 4.40
CA GLY C 281 -23.14 21.54 3.04
C GLY C 281 -21.67 21.64 2.73
N SER C 282 -20.82 21.59 3.74
CA SER C 282 -19.39 21.69 3.54
C SER C 282 -18.72 20.31 3.54
N GLN C 283 -19.49 19.23 3.68
CA GLN C 283 -18.87 17.94 3.97
C GLN C 283 -19.00 16.92 2.84
N ASN C 284 -19.24 17.37 1.60
CA ASN C 284 -19.35 16.44 0.46
C ASN C 284 -18.20 15.43 0.40
N ALA C 285 -16.99 15.86 0.75
CA ALA C 285 -15.86 14.94 0.64
C ALA C 285 -15.84 13.87 1.73
N LEU C 286 -16.59 14.04 2.81
CA LEU C 286 -16.49 13.09 3.91
C LEU C 286 -17.27 11.81 3.62
N TYR C 287 -18.29 11.90 2.77
CA TYR C 287 -19.12 10.74 2.46
C TYR C 287 -19.44 10.62 0.98
N LYS C 288 -19.19 11.63 0.17
CA LYS C 288 -19.40 11.47 -1.26
C LYS C 288 -18.07 11.57 -2.00
N GLY C 289 -18.09 11.84 -3.30
CA GLY C 289 -16.86 11.76 -4.07
C GLY C 289 -16.54 10.32 -4.44
N ILE C 290 -15.30 10.08 -4.88
CA ILE C 290 -14.88 8.77 -5.37
C ILE C 290 -13.88 8.18 -4.40
N GLU C 291 -13.97 6.87 -4.17
CA GLU C 291 -12.95 6.21 -3.38
C GLU C 291 -11.58 6.48 -4.00
N LEU C 292 -10.63 6.92 -3.17
CA LEU C 292 -9.34 7.40 -3.66
C LEU C 292 -8.66 6.36 -4.52
N SER C 293 -8.54 5.13 -4.03
CA SER C 293 -7.83 4.13 -4.81
C SER C 293 -8.56 3.84 -6.10
N PHE C 294 -9.86 4.08 -6.13
CA PHE C 294 -10.61 3.91 -7.36
C PHE C 294 -10.34 5.05 -8.32
N VAL C 295 -10.24 6.28 -7.80
CA VAL C 295 -9.78 7.42 -8.58
C VAL C 295 -8.48 7.06 -9.29
N ASN C 296 -7.54 6.48 -8.53
CA ASN C 296 -6.22 6.21 -9.08
C ASN C 296 -6.26 5.07 -10.10
N ARG C 297 -7.07 4.03 -9.85
CA ARG C 297 -7.19 2.96 -10.84
C ARG C 297 -7.70 3.51 -12.17
N ILE C 298 -8.60 4.49 -12.12
CA ILE C 298 -9.11 5.10 -13.34
C ILE C 298 -7.98 5.76 -14.13
N TYR C 299 -7.18 6.58 -13.45
CA TYR C 299 -6.09 7.23 -14.17
C TYR C 299 -5.16 6.19 -14.77
N ASP C 300 -4.74 5.20 -13.98
CA ASP C 300 -3.85 4.17 -14.50
C ASP C 300 -4.43 3.51 -15.75
N LEU C 301 -5.75 3.27 -15.78
CA LEU C 301 -6.33 2.68 -16.99
C LEU C 301 -6.26 3.66 -18.15
N LEU C 302 -6.58 4.94 -17.92
CA LEU C 302 -6.40 5.97 -18.95
C LEU C 302 -4.96 5.96 -19.47
N TYR C 303 -3.98 5.87 -18.57
CA TYR C 303 -2.59 5.83 -18.99
C TYR C 303 -2.32 4.60 -19.85
N GLN C 304 -2.80 3.45 -19.40
CA GLN C 304 -2.51 2.21 -20.11
C GLN C 304 -3.13 2.20 -21.51
N LYS C 305 -4.39 2.66 -21.63
CA LYS C 305 -5.07 2.53 -22.90
C LYS C 305 -4.74 3.63 -23.90
N SER C 306 -4.13 4.73 -23.46
CA SER C 306 -3.71 5.81 -24.34
C SER C 306 -2.30 5.59 -24.90
N LEU C 307 -1.72 4.42 -24.65
CA LEU C 307 -0.33 4.17 -25.01
C LEU C 307 -0.09 4.31 -26.52
N HIS C 308 -0.94 3.69 -27.34
CA HIS C 308 -0.72 3.64 -28.78
C HIS C 308 -1.48 4.70 -29.54
N GLN C 309 -2.62 5.14 -29.03
CA GLN C 309 -3.47 6.10 -29.72
C GLN C 309 -4.40 6.72 -28.69
N PRO C 310 -4.97 7.88 -28.98
CA PRO C 310 -5.87 8.52 -28.01
C PRO C 310 -7.10 7.66 -27.75
N ILE C 311 -7.59 7.76 -26.53
CA ILE C 311 -8.82 7.08 -26.10
C ILE C 311 -9.98 7.98 -26.49
N PRO C 312 -11.03 7.47 -27.10
CA PRO C 312 -12.20 8.34 -27.37
C PRO C 312 -13.04 8.57 -26.12
N THR C 313 -12.50 9.33 -25.19
CA THR C 313 -13.19 9.62 -23.94
C THR C 313 -12.94 11.07 -23.57
N ARG C 314 -13.94 11.68 -22.93
CA ARG C 314 -13.82 13.03 -22.42
C ARG C 314 -14.29 13.06 -20.96
N MET C 315 -13.57 13.81 -20.12
CA MET C 315 -13.92 13.98 -18.72
C MET C 315 -13.91 15.46 -18.41
N MET C 316 -15.00 15.96 -17.85
CA MET C 316 -15.12 17.40 -17.69
C MET C 316 -15.69 17.79 -16.34
N PRO C 317 -14.89 18.38 -15.48
CA PRO C 317 -15.40 18.89 -14.21
C PRO C 317 -16.03 20.28 -14.41
N ASN C 318 -16.60 20.81 -13.34
CA ASN C 318 -17.26 22.11 -13.34
C ASN C 318 -18.36 22.19 -14.41
N CYS C 319 -18.99 21.06 -14.73
CA CYS C 319 -19.99 21.00 -15.79
C CYS C 319 -21.28 20.39 -15.27
N ALA C 320 -22.35 21.19 -15.29
CA ALA C 320 -23.68 20.81 -14.83
C ALA C 320 -24.58 20.56 -16.03
N LEU C 321 -25.26 19.42 -16.06
CA LEU C 321 -26.25 19.17 -17.10
C LEU C 321 -27.40 20.15 -16.95
N ASP C 322 -27.73 20.82 -18.04
CA ASP C 322 -28.52 22.04 -18.06
C ASP C 322 -29.84 21.89 -18.80
N ALA C 323 -29.85 21.17 -19.92
CA ALA C 323 -31.04 20.94 -20.73
C ALA C 323 -30.85 19.64 -21.50
N VAL C 324 -31.96 19.03 -21.92
CA VAL C 324 -31.91 17.81 -22.72
C VAL C 324 -32.89 17.95 -23.87
N GLU C 325 -32.39 17.90 -25.10
CA GLU C 325 -33.18 18.08 -26.31
C GLU C 325 -33.07 16.84 -27.16
N GLN C 326 -34.22 16.26 -27.51
CA GLN C 326 -34.25 15.09 -28.37
C GLN C 326 -33.87 15.49 -29.79
N GLN C 327 -33.09 14.65 -30.44
CA GLN C 327 -32.74 14.84 -31.83
C GLN C 327 -33.10 13.59 -32.61
N SER C 328 -32.74 13.61 -33.89
CA SER C 328 -32.93 12.49 -34.81
C SER C 328 -32.64 11.16 -34.14
N ASN C 329 -31.35 10.91 -33.89
CA ASN C 329 -30.89 9.61 -33.40
C ASN C 329 -30.04 9.74 -32.15
N HIS C 330 -30.22 10.82 -31.38
CA HIS C 330 -29.38 11.09 -30.22
C HIS C 330 -30.06 12.17 -29.39
N LEU C 331 -29.42 12.51 -28.27
CA LEU C 331 -29.83 13.62 -27.44
C LEU C 331 -28.81 14.75 -27.57
N ASN C 332 -29.30 15.99 -27.59
CA ASN C 332 -28.45 17.17 -27.43
C ASN C 332 -28.43 17.52 -25.95
N LEU C 333 -27.26 17.39 -25.34
CA LEU C 333 -27.06 17.67 -23.93
C LEU C 333 -26.42 19.04 -23.79
N THR C 334 -27.11 19.95 -23.13
CA THR C 334 -26.55 21.25 -22.82
C THR C 334 -25.93 21.18 -21.43
N PHE C 335 -24.68 21.64 -21.33
CA PHE C 335 -23.97 21.75 -20.08
C PHE C 335 -23.59 23.19 -19.83
N LYS C 336 -23.69 23.61 -18.58
CA LYS C 336 -23.13 24.88 -18.14
C LYS C 336 -21.78 24.60 -17.50
N ASN C 337 -20.73 25.19 -18.06
CA ASN C 337 -19.42 25.19 -17.43
C ASN C 337 -19.35 26.38 -16.48
N SER C 338 -19.21 26.12 -15.19
CA SER C 338 -19.25 27.23 -14.26
C SER C 338 -17.93 28.01 -14.19
N ASP C 339 -16.82 27.39 -14.60
CA ASP C 339 -15.54 28.11 -14.60
C ASP C 339 -15.54 29.24 -15.62
N ILE C 340 -15.91 28.95 -16.87
CA ILE C 340 -15.96 29.99 -17.89
C ILE C 340 -17.35 30.64 -18.01
N ASN C 341 -18.34 30.16 -17.26
CA ASN C 341 -19.69 30.73 -17.28
C ASN C 341 -20.26 30.76 -18.70
N LYS C 342 -20.15 29.64 -19.40
CA LYS C 342 -20.71 29.46 -20.74
C LYS C 342 -21.39 28.11 -20.82
N ARG C 343 -22.40 28.01 -21.69
CA ARG C 343 -23.04 26.75 -21.97
C ARG C 343 -22.44 26.13 -23.22
N PHE C 344 -22.51 24.81 -23.32
CA PHE C 344 -22.08 24.11 -24.53
C PHE C 344 -22.93 22.88 -24.70
N LYS C 345 -22.85 22.29 -25.90
CA LYS C 345 -23.66 21.13 -26.26
C LYS C 345 -22.79 19.95 -26.65
N LEU C 346 -23.18 18.78 -26.17
CA LEU C 346 -22.63 17.50 -26.60
C LEU C 346 -23.76 16.63 -27.13
N GLU C 347 -23.43 15.74 -28.06
CA GLU C 347 -24.35 14.75 -28.55
C GLU C 347 -24.04 13.42 -27.88
N SER C 348 -25.09 12.67 -27.58
CA SER C 348 -24.91 11.37 -26.95
C SER C 348 -26.09 10.50 -27.33
N GLU C 349 -25.80 9.24 -27.61
CA GLU C 349 -26.91 8.33 -27.89
C GLU C 349 -27.66 7.99 -26.61
N VAL C 350 -26.93 7.72 -25.53
CA VAL C 350 -27.55 7.40 -24.25
C VAL C 350 -26.92 8.28 -23.18
N LEU C 351 -27.74 8.62 -22.19
CA LEU C 351 -27.35 9.46 -21.07
C LEU C 351 -27.56 8.64 -19.80
N ILE C 352 -26.50 8.49 -19.01
CA ILE C 352 -26.53 7.73 -17.77
C ILE C 352 -26.52 8.73 -16.62
N LEU C 353 -27.61 8.77 -15.86
CA LEU C 353 -27.77 9.72 -14.77
C LEU C 353 -27.18 9.13 -13.50
N ALA C 354 -26.07 9.72 -13.05
CA ALA C 354 -25.46 9.31 -11.80
C ALA C 354 -25.39 10.52 -10.89
N LEU C 355 -26.54 11.13 -10.63
CA LEU C 355 -26.64 12.42 -9.94
C LEU C 355 -26.79 12.28 -8.44
N GLY C 356 -26.74 11.07 -7.90
CA GLY C 356 -26.90 10.87 -6.48
C GLY C 356 -28.29 10.37 -6.11
N TYR C 357 -28.52 10.31 -4.80
CA TYR C 357 -29.75 9.75 -4.26
C TYR C 357 -30.41 10.74 -3.32
N GLU C 358 -31.72 10.58 -3.12
CA GLU C 358 -32.49 11.51 -2.32
C GLU C 358 -33.55 10.76 -1.54
N TYR C 359 -33.92 11.31 -0.39
CA TYR C 359 -34.99 10.74 0.42
C TYR C 359 -36.33 11.30 -0.05
N LYS C 360 -37.27 10.40 -0.32
CA LYS C 360 -38.63 10.81 -0.63
C LYS C 360 -39.55 10.30 0.47
N ILE C 361 -40.40 11.18 0.97
CA ILE C 361 -41.34 10.83 2.04
C ILE C 361 -42.32 9.83 1.48
N PRO C 362 -42.38 8.62 2.03
CA PRO C 362 -43.31 7.62 1.50
C PRO C 362 -44.77 8.03 1.68
N GLU C 363 -45.60 7.54 0.75
CA GLU C 363 -47.00 7.93 0.70
C GLU C 363 -47.77 7.40 1.90
N CYS C 364 -47.34 6.29 2.48
CA CYS C 364 -48.05 5.73 3.63
C CYS C 364 -48.11 6.72 4.79
N LEU C 365 -47.19 7.67 4.86
CA LEU C 365 -47.13 8.59 5.98
C LEU C 365 -48.17 9.69 5.94
N THR C 366 -48.77 9.95 4.77
CA THR C 366 -49.64 11.11 4.59
C THR C 366 -50.70 11.26 5.68
N PRO C 367 -51.46 10.24 6.08
CA PRO C 367 -52.53 10.48 7.06
C PRO C 367 -52.00 10.86 8.43
N ILE C 368 -50.71 10.67 8.71
CA ILE C 368 -50.23 10.95 10.05
C ILE C 368 -49.23 12.09 10.04
N ARG C 369 -49.18 12.87 8.95
CA ARG C 369 -48.22 13.96 8.84
C ARG C 369 -48.39 14.99 9.96
N THR C 370 -49.63 15.27 10.36
CA THR C 370 -49.83 16.26 11.41
C THR C 370 -49.46 15.72 12.79
N LEU C 371 -49.09 14.44 12.89
CA LEU C 371 -48.59 13.84 14.11
C LEU C 371 -47.07 13.80 14.17
N ILE C 372 -46.42 14.17 13.08
CA ILE C 372 -44.97 14.15 12.93
C ILE C 372 -44.45 15.57 13.13
N ASN C 373 -43.23 15.69 13.65
CA ASN C 373 -42.61 16.99 13.84
C ASN C 373 -41.87 17.43 12.59
N TRP C 374 -41.91 18.74 12.33
CA TRP C 374 -41.25 19.35 11.18
C TRP C 374 -40.35 20.48 11.66
N ASP C 375 -39.28 20.74 10.93
CA ASP C 375 -38.38 21.80 11.35
C ASP C 375 -38.76 23.10 10.66
N SER C 376 -37.89 24.12 10.77
CA SER C 376 -38.19 25.44 10.24
C SER C 376 -38.05 25.51 8.73
N LYS C 377 -37.63 24.43 8.08
CA LYS C 377 -37.52 24.37 6.63
C LYS C 377 -38.49 23.36 6.04
N GLY C 378 -39.52 22.97 6.78
CA GLY C 378 -40.45 21.97 6.30
C GLY C 378 -39.89 20.56 6.16
N ARG C 379 -38.85 20.22 6.89
CA ARG C 379 -38.29 18.88 6.86
C ARG C 379 -38.70 18.12 8.12
N ILE C 380 -38.73 16.80 8.01
CA ILE C 380 -38.98 15.99 9.19
C ILE C 380 -37.93 16.30 10.25
N ALA C 381 -38.38 16.60 11.45
CA ALA C 381 -37.50 16.95 12.56
C ALA C 381 -37.32 15.74 13.46
N LEU C 382 -36.08 15.48 13.86
CA LEU C 382 -35.72 14.30 14.63
C LEU C 382 -35.25 14.68 16.02
N ASN C 383 -35.76 13.98 17.03
CA ASN C 383 -35.17 14.05 18.35
C ASN C 383 -33.82 13.34 18.34
N TRP C 384 -33.06 13.56 19.42
CA TRP C 384 -31.76 12.94 19.51
C TRP C 384 -31.85 11.44 19.32
N ASN C 385 -32.90 10.82 19.87
CA ASN C 385 -33.07 9.37 19.82
C ASN C 385 -33.70 8.88 18.51
N TYR C 386 -33.82 9.75 17.51
CA TYR C 386 -34.25 9.46 16.13
C TYR C 386 -35.76 9.33 16.01
N SER C 387 -36.51 9.69 17.03
CA SER C 387 -37.96 9.75 16.89
C SER C 387 -38.36 11.04 16.20
N ILE C 388 -39.51 11.02 15.54
CA ILE C 388 -39.99 12.16 14.79
C ILE C 388 -41.36 12.65 15.27
N ASN C 389 -41.79 12.21 16.46
CA ASN C 389 -42.98 12.76 17.09
C ASN C 389 -42.74 12.93 18.58
N ASP C 390 -43.68 13.60 19.24
CA ASP C 390 -43.52 13.85 20.67
C ASP C 390 -43.70 12.57 21.46
N ASP C 391 -44.45 11.61 20.91
CA ASP C 391 -44.65 10.33 21.56
C ASP C 391 -43.36 9.52 21.65
N ASN C 392 -42.40 9.77 20.76
CA ASN C 392 -41.24 8.91 20.59
C ASN C 392 -41.71 7.50 20.29
N THR C 393 -42.62 7.39 19.33
CA THR C 393 -43.14 6.12 18.88
C THR C 393 -42.97 5.94 17.38
N ILE C 394 -42.38 6.91 16.68
CA ILE C 394 -42.05 6.78 15.27
C ILE C 394 -40.58 7.15 15.12
N PHE C 395 -39.77 6.20 14.65
CA PHE C 395 -38.34 6.40 14.56
C PHE C 395 -37.91 6.34 13.10
N ALA C 396 -36.85 7.10 12.79
CA ALA C 396 -36.42 7.33 11.41
C ALA C 396 -35.06 6.68 11.18
N GLN C 397 -35.00 5.76 10.22
CA GLN C 397 -33.73 5.24 9.70
C GLN C 397 -33.35 6.03 8.46
N ASN C 398 -32.11 6.50 8.42
CA ASN C 398 -31.58 7.15 7.22
C ASN C 398 -32.47 8.32 6.79
N ILE C 399 -32.87 9.14 7.78
CA ILE C 399 -33.53 10.43 7.53
C ILE C 399 -32.79 11.48 8.35
N GLY C 400 -32.68 12.68 7.79
CA GLY C 400 -32.18 13.80 8.58
C GLY C 400 -30.67 13.94 8.60
N ILE C 401 -30.07 13.91 7.41
CA ILE C 401 -28.66 14.26 7.27
C ILE C 401 -28.41 15.65 7.85
N TYR C 402 -29.40 16.54 7.68
CA TYR C 402 -29.38 17.88 8.23
C TYR C 402 -29.57 17.90 9.74
N SER C 403 -29.90 16.78 10.35
CA SER C 403 -30.15 16.77 11.80
C SER C 403 -29.14 15.95 12.58
N HIS C 404 -28.76 14.77 12.08
CA HIS C 404 -27.74 13.98 12.76
C HIS C 404 -26.41 13.91 12.00
N GLY C 405 -26.27 14.59 10.87
CA GLY C 405 -24.99 14.68 10.18
C GLY C 405 -24.87 13.73 9.00
N PHE C 406 -23.69 13.80 8.35
CA PHE C 406 -23.48 13.08 7.08
C PHE C 406 -23.42 11.57 7.25
N THR C 407 -23.19 11.06 8.45
CA THR C 407 -23.17 9.62 8.62
C THR C 407 -24.56 9.02 8.80
N VAL C 408 -25.62 9.79 8.63
CA VAL C 408 -26.97 9.25 8.69
C VAL C 408 -27.14 8.07 7.71
N PRO C 409 -26.64 8.12 6.47
CA PRO C 409 -26.67 6.92 5.61
C PRO C 409 -25.49 5.96 5.77
N ASP C 410 -24.60 6.18 6.73
CA ASP C 410 -23.39 5.36 6.86
C ASP C 410 -23.75 4.01 7.50
N LEU C 411 -23.47 2.91 6.79
CA LEU C 411 -23.70 1.58 7.33
C LEU C 411 -22.94 1.34 8.62
N GLY C 412 -21.84 2.08 8.84
CA GLY C 412 -21.07 1.96 10.06
C GLY C 412 -21.71 2.60 11.29
N MET C 413 -22.72 3.46 11.11
CA MET C 413 -23.47 4.02 12.22
C MET C 413 -24.87 3.42 12.34
N GLY C 414 -25.17 2.39 11.55
CA GLY C 414 -26.48 1.76 11.65
C GLY C 414 -26.72 1.11 13.00
N CYS C 415 -25.72 0.39 13.52
CA CYS C 415 -25.87 -0.25 14.82
C CYS C 415 -26.04 0.77 15.93
N TYR C 416 -25.38 1.93 15.82
CA TYR C 416 -25.55 2.96 16.84
C TYR C 416 -26.99 3.44 16.88
N ARG C 417 -27.57 3.71 15.70
CA ARG C 417 -28.95 4.16 15.64
C ARG C 417 -29.91 3.08 16.12
N ASN C 418 -29.72 1.84 15.63
CA ASN C 418 -30.59 0.76 16.07
C ASN C 418 -30.55 0.56 17.57
N ALA C 419 -29.35 0.63 18.17
CA ALA C 419 -29.25 0.48 19.62
C ALA C 419 -30.08 1.54 20.32
N ILE C 420 -29.98 2.79 19.87
CA ILE C 420 -30.68 3.86 20.54
C ILE C 420 -32.19 3.72 20.37
N ILE C 421 -32.64 3.33 19.17
CA ILE C 421 -34.06 3.07 18.97
C ILE C 421 -34.54 1.96 19.91
N ILE C 422 -33.81 0.83 19.92
CA ILE C 422 -34.19 -0.29 20.75
C ILE C 422 -34.18 0.10 22.23
N ASN C 423 -33.15 0.84 22.64
CA ASN C 423 -33.08 1.27 24.04
C ASN C 423 -34.23 2.20 24.38
N THR C 424 -34.60 3.10 23.47
CA THR C 424 -35.71 4.01 23.74
C THR C 424 -37.01 3.25 23.92
N ILE C 425 -37.31 2.33 22.99
CA ILE C 425 -38.59 1.64 23.02
C ILE C 425 -38.71 0.77 24.27
N LEU C 426 -37.66 0.04 24.63
CA LEU C 426 -37.71 -0.75 25.85
C LEU C 426 -37.49 0.07 27.12
N GLY C 427 -37.03 1.32 27.00
CA GLY C 427 -36.78 2.13 28.18
C GLY C 427 -35.62 1.70 29.06
N ARG C 428 -34.66 0.96 28.51
CA ARG C 428 -33.44 0.64 29.25
C ARG C 428 -32.32 0.43 28.25
N GLU C 429 -31.08 0.34 28.75
CA GLU C 429 -29.91 0.15 27.90
C GLU C 429 -29.69 -1.35 27.65
N VAL C 430 -30.50 -1.89 26.75
CA VAL C 430 -30.26 -3.26 26.28
C VAL C 430 -28.94 -3.34 25.56
N TYR C 431 -28.71 -2.42 24.62
CA TYR C 431 -27.46 -2.32 23.88
C TYR C 431 -26.77 -1.03 24.28
N PRO C 432 -25.85 -1.06 25.25
CA PRO C 432 -25.26 0.20 25.71
C PRO C 432 -24.39 0.79 24.62
N VAL C 433 -24.42 2.10 24.53
CA VAL C 433 -23.91 2.83 23.39
C VAL C 433 -22.74 3.68 23.84
N GLU C 434 -21.69 3.73 23.02
CA GLU C 434 -20.50 4.50 23.32
C GLU C 434 -20.81 6.00 23.34
N LYS C 435 -20.10 6.73 24.22
CA LYS C 435 -20.25 8.17 24.32
C LYS C 435 -19.07 8.94 23.80
N ARG C 436 -17.86 8.39 23.93
CA ARG C 436 -16.68 9.04 23.38
C ARG C 436 -15.74 7.98 22.84
N ILE C 437 -15.41 8.07 21.56
CA ILE C 437 -14.47 7.14 20.97
C ILE C 437 -13.37 7.91 20.24
N ALA C 438 -13.54 9.22 20.12
CA ALA C 438 -12.62 10.04 19.35
C ALA C 438 -11.54 10.68 20.23
N TYR C 439 -10.33 10.70 19.71
CA TYR C 439 -9.28 11.50 20.31
C TYR C 439 -9.59 13.00 20.20
N GLN C 440 -10.21 13.41 19.09
CA GLN C 440 -10.60 14.80 18.94
C GLN C 440 -11.75 15.13 19.89
N GLU C 441 -11.81 16.39 20.29
CA GLU C 441 -13.00 16.99 20.87
C GLU C 441 -13.57 18.00 19.88
N PHE C 442 -14.88 18.04 19.77
CA PHE C 442 -15.51 18.94 18.82
C PHE C 442 -16.03 20.20 19.47
N ALA C 443 -15.80 20.36 20.76
CA ALA C 443 -16.19 21.53 21.53
C ALA C 443 -15.41 21.51 22.81
N PRO C 444 -15.12 22.66 23.40
CA PRO C 444 -14.45 22.67 24.71
C PRO C 444 -15.45 22.29 25.79
N THR C 445 -14.91 22.10 26.99
CA THR C 445 -15.76 21.87 28.14
C THR C 445 -16.45 23.17 28.56
N THR C 446 -17.57 22.99 29.27
CA THR C 446 -18.33 24.14 29.78
C THR C 446 -17.44 25.12 30.53
N GLU C 447 -16.48 24.60 31.30
CA GLU C 447 -15.67 25.42 32.19
C GLU C 447 -14.64 26.26 31.43
N GLU C 448 -14.27 25.88 30.21
CA GLU C 448 -13.25 26.62 29.50
C GLU C 448 -13.82 27.82 28.76
N ILE C 449 -15.14 27.86 28.58
CA ILE C 449 -15.77 28.98 27.87
C ILE C 449 -15.60 30.26 28.68
N VAL C 450 -15.29 31.36 27.99
CA VAL C 450 -14.79 32.58 28.66
C VAL C 450 -15.63 33.11 29.84
N GLN D 24 37.00 -3.15 -45.12
CA GLN D 24 38.23 -2.41 -44.84
C GLN D 24 38.12 -1.68 -43.50
N HIS D 25 36.93 -1.18 -43.17
CA HIS D 25 36.76 -0.53 -41.87
C HIS D 25 36.84 -1.55 -40.74
N ILE D 26 37.52 -1.16 -39.67
CA ILE D 26 37.73 -2.04 -38.52
C ILE D 26 36.93 -1.48 -37.35
N TYR D 27 35.96 -2.25 -36.88
CA TYR D 27 35.13 -1.84 -35.76
C TYR D 27 35.85 -2.16 -34.46
N ASP D 28 35.51 -1.39 -33.42
CA ASP D 28 35.95 -1.77 -32.08
C ASP D 28 35.02 -2.79 -31.46
N ILE D 29 33.73 -2.69 -31.74
CA ILE D 29 32.74 -3.58 -31.14
C ILE D 29 31.77 -4.02 -32.21
N VAL D 30 31.55 -5.32 -32.29
CA VAL D 30 30.36 -5.87 -32.94
C VAL D 30 29.50 -6.50 -31.86
N GLY D 31 28.25 -6.09 -31.79
CA GLY D 31 27.31 -6.65 -30.85
C GLY D 31 26.39 -7.62 -31.55
N ILE D 32 26.38 -8.86 -31.06
CA ILE D 32 25.57 -9.91 -31.65
C ILE D 32 24.30 -10.04 -30.81
N GLY D 33 23.16 -9.77 -31.44
CA GLY D 33 21.89 -9.73 -30.74
C GLY D 33 21.63 -8.36 -30.16
N VAL D 34 20.43 -7.81 -30.37
CA VAL D 34 20.09 -6.52 -29.78
C VAL D 34 18.86 -6.68 -28.89
N GLY D 35 19.04 -7.38 -27.78
CA GLY D 35 18.09 -7.30 -26.69
C GLY D 35 18.38 -6.03 -25.89
N PRO D 36 17.77 -5.91 -24.73
CA PRO D 36 18.01 -4.71 -23.93
C PRO D 36 19.45 -4.49 -23.56
N PHE D 37 20.23 -5.55 -23.37
CA PHE D 37 21.59 -5.36 -22.87
C PHE D 37 22.51 -4.78 -23.94
N ASN D 38 22.50 -5.36 -25.15
CA ASN D 38 23.30 -4.77 -26.23
C ASN D 38 22.71 -3.45 -26.73
N LEU D 39 21.38 -3.32 -26.72
CA LEU D 39 20.78 -2.03 -27.02
C LEU D 39 21.30 -0.98 -26.06
N GLY D 40 21.44 -1.32 -24.77
CA GLY D 40 21.98 -0.38 -23.82
C GLY D 40 23.42 -0.04 -24.14
N LEU D 41 24.20 -1.04 -24.56
CA LEU D 41 25.60 -0.82 -24.90
C LEU D 41 25.74 0.10 -26.12
N ALA D 42 24.87 -0.08 -27.11
CA ALA D 42 24.83 0.88 -28.23
C ALA D 42 24.55 2.30 -27.72
N CYS D 43 23.55 2.45 -26.85
CA CYS D 43 23.18 3.79 -26.36
C CYS D 43 24.30 4.42 -25.56
N LEU D 44 25.06 3.61 -24.81
CA LEU D 44 26.16 4.12 -24.00
C LEU D 44 27.45 4.34 -24.80
N THR D 45 27.66 3.61 -25.89
CA THR D 45 28.86 3.85 -26.71
C THR D 45 28.64 4.92 -27.76
N GLN D 46 27.40 5.15 -28.16
CA GLN D 46 27.08 6.20 -29.11
C GLN D 46 27.71 7.55 -28.77
N PRO D 47 27.68 8.04 -27.53
CA PRO D 47 28.31 9.36 -27.27
C PRO D 47 29.83 9.34 -27.34
N LEU D 48 30.46 8.18 -27.50
CA LEU D 48 31.91 8.03 -27.44
C LEU D 48 32.47 7.85 -28.85
N ASN D 49 32.82 8.98 -29.48
CA ASN D 49 33.28 8.95 -30.86
C ASN D 49 34.60 8.21 -31.05
N GLU D 50 35.35 7.94 -29.98
CA GLU D 50 36.55 7.12 -30.11
C GLU D 50 36.23 5.65 -30.39
N LEU D 51 35.00 5.23 -30.17
CA LEU D 51 34.59 3.86 -30.46
C LEU D 51 33.84 3.79 -31.79
N SER D 52 34.14 2.75 -32.55
CA SER D 52 33.39 2.41 -33.74
C SER D 52 32.65 1.12 -33.46
N THR D 53 31.33 1.18 -33.44
CA THR D 53 30.51 0.05 -33.01
C THR D 53 29.42 -0.27 -34.03
N ILE D 54 29.00 -1.53 -34.04
CA ILE D 54 27.89 -1.95 -34.89
C ILE D 54 27.19 -3.13 -34.22
N PHE D 55 25.86 -3.18 -34.38
CA PHE D 55 25.04 -4.19 -33.73
C PHE D 55 24.10 -4.82 -34.74
N PHE D 56 23.83 -6.12 -34.54
CA PHE D 56 23.02 -6.92 -35.44
C PHE D 56 21.99 -7.72 -34.65
N ASP D 57 20.75 -7.76 -35.16
CA ASP D 57 19.72 -8.57 -34.54
C ASP D 57 18.85 -9.19 -35.61
N SER D 58 18.45 -10.43 -35.40
CA SER D 58 17.76 -11.18 -36.46
C SER D 58 16.28 -10.86 -36.58
N LYS D 59 15.65 -10.28 -35.56
CA LYS D 59 14.22 -9.97 -35.63
C LYS D 59 13.97 -8.81 -36.59
N ASP D 60 12.70 -8.58 -36.93
CA ASP D 60 12.39 -7.50 -37.87
C ASP D 60 12.61 -6.14 -37.22
N GLU D 61 12.32 -6.01 -35.94
CA GLU D 61 12.57 -4.78 -35.19
C GLU D 61 12.77 -5.18 -33.73
N PHE D 62 13.09 -4.22 -32.88
CA PHE D 62 13.17 -4.54 -31.47
C PHE D 62 11.85 -5.14 -31.00
N ASP D 63 11.94 -6.21 -30.22
CA ASP D 63 10.75 -6.80 -29.63
C ASP D 63 11.15 -7.42 -28.31
N TRP D 64 10.50 -7.01 -27.23
CA TRP D 64 10.86 -7.49 -25.90
C TRP D 64 9.72 -8.37 -25.38
N HIS D 65 9.75 -9.63 -25.81
CA HIS D 65 8.83 -10.67 -25.33
C HIS D 65 7.37 -10.26 -25.51
N SER D 66 7.05 -9.70 -26.69
CA SER D 66 5.69 -9.20 -26.87
C SER D 66 4.68 -10.32 -27.08
N GLY D 67 5.14 -11.57 -27.23
CA GLY D 67 4.22 -12.69 -27.26
C GLY D 67 3.65 -13.08 -25.90
N ILE D 68 4.28 -12.64 -24.81
CA ILE D 68 3.80 -12.90 -23.45
C ILE D 68 3.72 -11.54 -22.76
N MET D 69 2.74 -10.73 -23.17
CA MET D 69 2.66 -9.33 -22.76
C MET D 69 1.19 -8.93 -22.69
N PRO D 70 0.44 -9.50 -21.76
CA PRO D 70 -0.97 -9.11 -21.61
C PRO D 70 -1.07 -7.62 -21.30
N GLU D 71 -2.19 -7.02 -21.73
CA GLU D 71 -2.43 -5.62 -21.42
C GLU D 71 -2.29 -5.40 -19.92
N GLY D 72 -1.59 -4.31 -19.57
CA GLY D 72 -1.37 -3.95 -18.19
C GLY D 72 -0.18 -4.58 -17.52
N SER D 73 0.47 -5.55 -18.17
CA SER D 73 1.59 -6.21 -17.52
C SER D 73 2.79 -5.27 -17.45
N THR D 74 3.59 -5.43 -16.40
CA THR D 74 4.66 -4.50 -16.11
C THR D 74 5.97 -5.24 -15.94
N LEU D 75 7.06 -4.47 -15.99
CA LEU D 75 8.32 -4.96 -15.48
C LEU D 75 8.22 -5.16 -13.98
N GLN D 76 9.08 -6.03 -13.45
CA GLN D 76 9.11 -6.28 -12.01
C GLN D 76 10.17 -5.47 -11.29
N ILE D 77 10.83 -4.54 -11.96
CA ILE D 77 11.87 -3.72 -11.32
C ILE D 77 11.63 -2.27 -11.71
N PRO D 78 12.10 -1.33 -10.88
CA PRO D 78 11.81 0.08 -11.13
C PRO D 78 12.37 0.58 -12.45
N PHE D 79 11.75 1.65 -12.96
CA PHE D 79 12.05 2.20 -14.27
C PHE D 79 13.48 2.72 -14.39
N ILE D 80 14.22 2.86 -13.29
CA ILE D 80 15.63 3.24 -13.36
C ILE D 80 16.44 2.18 -14.10
N ALA D 81 15.92 0.95 -14.17
CA ALA D 81 16.58 -0.11 -14.91
C ALA D 81 16.31 0.01 -16.41
N ASP D 82 16.44 1.22 -16.93
CA ASP D 82 16.31 1.43 -18.35
C ASP D 82 17.64 1.16 -19.06
N LEU D 83 17.82 1.70 -20.26
CA LEU D 83 18.99 1.34 -21.06
C LEU D 83 20.28 1.99 -20.61
N VAL D 84 20.23 3.13 -19.88
CA VAL D 84 21.44 3.94 -19.70
C VAL D 84 21.57 4.55 -18.31
N SER D 85 20.47 4.70 -17.58
CA SER D 85 20.45 5.66 -16.48
C SER D 85 21.35 5.24 -15.31
N PHE D 86 21.56 3.93 -15.09
CA PHE D 86 22.44 3.53 -14.00
C PHE D 86 23.90 3.90 -14.29
N ALA D 87 24.24 4.12 -15.56
CA ALA D 87 25.56 4.62 -15.91
C ALA D 87 25.60 6.12 -16.04
N ASP D 88 24.54 6.71 -16.57
CA ASP D 88 24.53 8.12 -16.92
C ASP D 88 23.08 8.59 -17.10
N PRO D 89 22.48 9.18 -16.05
CA PRO D 89 21.12 9.74 -16.21
C PRO D 89 21.00 10.86 -17.22
N LYS D 90 22.11 11.46 -17.69
CA LYS D 90 22.03 12.53 -18.66
C LYS D 90 21.86 12.02 -20.07
N ASN D 91 22.02 10.71 -20.27
CA ASN D 91 22.12 10.17 -21.62
C ASN D 91 20.80 10.37 -22.36
N ASN D 92 20.91 10.60 -23.67
CA ASN D 92 19.72 10.92 -24.45
C ASN D 92 18.68 9.81 -24.41
N TYR D 93 19.07 8.58 -24.09
CA TYR D 93 18.17 7.43 -24.20
C TYR D 93 17.64 6.96 -22.86
N SER D 94 17.62 7.82 -21.84
CA SER D 94 16.95 7.48 -20.60
C SER D 94 15.44 7.35 -20.83
N PHE D 95 14.80 6.54 -19.99
CA PHE D 95 13.35 6.44 -20.03
C PHE D 95 12.71 7.81 -19.78
N LEU D 96 13.25 8.58 -18.82
CA LEU D 96 12.69 9.89 -18.55
C LEU D 96 12.71 10.76 -19.79
N ASN D 97 13.85 10.81 -20.48
CA ASN D 97 13.92 11.62 -21.69
C ASN D 97 12.97 11.07 -22.75
N TYR D 98 12.86 9.74 -22.84
CA TYR D 98 11.88 9.16 -23.75
C TYR D 98 10.48 9.69 -23.46
N LEU D 99 10.10 9.72 -22.17
CA LEU D 99 8.76 10.19 -21.80
C LEU D 99 8.61 11.67 -22.09
N LYS D 100 9.67 12.45 -21.85
CA LYS D 100 9.62 13.87 -22.13
C LYS D 100 9.39 14.13 -23.61
N LEU D 101 10.17 13.48 -24.47
CA LEU D 101 10.05 13.70 -25.90
C LEU D 101 8.73 13.18 -26.44
N HIS D 102 8.03 12.32 -25.70
CA HIS D 102 6.76 11.75 -26.15
C HIS D 102 5.57 12.22 -25.34
N ASN D 103 5.68 13.35 -24.63
CA ASN D 103 4.54 13.92 -23.90
C ASN D 103 3.89 12.87 -22.99
N ARG D 104 4.73 12.09 -22.29
CA ARG D 104 4.24 11.16 -21.28
C ARG D 104 4.89 11.35 -19.92
N LEU D 105 5.79 12.32 -19.78
CA LEU D 105 6.54 12.47 -18.53
C LEU D 105 5.63 12.87 -17.37
N TYR D 106 4.83 13.92 -17.56
CA TYR D 106 3.90 14.35 -16.51
C TYR D 106 2.92 13.24 -16.16
N GLN D 107 2.43 12.53 -17.18
CA GLN D 107 1.46 11.48 -16.98
C GLN D 107 2.07 10.30 -16.24
N PHE D 108 3.28 9.89 -16.62
CA PHE D 108 3.90 8.74 -15.98
C PHE D 108 4.03 8.98 -14.47
N PHE D 109 4.27 10.23 -14.07
CA PHE D 109 4.46 10.51 -12.65
C PHE D 109 3.16 10.80 -11.92
N ILE D 110 2.09 11.14 -12.64
CA ILE D 110 0.79 11.09 -12.00
C ILE D 110 0.40 9.64 -11.74
N ARG D 111 0.69 8.75 -12.71
CA ARG D 111 0.44 7.33 -12.53
C ARG D 111 1.19 6.81 -11.31
N GLU D 112 2.36 7.38 -11.04
CA GLU D 112 3.10 7.18 -9.81
C GLU D 112 3.32 5.69 -9.50
N SER D 113 3.76 4.96 -10.52
CA SER D 113 4.24 3.60 -10.34
C SER D 113 5.70 3.55 -10.76
N PHE D 114 6.50 2.79 -10.01
CA PHE D 114 7.90 2.59 -10.38
C PHE D 114 8.05 1.65 -11.56
N PHE D 115 6.99 0.97 -11.96
CA PHE D 115 7.12 -0.13 -12.91
C PHE D 115 6.54 0.26 -14.25
N ILE D 116 7.38 0.18 -15.28
CA ILE D 116 6.96 0.50 -16.64
C ILE D 116 6.05 -0.60 -17.15
N LEU D 117 4.97 -0.22 -17.84
CA LEU D 117 4.21 -1.19 -18.61
C LEU D 117 5.13 -1.85 -19.63
N ARG D 118 4.99 -3.17 -19.76
CA ARG D 118 5.86 -3.87 -20.70
C ARG D 118 5.65 -3.32 -22.11
N ALA D 119 4.41 -2.98 -22.46
CA ALA D 119 4.17 -2.45 -23.79
C ALA D 119 4.83 -1.10 -23.97
N GLU D 120 4.93 -0.30 -22.91
CA GLU D 120 5.61 0.97 -23.05
C GLU D 120 7.11 0.79 -23.10
N TYR D 121 7.64 -0.13 -22.31
CA TYR D 121 9.06 -0.43 -22.37
C TYR D 121 9.44 -0.89 -23.77
N ASN D 122 8.58 -1.69 -24.40
CA ASN D 122 8.79 -2.03 -25.80
C ASN D 122 8.89 -0.78 -26.67
N LEU D 123 7.92 0.13 -26.53
CA LEU D 123 7.95 1.34 -27.35
C LEU D 123 9.21 2.15 -27.06
N TYR D 124 9.61 2.20 -25.80
CA TYR D 124 10.84 2.87 -25.40
C TYR D 124 12.05 2.30 -26.15
N CYS D 125 12.30 1.00 -25.99
CA CYS D 125 13.45 0.37 -26.65
C CYS D 125 13.36 0.47 -28.18
N LYS D 126 12.17 0.29 -28.75
CA LYS D 126 12.01 0.50 -30.19
C LYS D 126 12.45 1.91 -30.58
N TRP D 127 11.97 2.90 -29.82
CA TRP D 127 12.35 4.28 -30.09
C TRP D 127 13.86 4.46 -30.08
N ALA D 128 14.53 3.91 -29.06
CA ALA D 128 15.98 4.08 -28.99
C ALA D 128 16.66 3.35 -30.14
N ALA D 129 16.31 2.08 -30.36
CA ALA D 129 16.93 1.33 -31.45
C ALA D 129 16.77 2.04 -32.78
N GLU D 130 15.68 2.78 -32.96
CA GLU D 130 15.42 3.43 -34.24
C GLU D 130 16.28 4.67 -34.45
N GLN D 131 16.79 5.27 -33.38
CA GLN D 131 17.63 6.45 -33.48
C GLN D 131 19.08 6.12 -33.81
N LEU D 132 19.49 4.87 -33.68
CA LEU D 132 20.90 4.50 -33.84
C LEU D 132 21.02 3.81 -35.19
N GLU D 133 21.62 4.50 -36.17
CA GLU D 133 21.76 3.93 -37.51
C GLU D 133 22.70 2.74 -37.52
N ASN D 134 23.56 2.59 -36.51
CA ASN D 134 24.48 1.48 -36.45
C ASN D 134 23.88 0.25 -35.76
N VAL D 135 22.57 0.25 -35.52
CA VAL D 135 21.88 -0.91 -34.96
C VAL D 135 21.03 -1.48 -36.09
N HIS D 136 21.39 -2.67 -36.55
CA HIS D 136 20.82 -3.22 -37.77
C HIS D 136 19.98 -4.43 -37.41
N PHE D 137 18.70 -4.36 -37.74
CA PHE D 137 17.82 -5.50 -37.55
C PHE D 137 17.73 -6.28 -38.86
N LYS D 138 16.95 -7.35 -38.85
CA LYS D 138 16.90 -8.27 -39.98
C LYS D 138 18.31 -8.75 -40.32
N SER D 139 19.11 -8.95 -39.27
CA SER D 139 20.53 -9.28 -39.38
C SER D 139 20.85 -10.46 -38.46
N PHE D 140 21.00 -11.65 -39.03
CA PHE D 140 21.31 -12.85 -38.28
C PHE D 140 22.80 -13.14 -38.37
N VAL D 141 23.50 -13.02 -37.24
CA VAL D 141 24.93 -13.31 -37.22
C VAL D 141 25.08 -14.81 -37.38
N GLU D 142 25.64 -15.21 -38.52
CA GLU D 142 25.72 -16.60 -38.93
C GLU D 142 27.04 -17.26 -38.60
N ARG D 143 28.15 -16.53 -38.65
CA ARG D 143 29.46 -17.14 -38.51
C ARG D 143 30.46 -16.11 -38.03
N ILE D 144 31.34 -16.51 -37.11
CA ILE D 144 32.48 -15.68 -36.69
C ILE D 144 33.77 -16.48 -36.84
N ASP D 145 34.75 -15.90 -37.53
CA ASP D 145 36.11 -16.43 -37.61
C ASP D 145 37.10 -15.43 -37.05
N TYR D 146 38.28 -15.92 -36.64
CA TYR D 146 39.29 -15.07 -36.01
C TYR D 146 40.59 -15.17 -36.78
N ASP D 147 41.17 -14.02 -37.07
CA ASP D 147 42.47 -13.92 -37.74
C ASP D 147 43.54 -13.84 -36.65
N GLU D 148 44.23 -14.95 -36.40
CA GLU D 148 45.23 -14.98 -35.34
C GLU D 148 46.37 -13.99 -35.61
N SER D 149 46.57 -13.62 -36.87
CA SER D 149 47.65 -12.72 -37.24
C SER D 149 47.29 -11.25 -37.11
N ARG D 150 46.09 -10.85 -37.55
CA ARG D 150 45.68 -9.46 -37.41
C ARG D 150 44.93 -9.20 -36.11
N GLN D 151 44.66 -10.23 -35.31
CA GLN D 151 43.87 -10.14 -34.09
C GLN D 151 42.52 -9.45 -34.36
N LEU D 152 41.85 -9.90 -35.42
CA LEU D 152 40.57 -9.33 -35.82
C LEU D 152 39.60 -10.47 -36.04
N TYR D 153 38.35 -10.23 -35.66
CA TYR D 153 37.26 -11.16 -35.92
C TYR D 153 36.56 -10.75 -37.21
N THR D 154 36.16 -11.74 -38.01
CA THR D 154 35.33 -11.50 -39.18
C THR D 154 33.93 -12.05 -38.88
N VAL D 155 32.94 -11.16 -38.90
CA VAL D 155 31.56 -11.50 -38.58
C VAL D 155 30.76 -11.51 -39.87
N ARG D 156 30.09 -12.63 -40.15
CA ARG D 156 29.24 -12.79 -41.33
C ARG D 156 27.77 -12.76 -40.92
N VAL D 157 27.02 -11.84 -41.52
CA VAL D 157 25.66 -11.53 -41.11
C VAL D 157 24.73 -11.79 -42.29
N LYS D 158 23.73 -12.65 -42.09
CA LYS D 158 22.74 -12.89 -43.12
C LYS D 158 21.66 -11.82 -43.03
N GLN D 159 21.37 -11.18 -44.16
CA GLN D 159 20.35 -10.15 -44.28
C GLN D 159 19.48 -10.49 -45.49
N PRO D 160 18.28 -9.90 -45.57
CA PRO D 160 17.41 -10.22 -46.72
C PRO D 160 18.03 -9.91 -48.07
N GLN D 161 18.76 -8.80 -48.20
CA GLN D 161 19.38 -8.44 -49.47
C GLN D 161 20.74 -9.08 -49.69
N GLY D 162 21.20 -9.91 -48.76
CA GLY D 162 22.48 -10.58 -48.93
C GLY D 162 23.17 -10.77 -47.59
N GLU D 163 24.49 -10.69 -47.62
CA GLU D 163 25.29 -10.93 -46.43
C GLU D 163 26.25 -9.77 -46.21
N MET D 164 26.38 -9.35 -44.96
CA MET D 164 27.33 -8.32 -44.57
C MET D 164 28.51 -8.98 -43.87
N LYS D 165 29.73 -8.60 -44.25
CA LYS D 165 30.95 -9.05 -43.61
C LYS D 165 31.62 -7.82 -42.99
N VAL D 166 31.75 -7.81 -41.67
CA VAL D 166 32.46 -6.72 -41.00
C VAL D 166 33.60 -7.30 -40.18
N VAL D 167 34.63 -6.48 -39.97
CA VAL D 167 35.79 -6.85 -39.18
C VAL D 167 35.80 -6.04 -37.90
N THR D 168 36.25 -6.64 -36.81
CA THR D 168 36.12 -6.01 -35.50
C THR D 168 37.22 -6.50 -34.57
N LYS D 169 37.61 -5.63 -33.63
CA LYS D 169 38.56 -5.99 -32.59
C LYS D 169 37.90 -6.76 -31.44
N ASN D 170 36.66 -6.41 -31.09
CA ASN D 170 35.97 -7.09 -30.01
C ASN D 170 34.57 -7.51 -30.44
N LEU D 171 34.08 -8.57 -29.78
CA LEU D 171 32.71 -9.03 -29.88
C LEU D 171 32.01 -8.84 -28.54
N VAL D 172 30.73 -8.49 -28.58
CA VAL D 172 29.88 -8.49 -27.41
C VAL D 172 28.68 -9.37 -27.74
N LEU D 173 28.57 -10.50 -27.05
CA LEU D 173 27.50 -11.46 -27.29
C LEU D 173 26.28 -11.05 -26.47
N GLY D 174 25.17 -10.80 -27.13
CA GLY D 174 23.93 -10.52 -26.44
C GLY D 174 22.78 -11.26 -27.08
N THR D 175 22.89 -12.58 -27.18
CA THR D 175 21.88 -13.37 -27.86
C THR D 175 20.77 -13.83 -26.92
N GLY D 176 20.80 -13.40 -25.67
CA GLY D 176 19.74 -13.62 -24.69
C GLY D 176 19.51 -15.08 -24.38
N THR D 177 18.25 -15.38 -24.04
CA THR D 177 17.80 -16.71 -23.68
C THR D 177 16.50 -17.02 -24.40
N THR D 178 16.16 -18.31 -24.42
CA THR D 178 15.03 -18.84 -25.14
C THR D 178 14.22 -19.76 -24.25
N PRO D 179 12.94 -19.97 -24.55
CA PRO D 179 12.10 -20.85 -23.71
C PRO D 179 12.60 -22.28 -23.68
N ILE D 180 12.40 -22.94 -22.53
CA ILE D 180 12.79 -24.33 -22.40
C ILE D 180 11.67 -25.22 -22.92
N THR D 181 12.02 -26.19 -23.75
CA THR D 181 11.10 -27.26 -24.14
C THR D 181 11.78 -28.60 -23.88
N PRO D 182 11.28 -29.40 -22.95
CA PRO D 182 11.84 -30.75 -22.76
C PRO D 182 11.65 -31.55 -24.02
N LYS D 183 12.60 -32.48 -24.25
CA LYS D 183 12.53 -33.34 -25.44
C LYS D 183 11.16 -34.03 -25.54
N PHE D 184 10.63 -34.52 -24.42
CA PHE D 184 9.41 -35.33 -24.52
C PHE D 184 8.17 -34.50 -24.84
N CYS D 185 8.24 -33.17 -24.72
CA CYS D 185 7.17 -32.29 -25.17
C CYS D 185 7.32 -31.85 -26.63
N GLN D 186 8.37 -32.29 -27.32
CA GLN D 186 8.55 -31.90 -28.71
C GLN D 186 7.74 -32.81 -29.63
N GLY D 187 7.40 -32.28 -30.80
CA GLY D 187 6.64 -33.04 -31.77
C GLY D 187 5.16 -32.94 -31.60
N TYR D 188 4.68 -31.93 -30.89
CA TYR D 188 3.24 -31.74 -30.68
C TYR D 188 2.84 -30.30 -30.99
N PRO D 189 3.21 -29.77 -32.16
CA PRO D 189 3.09 -28.32 -32.39
C PRO D 189 1.66 -27.81 -32.35
N GLU D 190 0.66 -28.67 -32.53
CA GLU D 190 -0.72 -28.21 -32.49
C GLU D 190 -1.22 -28.06 -31.06
N GLN D 191 -0.75 -28.91 -30.13
CA GLN D 191 -1.31 -28.99 -28.80
C GLN D 191 -0.42 -28.45 -27.69
N ILE D 192 0.89 -28.33 -27.91
CA ILE D 192 1.83 -27.83 -26.92
C ILE D 192 2.45 -26.56 -27.47
N GLN D 193 2.42 -25.49 -26.68
CA GLN D 193 3.05 -24.24 -27.06
C GLN D 193 3.86 -23.68 -25.91
N SER D 194 4.74 -22.75 -26.23
CA SER D 194 5.47 -22.05 -25.18
C SER D 194 4.66 -20.89 -24.65
N SER D 195 4.87 -20.56 -23.37
CA SER D 195 4.26 -19.36 -22.82
C SER D 195 4.66 -18.12 -23.62
N ALA D 196 5.84 -18.16 -24.25
CA ALA D 196 6.35 -17.02 -25.00
C ALA D 196 5.45 -16.64 -26.16
N ASP D 197 4.62 -17.57 -26.64
CA ASP D 197 3.74 -17.33 -27.78
C ASP D 197 2.28 -17.29 -27.35
N TYR D 198 2.04 -16.92 -26.09
CA TYR D 198 0.69 -17.02 -25.52
C TYR D 198 -0.30 -16.18 -26.33
N LEU D 199 0.02 -14.89 -26.54
CA LEU D 199 -0.91 -13.99 -27.19
C LEU D 199 -1.21 -14.42 -28.63
N ARG D 200 -0.29 -15.13 -29.29
CA ARG D 200 -0.62 -15.65 -30.61
C ARG D 200 -1.70 -16.72 -30.55
N HIS D 201 -1.86 -17.40 -29.42
CA HIS D 201 -2.74 -18.55 -29.34
C HIS D 201 -3.93 -18.36 -28.44
N LYS D 202 -4.01 -17.23 -27.74
CA LYS D 202 -5.08 -17.04 -26.77
C LYS D 202 -6.45 -17.28 -27.40
N LYS D 203 -6.66 -16.80 -28.62
CA LYS D 203 -7.96 -16.92 -29.26
C LYS D 203 -8.37 -18.39 -29.40
N ASP D 204 -7.47 -19.24 -29.89
CA ASP D 204 -7.77 -20.66 -29.94
C ASP D 204 -8.01 -21.21 -28.55
N TYR D 205 -7.15 -20.84 -27.61
CA TYR D 205 -7.26 -21.31 -26.23
C TYR D 205 -8.65 -21.06 -25.67
N LEU D 206 -9.19 -19.86 -25.91
CA LEU D 206 -10.48 -19.51 -25.32
C LEU D 206 -11.59 -20.43 -25.78
N THR D 207 -11.39 -21.16 -26.88
CA THR D 207 -12.39 -22.09 -27.40
C THR D 207 -12.24 -23.50 -26.84
N LYS D 208 -11.22 -23.79 -26.07
CA LYS D 208 -10.96 -25.17 -25.67
C LYS D 208 -11.77 -25.55 -24.43
N LYS D 209 -11.86 -26.87 -24.22
CA LYS D 209 -12.48 -27.39 -23.01
C LYS D 209 -11.50 -27.46 -21.85
N SER D 210 -10.20 -27.51 -22.11
CA SER D 210 -9.24 -27.59 -21.02
C SER D 210 -7.90 -26.96 -21.44
N ILE D 211 -7.32 -26.21 -20.51
CA ILE D 211 -6.06 -25.52 -20.72
C ILE D 211 -5.20 -25.80 -19.50
N THR D 212 -4.02 -26.37 -19.72
CA THR D 212 -3.13 -26.70 -18.61
C THR D 212 -1.83 -25.91 -18.75
N ILE D 213 -1.49 -25.18 -17.70
CA ILE D 213 -0.26 -24.39 -17.63
C ILE D 213 0.70 -25.14 -16.72
N VAL D 214 1.89 -25.49 -17.23
CA VAL D 214 2.92 -26.10 -16.41
C VAL D 214 4.05 -25.11 -16.21
N GLY D 215 4.30 -24.74 -14.95
CA GLY D 215 5.31 -23.77 -14.62
C GLY D 215 4.76 -22.66 -13.75
N GLY D 216 5.32 -22.50 -12.54
CA GLY D 216 4.74 -21.61 -11.55
C GLY D 216 5.43 -20.27 -11.38
N GLY D 217 6.23 -19.86 -12.37
CA GLY D 217 6.87 -18.57 -12.37
C GLY D 217 5.95 -17.50 -12.94
N GLN D 218 6.52 -16.30 -13.13
CA GLN D 218 5.72 -15.15 -13.52
C GLN D 218 5.03 -15.38 -14.87
N SER D 219 5.72 -16.03 -15.81
CA SER D 219 5.10 -16.35 -17.09
C SER D 219 3.83 -17.14 -16.88
N GLY D 220 3.92 -18.25 -16.15
CA GLY D 220 2.76 -19.06 -15.90
C GLY D 220 1.67 -18.28 -15.19
N ALA D 221 2.06 -17.44 -14.21
CA ALA D 221 1.06 -16.76 -13.39
C ALA D 221 0.27 -15.76 -14.21
N GLU D 222 0.95 -15.00 -15.07
CA GLU D 222 0.26 -14.02 -15.89
C GLU D 222 -0.67 -14.70 -16.87
N ILE D 223 -0.25 -15.83 -17.44
CA ILE D 223 -1.17 -16.59 -18.27
C ILE D 223 -2.34 -17.12 -17.46
N TYR D 224 -2.07 -17.62 -16.24
CA TYR D 224 -3.14 -18.10 -15.41
C TYR D 224 -4.10 -16.98 -15.09
N TYR D 225 -3.57 -15.85 -14.62
CA TYR D 225 -4.42 -14.70 -14.32
C TYR D 225 -5.22 -14.28 -15.55
N ASP D 226 -4.56 -14.20 -16.70
CA ASP D 226 -5.25 -13.70 -17.88
C ASP D 226 -6.39 -14.62 -18.28
N LEU D 227 -6.18 -15.93 -18.16
CA LEU D 227 -7.24 -16.87 -18.50
C LEU D 227 -8.29 -16.97 -17.38
N LEU D 228 -7.86 -16.86 -16.12
CA LEU D 228 -8.84 -16.87 -15.03
C LEU D 228 -9.80 -15.69 -15.15
N SER D 229 -9.31 -14.54 -15.64
CA SER D 229 -10.15 -13.36 -15.76
C SER D 229 -11.34 -13.62 -16.66
N GLU D 230 -11.18 -14.45 -17.68
CA GLU D 230 -12.17 -14.63 -18.72
C GLU D 230 -12.91 -15.95 -18.60
N ILE D 231 -12.64 -16.72 -17.54
CA ILE D 231 -13.09 -18.11 -17.47
C ILE D 231 -14.60 -18.21 -17.51
N ASP D 232 -15.30 -17.18 -17.02
CA ASP D 232 -16.76 -17.21 -16.99
C ASP D 232 -17.37 -17.06 -18.39
N GLN D 233 -16.63 -16.53 -19.35
CA GLN D 233 -17.13 -16.31 -20.70
C GLN D 233 -16.94 -17.50 -21.62
N HIS D 234 -16.29 -18.56 -21.15
CA HIS D 234 -15.95 -19.67 -22.03
C HIS D 234 -16.26 -20.94 -21.27
N GLY D 235 -15.81 -22.07 -21.81
CA GLY D 235 -16.07 -23.33 -21.16
C GLY D 235 -14.83 -24.18 -20.95
N TYR D 236 -13.71 -23.55 -20.62
CA TYR D 236 -12.49 -24.32 -20.38
C TYR D 236 -12.30 -24.54 -18.90
N GLN D 237 -11.78 -25.71 -18.56
CA GLN D 237 -11.18 -25.90 -17.25
C GLN D 237 -9.74 -25.42 -17.29
N LEU D 238 -9.32 -24.70 -16.25
CA LEU D 238 -8.02 -24.05 -16.23
C LEU D 238 -7.15 -24.70 -15.16
N ASN D 239 -6.15 -25.47 -15.58
CA ASN D 239 -5.23 -26.12 -14.66
C ASN D 239 -3.87 -25.43 -14.70
N TRP D 240 -3.26 -25.31 -13.52
CA TRP D 240 -1.96 -24.67 -13.33
C TRP D 240 -1.18 -25.51 -12.35
N LEU D 241 -0.02 -26.00 -12.76
CA LEU D 241 0.80 -26.84 -11.88
C LEU D 241 2.25 -26.39 -11.93
N THR D 242 2.94 -26.54 -10.80
CA THR D 242 4.36 -26.27 -10.72
C THR D 242 5.01 -27.35 -9.87
N LYS D 243 6.28 -27.61 -10.14
CA LYS D 243 7.02 -28.55 -9.32
C LYS D 243 7.61 -27.91 -8.07
N ALA D 244 7.60 -26.57 -8.00
CA ALA D 244 8.13 -25.89 -6.83
C ALA D 244 7.30 -26.26 -5.59
N PRO D 245 7.88 -26.17 -4.41
CA PRO D 245 7.16 -26.59 -3.19
C PRO D 245 5.92 -25.79 -2.89
N HIS D 246 5.79 -24.61 -3.47
CA HIS D 246 4.60 -23.79 -3.44
C HIS D 246 4.74 -22.78 -4.57
N PHE D 247 3.64 -22.12 -4.91
CA PHE D 247 3.76 -21.02 -5.86
C PHE D 247 4.37 -19.83 -5.14
N PHE D 248 5.67 -19.92 -4.85
CA PHE D 248 6.34 -18.95 -4.01
C PHE D 248 6.43 -17.59 -4.69
N SER D 249 6.57 -16.56 -3.86
CA SER D 249 6.72 -15.18 -4.31
C SER D 249 8.20 -14.86 -4.48
N MET D 250 8.47 -13.92 -5.38
CA MET D 250 9.82 -13.39 -5.48
C MET D 250 10.11 -12.53 -4.26
N ASP D 251 11.25 -12.77 -3.61
CA ASP D 251 11.62 -12.03 -2.41
C ASP D 251 12.29 -10.72 -2.84
N LEU D 252 11.51 -9.64 -2.87
CA LEU D 252 12.04 -8.33 -3.18
C LEU D 252 12.17 -7.45 -1.93
N GLY D 253 12.24 -8.08 -0.75
CA GLY D 253 12.55 -7.35 0.46
C GLY D 253 13.82 -6.56 0.25
N LYS D 254 13.86 -5.35 0.81
CA LYS D 254 14.92 -4.43 0.48
C LYS D 254 16.28 -4.94 0.95
N LEU D 255 16.32 -5.72 2.04
CA LEU D 255 17.60 -6.29 2.46
C LEU D 255 18.04 -7.41 1.53
N THR D 256 17.11 -8.02 0.79
CA THR D 256 17.47 -8.98 -0.24
C THR D 256 17.79 -8.29 -1.56
N LEU D 257 17.13 -7.16 -1.85
CA LEU D 257 17.48 -6.36 -3.01
C LEU D 257 18.94 -5.91 -2.97
N GLU D 258 19.54 -5.81 -1.78
CA GLU D 258 20.95 -5.44 -1.70
C GLU D 258 21.84 -6.46 -2.39
N TYR D 259 21.33 -7.68 -2.61
CA TYR D 259 22.08 -8.63 -3.41
C TYR D 259 22.14 -8.24 -4.87
N THR D 260 21.32 -7.27 -5.31
CA THR D 260 21.39 -6.76 -6.68
C THR D 260 22.34 -5.57 -6.65
N SER D 261 23.61 -5.88 -6.77
CA SER D 261 24.59 -4.85 -6.47
C SER D 261 25.97 -5.25 -6.95
N PRO D 262 26.85 -4.29 -7.24
CA PRO D 262 28.26 -4.64 -7.47
C PRO D 262 28.84 -5.41 -6.31
N ASP D 263 28.53 -4.97 -5.08
CA ASP D 263 28.94 -5.64 -3.86
C ASP D 263 28.76 -7.14 -3.96
N TYR D 264 27.51 -7.54 -4.18
CA TYR D 264 27.22 -8.96 -4.20
C TYR D 264 27.77 -9.62 -5.47
N THR D 265 27.64 -8.96 -6.61
CA THR D 265 28.20 -9.51 -7.84
C THR D 265 29.68 -9.85 -7.68
N SER D 266 30.47 -8.89 -7.18
CA SER D 266 31.88 -9.17 -6.96
C SER D 266 32.07 -10.28 -5.94
N HIS D 267 31.26 -10.28 -4.86
CA HIS D 267 31.41 -11.30 -3.83
C HIS D 267 31.14 -12.68 -4.40
N PHE D 268 30.02 -12.82 -5.11
CA PHE D 268 29.68 -14.10 -5.72
C PHE D 268 30.75 -14.53 -6.72
N TYR D 269 31.26 -13.57 -7.51
CA TYR D 269 32.24 -13.95 -8.52
C TYR D 269 33.48 -14.56 -7.89
N SER D 270 33.88 -14.08 -6.70
CA SER D 270 35.09 -14.58 -6.07
C SER D 270 34.95 -15.99 -5.50
N LEU D 271 33.74 -16.46 -5.26
CA LEU D 271 33.54 -17.70 -4.53
C LEU D 271 34.00 -18.90 -5.34
N ASP D 272 34.35 -19.97 -4.62
CA ASP D 272 34.64 -21.26 -5.21
C ASP D 272 33.58 -21.66 -6.23
N GLU D 273 33.99 -22.45 -7.23
CA GLU D 273 33.08 -22.83 -8.30
C GLU D 273 31.87 -23.59 -7.77
N ASP D 274 32.11 -24.60 -6.93
CA ASP D 274 31.01 -25.42 -6.41
C ASP D 274 30.13 -24.62 -5.44
N LYS D 275 30.75 -23.79 -4.60
CA LYS D 275 29.98 -22.87 -3.78
C LYS D 275 29.10 -21.97 -4.66
N ARG D 276 29.63 -21.53 -5.81
CA ARG D 276 28.81 -20.72 -6.71
C ARG D 276 27.57 -21.48 -7.15
N ASP D 277 27.74 -22.77 -7.53
CA ASP D 277 26.57 -23.56 -7.92
C ASP D 277 25.63 -23.81 -6.75
N GLN D 278 26.15 -24.06 -5.55
CA GLN D 278 25.30 -24.26 -4.38
C GLN D 278 24.48 -23.00 -4.09
N VAL D 279 25.12 -21.84 -4.10
CA VAL D 279 24.44 -20.58 -3.79
C VAL D 279 23.33 -20.32 -4.81
N ILE D 280 23.66 -20.40 -6.10
CA ILE D 280 22.66 -20.19 -7.14
C ILE D 280 21.50 -21.17 -6.99
N GLY D 281 21.80 -22.42 -6.57
CA GLY D 281 20.74 -23.40 -6.38
C GLY D 281 19.73 -23.00 -5.32
N SER D 282 20.15 -22.20 -4.33
CA SER D 282 19.29 -21.83 -3.21
C SER D 282 18.62 -20.47 -3.39
N GLN D 283 18.74 -19.84 -4.55
CA GLN D 283 18.31 -18.45 -4.70
C GLN D 283 17.13 -18.27 -5.67
N ASN D 284 16.34 -19.31 -5.89
CA ASN D 284 15.24 -19.17 -6.84
C ASN D 284 14.28 -18.04 -6.46
N ALA D 285 14.12 -17.76 -5.16
CA ALA D 285 13.20 -16.74 -4.68
C ALA D 285 13.72 -15.33 -4.88
N LEU D 286 15.02 -15.17 -5.15
CA LEU D 286 15.55 -13.84 -5.39
C LEU D 286 15.19 -13.29 -6.76
N TYR D 287 14.89 -14.15 -7.74
CA TYR D 287 14.73 -13.68 -9.11
C TYR D 287 13.71 -14.49 -9.92
N LYS D 288 13.21 -15.59 -9.35
CA LYS D 288 12.16 -16.33 -10.02
C LYS D 288 10.92 -16.35 -9.12
N GLY D 289 9.99 -17.30 -9.34
CA GLY D 289 8.73 -17.20 -8.63
C GLY D 289 7.89 -16.03 -9.16
N ILE D 290 6.90 -15.63 -8.37
CA ILE D 290 5.89 -14.69 -8.84
C ILE D 290 5.97 -13.38 -8.07
N GLU D 291 5.69 -12.28 -8.76
CA GLU D 291 5.61 -10.97 -8.12
C GLU D 291 4.54 -11.02 -7.03
N LEU D 292 4.88 -10.52 -5.85
CA LEU D 292 4.02 -10.67 -4.68
C LEU D 292 2.66 -10.02 -4.89
N SER D 293 2.66 -8.76 -5.32
CA SER D 293 1.40 -8.09 -5.64
C SER D 293 0.61 -8.93 -6.63
N PHE D 294 1.30 -9.69 -7.48
CA PHE D 294 0.64 -10.47 -8.52
C PHE D 294 0.07 -11.79 -7.98
N VAL D 295 0.80 -12.49 -7.11
CA VAL D 295 0.20 -13.64 -6.41
C VAL D 295 -1.08 -13.21 -5.71
N ASN D 296 -1.05 -12.03 -5.05
CA ASN D 296 -2.20 -11.61 -4.27
C ASN D 296 -3.39 -11.22 -5.17
N ARG D 297 -3.15 -10.64 -6.35
CA ARG D 297 -4.26 -10.39 -7.25
C ARG D 297 -4.90 -11.68 -7.73
N ILE D 298 -4.11 -12.74 -7.90
CA ILE D 298 -4.67 -14.01 -8.35
C ILE D 298 -5.66 -14.54 -7.33
N TYR D 299 -5.26 -14.56 -6.05
CA TYR D 299 -6.13 -15.05 -5.00
C TYR D 299 -7.41 -14.20 -4.91
N ASP D 300 -7.27 -12.88 -4.93
CA ASP D 300 -8.46 -12.04 -4.86
C ASP D 300 -9.42 -12.34 -6.01
N LEU D 301 -8.90 -12.68 -7.19
CA LEU D 301 -9.77 -13.03 -8.31
C LEU D 301 -10.43 -14.37 -8.08
N LEU D 302 -9.69 -15.34 -7.53
CA LEU D 302 -10.30 -16.61 -7.18
C LEU D 302 -11.40 -16.40 -6.16
N TYR D 303 -11.13 -15.57 -5.15
CA TYR D 303 -12.14 -15.27 -4.14
C TYR D 303 -13.39 -14.70 -4.80
N GLN D 304 -13.21 -13.69 -5.63
CA GLN D 304 -14.34 -13.01 -6.24
C GLN D 304 -15.15 -13.97 -7.12
N LYS D 305 -14.46 -14.77 -7.93
CA LYS D 305 -15.16 -15.55 -8.94
C LYS D 305 -15.79 -16.83 -8.41
N SER D 306 -15.51 -17.22 -7.16
CA SER D 306 -16.10 -18.41 -6.56
C SER D 306 -17.28 -18.06 -5.67
N LEU D 307 -17.72 -16.81 -5.68
CA LEU D 307 -18.72 -16.32 -4.75
C LEU D 307 -20.04 -17.07 -4.90
N HIS D 308 -20.41 -17.41 -6.14
CA HIS D 308 -21.69 -18.03 -6.42
C HIS D 308 -21.60 -19.50 -6.81
N GLN D 309 -20.49 -19.92 -7.40
CA GLN D 309 -20.28 -21.32 -7.72
C GLN D 309 -18.77 -21.56 -7.75
N PRO D 310 -18.34 -22.82 -7.66
CA PRO D 310 -16.90 -23.09 -7.68
C PRO D 310 -16.33 -22.81 -9.04
N ILE D 311 -15.09 -22.36 -9.06
CA ILE D 311 -14.40 -22.07 -10.32
C ILE D 311 -13.88 -23.39 -10.90
N PRO D 312 -14.07 -23.64 -12.21
CA PRO D 312 -13.48 -24.84 -12.83
C PRO D 312 -11.99 -24.66 -13.09
N THR D 313 -11.22 -24.68 -12.00
CA THR D 313 -9.79 -24.46 -12.04
C THR D 313 -9.13 -25.32 -10.96
N ARG D 314 -7.92 -25.78 -11.26
CA ARG D 314 -7.12 -26.58 -10.34
C ARG D 314 -5.71 -26.03 -10.32
N MET D 315 -5.11 -25.97 -9.13
CA MET D 315 -3.74 -25.51 -8.93
C MET D 315 -3.03 -26.52 -8.05
N MET D 316 -1.91 -27.06 -8.52
CA MET D 316 -1.17 -28.07 -7.76
C MET D 316 0.31 -27.75 -7.70
N PRO D 317 0.84 -27.45 -6.52
CA PRO D 317 2.30 -27.40 -6.34
C PRO D 317 2.86 -28.81 -6.17
N ASN D 318 4.20 -28.88 -6.19
CA ASN D 318 4.95 -30.13 -6.02
C ASN D 318 4.63 -31.16 -7.12
N CYS D 319 4.21 -30.69 -8.30
CA CYS D 319 3.86 -31.57 -9.41
C CYS D 319 4.72 -31.24 -10.63
N ALA D 320 5.48 -32.22 -11.09
CA ALA D 320 6.34 -32.06 -12.25
C ALA D 320 5.78 -32.91 -13.40
N LEU D 321 5.52 -32.23 -14.53
CA LEU D 321 5.20 -32.92 -15.76
C LEU D 321 6.36 -33.78 -16.18
N ASP D 322 6.10 -35.03 -16.53
CA ASP D 322 7.16 -35.92 -16.97
C ASP D 322 6.77 -36.84 -18.12
N ALA D 323 5.57 -36.72 -18.66
CA ALA D 323 5.19 -37.44 -19.87
C ALA D 323 3.99 -36.76 -20.50
N VAL D 324 3.95 -36.81 -21.83
CA VAL D 324 2.80 -36.39 -22.62
C VAL D 324 2.46 -37.53 -23.56
N GLU D 325 1.19 -37.89 -23.63
CA GLU D 325 0.74 -38.94 -24.54
C GLU D 325 -0.46 -38.41 -25.31
N GLN D 326 -0.46 -38.63 -26.60
CA GLN D 326 -1.58 -38.24 -27.44
C GLN D 326 -2.76 -39.18 -27.23
N GLN D 327 -3.97 -38.63 -27.30
CA GLN D 327 -5.18 -39.46 -27.31
C GLN D 327 -6.15 -38.88 -28.32
N SER D 328 -7.41 -39.29 -28.22
CA SER D 328 -8.48 -38.89 -29.13
C SER D 328 -8.36 -37.42 -29.53
N ASN D 329 -8.88 -36.53 -28.69
CA ASN D 329 -8.85 -35.12 -29.03
C ASN D 329 -8.13 -34.32 -27.95
N HIS D 330 -7.24 -34.97 -27.20
CA HIS D 330 -6.62 -34.31 -26.06
C HIS D 330 -5.26 -34.96 -25.78
N LEU D 331 -4.56 -34.39 -24.81
CA LEU D 331 -3.30 -34.92 -24.31
C LEU D 331 -3.52 -35.57 -22.96
N ASN D 332 -2.83 -36.68 -22.72
CA ASN D 332 -2.70 -37.24 -21.38
C ASN D 332 -1.38 -36.75 -20.80
N LEU D 333 -1.47 -35.97 -19.73
CA LEU D 333 -0.31 -35.37 -19.09
C LEU D 333 -0.09 -36.09 -17.77
N THR D 334 1.06 -36.74 -17.64
CA THR D 334 1.43 -37.41 -16.40
C THR D 334 2.33 -36.50 -15.59
N PHE D 335 2.04 -36.38 -14.29
CA PHE D 335 2.84 -35.59 -13.38
C PHE D 335 3.31 -36.47 -12.22
N LYS D 336 4.47 -36.14 -11.68
CA LYS D 336 4.90 -36.68 -10.40
C LYS D 336 4.61 -35.63 -9.34
N ASN D 337 3.83 -36.00 -8.34
CA ASN D 337 3.68 -35.20 -7.13
C ASN D 337 4.73 -35.67 -6.15
N SER D 338 5.68 -34.79 -5.84
CA SER D 338 6.83 -35.19 -5.04
C SER D 338 6.49 -35.34 -3.57
N ASP D 339 5.41 -34.71 -3.12
CA ASP D 339 5.00 -34.86 -1.72
C ASP D 339 4.53 -36.29 -1.44
N ILE D 340 3.67 -36.84 -2.29
CA ILE D 340 3.16 -38.20 -2.06
C ILE D 340 3.98 -39.25 -2.80
N ASN D 341 4.92 -38.83 -3.65
CA ASN D 341 5.77 -39.75 -4.38
C ASN D 341 4.96 -40.73 -5.24
N LYS D 342 3.96 -40.21 -5.92
CA LYS D 342 3.15 -40.98 -6.86
C LYS D 342 2.94 -40.14 -8.11
N ARG D 343 2.58 -40.81 -9.21
CA ARG D 343 2.31 -40.10 -10.44
C ARG D 343 0.83 -40.17 -10.77
N PHE D 344 0.37 -39.15 -11.49
CA PHE D 344 -1.04 -39.07 -11.84
C PHE D 344 -1.17 -38.41 -13.21
N LYS D 345 -2.35 -38.56 -13.79
CA LYS D 345 -2.63 -38.14 -15.16
C LYS D 345 -3.81 -37.19 -15.17
N LEU D 346 -3.65 -36.04 -15.84
CA LEU D 346 -4.74 -35.16 -16.21
C LEU D 346 -4.90 -35.19 -17.73
N GLU D 347 -6.12 -34.92 -18.17
CA GLU D 347 -6.39 -34.75 -19.58
C GLU D 347 -6.48 -33.26 -19.88
N SER D 348 -6.11 -32.89 -21.10
CA SER D 348 -6.05 -31.48 -21.45
C SER D 348 -5.99 -31.34 -22.97
N GLU D 349 -6.77 -30.39 -23.48
CA GLU D 349 -6.74 -30.18 -24.92
C GLU D 349 -5.52 -29.38 -25.36
N VAL D 350 -5.06 -28.44 -24.52
CA VAL D 350 -3.85 -27.67 -24.83
C VAL D 350 -2.93 -27.68 -23.62
N LEU D 351 -1.63 -27.55 -23.88
CA LEU D 351 -0.63 -27.52 -22.83
C LEU D 351 0.30 -26.34 -23.08
N ILE D 352 0.34 -25.42 -22.13
CA ILE D 352 1.18 -24.24 -22.21
C ILE D 352 2.41 -24.48 -21.35
N LEU D 353 3.59 -24.43 -21.97
CA LEU D 353 4.86 -24.63 -21.28
C LEU D 353 5.33 -23.29 -20.76
N ALA D 354 5.41 -23.16 -19.43
CA ALA D 354 5.99 -21.99 -18.80
C ALA D 354 7.15 -22.42 -17.91
N LEU D 355 8.10 -23.18 -18.46
CA LEU D 355 9.12 -23.84 -17.65
C LEU D 355 10.38 -23.01 -17.47
N GLY D 356 10.37 -21.76 -17.94
CA GLY D 356 11.53 -20.88 -17.83
C GLY D 356 12.32 -20.80 -19.12
N TYR D 357 13.41 -20.04 -19.06
CA TYR D 357 14.26 -19.77 -20.21
C TYR D 357 15.66 -20.33 -19.98
N GLU D 358 16.42 -20.46 -21.09
CA GLU D 358 17.75 -21.06 -21.02
C GLU D 358 18.65 -20.38 -22.03
N TYR D 359 19.97 -20.43 -21.76
CA TYR D 359 20.97 -19.97 -22.70
C TYR D 359 21.35 -21.09 -23.66
N LYS D 360 21.17 -20.84 -24.96
CA LYS D 360 21.68 -21.72 -26.00
C LYS D 360 22.78 -20.96 -26.73
N ILE D 361 23.91 -21.61 -26.96
CA ILE D 361 25.04 -20.89 -27.51
C ILE D 361 24.81 -20.69 -29.00
N PRO D 362 25.07 -19.49 -29.53
CA PRO D 362 24.81 -19.22 -30.95
C PRO D 362 25.69 -20.09 -31.83
N GLU D 363 25.14 -20.48 -32.99
CA GLU D 363 25.92 -21.29 -33.93
C GLU D 363 27.11 -20.53 -34.45
N CYS D 364 27.00 -19.20 -34.55
CA CYS D 364 28.07 -18.42 -35.13
C CYS D 364 29.38 -18.56 -34.36
N LEU D 365 29.33 -19.06 -33.14
CA LEU D 365 30.55 -19.18 -32.34
C LEU D 365 31.32 -20.44 -32.64
N THR D 366 30.71 -21.38 -33.37
CA THR D 366 31.34 -22.67 -33.61
C THR D 366 32.76 -22.56 -34.17
N PRO D 367 33.09 -21.66 -35.10
CA PRO D 367 34.49 -21.66 -35.58
C PRO D 367 35.48 -21.19 -34.53
N ILE D 368 35.08 -20.31 -33.62
CA ILE D 368 35.99 -19.75 -32.62
C ILE D 368 35.79 -20.39 -31.25
N ARG D 369 35.13 -21.55 -31.18
CA ARG D 369 34.94 -22.23 -29.90
C ARG D 369 36.26 -22.44 -29.18
N THR D 370 37.32 -22.79 -29.91
CA THR D 370 38.62 -23.00 -29.29
C THR D 370 39.19 -21.73 -28.67
N LEU D 371 38.66 -20.56 -29.03
CA LEU D 371 39.09 -19.30 -28.43
C LEU D 371 38.41 -19.04 -27.09
N ILE D 372 37.30 -19.62 -26.88
CA ILE D 372 36.49 -19.34 -25.71
C ILE D 372 36.95 -20.24 -24.57
N ASN D 373 36.95 -19.71 -23.35
CA ASN D 373 37.33 -20.48 -22.18
C ASN D 373 36.12 -21.20 -21.61
N TRP D 374 36.37 -22.39 -21.07
CA TRP D 374 35.34 -23.27 -20.54
C TRP D 374 35.70 -23.68 -19.12
N ASP D 375 34.69 -23.85 -18.27
CA ASP D 375 34.94 -24.29 -16.90
C ASP D 375 34.81 -25.82 -16.79
N SER D 376 34.95 -26.33 -15.57
CA SER D 376 35.01 -27.78 -15.37
C SER D 376 33.73 -28.49 -15.75
N LYS D 377 32.60 -27.79 -15.80
CA LYS D 377 31.35 -28.39 -16.24
C LYS D 377 31.08 -28.14 -17.72
N GLY D 378 32.09 -27.69 -18.47
CA GLY D 378 31.89 -27.39 -19.87
C GLY D 378 31.00 -26.22 -20.17
N ARG D 379 30.91 -25.24 -19.27
CA ARG D 379 30.18 -24.02 -19.52
C ARG D 379 31.14 -22.90 -19.90
N ILE D 380 30.62 -21.87 -20.57
CA ILE D 380 31.43 -20.71 -20.90
C ILE D 380 31.94 -20.08 -19.61
N ALA D 381 33.26 -19.93 -19.51
CA ALA D 381 33.91 -19.42 -18.31
C ALA D 381 34.20 -17.94 -18.48
N LEU D 382 33.63 -17.12 -17.59
CA LEU D 382 33.74 -15.68 -17.67
C LEU D 382 34.84 -15.17 -16.73
N ASN D 383 35.63 -14.21 -17.23
CA ASN D 383 36.46 -13.40 -16.35
C ASN D 383 35.58 -12.37 -15.62
N TRP D 384 36.17 -11.74 -14.60
CA TRP D 384 35.41 -10.79 -13.79
C TRP D 384 34.83 -9.68 -14.64
N ASN D 385 35.57 -9.25 -15.68
CA ASN D 385 35.16 -8.14 -16.53
C ASN D 385 34.24 -8.58 -17.65
N TYR D 386 33.67 -9.79 -17.55
CA TYR D 386 32.69 -10.34 -18.49
C TYR D 386 33.28 -10.77 -19.83
N SER D 387 34.60 -10.79 -19.97
CA SER D 387 35.17 -11.39 -21.16
C SER D 387 35.27 -12.90 -20.97
N ILE D 388 35.31 -13.63 -22.09
CA ILE D 388 35.29 -15.08 -22.01
C ILE D 388 36.47 -15.72 -22.75
N ASN D 389 37.51 -14.93 -23.00
CA ASN D 389 38.73 -15.46 -23.58
C ASN D 389 39.92 -14.75 -22.94
N ASP D 390 41.11 -15.29 -23.18
CA ASP D 390 42.31 -14.75 -22.54
C ASP D 390 42.68 -13.38 -23.07
N ASP D 391 42.40 -13.11 -24.36
CA ASP D 391 42.60 -11.78 -24.93
C ASP D 391 41.74 -10.70 -24.27
N ASN D 392 40.65 -11.09 -23.64
CA ASN D 392 39.62 -10.15 -23.16
C ASN D 392 39.09 -9.31 -24.33
N THR D 393 38.74 -10.00 -25.42
CA THR D 393 38.15 -9.34 -26.59
C THR D 393 36.78 -9.86 -26.94
N ILE D 394 36.25 -10.84 -26.21
CA ILE D 394 34.91 -11.34 -26.43
C ILE D 394 34.16 -11.22 -25.11
N PHE D 395 33.14 -10.38 -25.08
CA PHE D 395 32.39 -10.11 -23.87
C PHE D 395 30.99 -10.72 -23.96
N ALA D 396 30.43 -11.04 -22.80
CA ALA D 396 29.18 -11.78 -22.68
C ALA D 396 28.14 -10.97 -21.93
N GLN D 397 27.03 -10.67 -22.59
CA GLN D 397 25.83 -10.17 -21.94
C GLN D 397 24.96 -11.34 -21.57
N ASN D 398 24.56 -11.40 -20.30
CA ASN D 398 23.54 -12.36 -19.86
C ASN D 398 23.99 -13.79 -20.14
N ILE D 399 25.21 -14.09 -19.70
CA ILE D 399 25.74 -15.45 -19.68
C ILE D 399 26.43 -15.64 -18.35
N GLY D 400 26.25 -16.82 -17.75
CA GLY D 400 27.03 -17.17 -16.58
C GLY D 400 26.38 -16.83 -15.25
N ILE D 401 25.10 -17.16 -15.12
CA ILE D 401 24.45 -17.09 -13.81
C ILE D 401 25.26 -17.86 -12.78
N TYR D 402 25.94 -18.92 -13.24
CA TYR D 402 26.83 -19.73 -12.42
C TYR D 402 28.15 -19.05 -12.12
N SER D 403 28.40 -17.89 -12.70
CA SER D 403 29.68 -17.21 -12.51
C SER D 403 29.54 -15.83 -11.91
N HIS D 404 28.59 -15.02 -12.36
CA HIS D 404 28.38 -13.70 -11.77
C HIS D 404 27.11 -13.62 -10.95
N GLY D 405 26.35 -14.72 -10.85
CA GLY D 405 25.25 -14.81 -9.91
C GLY D 405 23.91 -14.46 -10.54
N PHE D 406 22.88 -14.48 -9.68
CA PHE D 406 21.50 -14.47 -10.14
C PHE D 406 21.09 -13.20 -10.86
N THR D 407 21.86 -12.12 -10.75
CA THR D 407 21.49 -10.87 -11.42
C THR D 407 22.03 -10.76 -12.84
N VAL D 408 22.67 -11.81 -13.37
CA VAL D 408 23.17 -11.76 -14.74
C VAL D 408 22.07 -11.35 -15.71
N PRO D 409 20.86 -11.90 -15.66
CA PRO D 409 19.77 -11.41 -16.54
C PRO D 409 19.01 -10.20 -16.01
N ASP D 410 19.52 -9.51 -14.99
CA ASP D 410 18.77 -8.44 -14.35
C ASP D 410 18.97 -7.13 -15.12
N LEU D 411 17.86 -6.56 -15.60
CA LEU D 411 17.97 -5.29 -16.32
C LEU D 411 18.57 -4.21 -15.44
N GLY D 412 18.37 -4.31 -14.13
CA GLY D 412 19.00 -3.35 -13.22
C GLY D 412 20.52 -3.40 -13.20
N MET D 413 21.13 -4.48 -13.71
CA MET D 413 22.57 -4.59 -13.71
C MET D 413 23.17 -4.46 -15.10
N GLY D 414 22.37 -4.03 -16.09
CA GLY D 414 22.87 -3.91 -17.45
C GLY D 414 23.86 -2.77 -17.62
N CYS D 415 23.59 -1.62 -17.01
CA CYS D 415 24.52 -0.50 -17.10
C CYS D 415 25.82 -0.81 -16.36
N TYR D 416 25.71 -1.53 -15.25
CA TYR D 416 26.91 -1.95 -14.53
C TYR D 416 27.82 -2.77 -15.44
N ARG D 417 27.29 -3.85 -16.02
CA ARG D 417 28.12 -4.70 -16.86
C ARG D 417 28.59 -3.94 -18.10
N ASN D 418 27.71 -3.12 -18.68
CA ASN D 418 28.10 -2.37 -19.87
C ASN D 418 29.21 -1.37 -19.57
N ALA D 419 29.15 -0.71 -18.41
CA ALA D 419 30.24 0.19 -18.06
C ALA D 419 31.56 -0.56 -17.97
N ILE D 420 31.55 -1.75 -17.37
CA ILE D 420 32.79 -2.51 -17.23
C ILE D 420 33.29 -2.98 -18.60
N ILE D 421 32.37 -3.41 -19.47
CA ILE D 421 32.76 -3.79 -20.82
C ILE D 421 33.35 -2.60 -21.56
N ILE D 422 32.73 -1.43 -21.45
CA ILE D 422 33.24 -0.25 -22.13
C ILE D 422 34.58 0.18 -21.51
N ASN D 423 34.66 0.20 -20.19
CA ASN D 423 35.90 0.59 -19.52
C ASN D 423 37.03 -0.35 -19.89
N THR D 424 36.75 -1.65 -20.00
CA THR D 424 37.78 -2.61 -20.36
C THR D 424 38.30 -2.37 -21.76
N ILE D 425 37.39 -2.22 -22.74
CA ILE D 425 37.80 -2.08 -24.13
C ILE D 425 38.58 -0.79 -24.35
N LEU D 426 38.19 0.28 -23.67
CA LEU D 426 38.91 1.55 -23.82
C LEU D 426 40.09 1.66 -22.88
N GLY D 427 40.24 0.75 -21.92
CA GLY D 427 41.34 0.83 -20.97
C GLY D 427 41.25 2.03 -20.06
N ARG D 428 40.06 2.49 -19.73
CA ARG D 428 39.88 3.77 -19.06
C ARG D 428 38.57 3.75 -18.29
N GLU D 429 38.50 4.56 -17.23
CA GLU D 429 37.29 4.65 -16.41
C GLU D 429 36.31 5.63 -17.06
N VAL D 430 35.73 5.21 -18.18
CA VAL D 430 34.83 6.10 -18.91
C VAL D 430 33.52 6.28 -18.17
N TYR D 431 32.93 5.17 -17.71
CA TYR D 431 31.77 5.14 -16.84
C TYR D 431 32.20 4.52 -15.53
N PRO D 432 32.66 5.31 -14.56
CA PRO D 432 33.19 4.71 -13.33
C PRO D 432 32.08 3.94 -12.63
N VAL D 433 32.45 2.79 -12.09
CA VAL D 433 31.52 1.82 -11.54
C VAL D 433 31.62 1.81 -10.03
N GLU D 434 30.47 1.73 -9.36
CA GLU D 434 30.42 1.70 -7.90
C GLU D 434 31.04 0.43 -7.36
N LYS D 435 31.79 0.54 -6.25
CA LYS D 435 32.33 -0.63 -5.58
C LYS D 435 31.54 -1.07 -4.37
N ARG D 436 30.79 -0.15 -3.75
CA ARG D 436 30.00 -0.51 -2.59
C ARG D 436 28.74 0.36 -2.53
N ILE D 437 27.59 -0.28 -2.71
CA ILE D 437 26.32 0.41 -2.52
C ILE D 437 25.49 -0.20 -1.40
N ALA D 438 25.94 -1.29 -0.79
CA ALA D 438 25.13 -2.07 0.15
C ALA D 438 25.55 -1.81 1.59
N TYR D 439 24.55 -1.76 2.48
CA TYR D 439 24.84 -1.70 3.90
C TYR D 439 25.40 -3.03 4.39
N GLN D 440 24.88 -4.14 3.89
CA GLN D 440 25.42 -5.45 4.25
C GLN D 440 26.86 -5.60 3.77
N GLU D 441 27.60 -6.47 4.46
CA GLU D 441 28.89 -6.96 4.01
C GLU D 441 28.74 -8.45 3.77
N PHE D 442 29.23 -8.95 2.65
CA PHE D 442 29.06 -10.36 2.39
C PHE D 442 30.31 -11.15 2.74
N ALA D 443 31.34 -10.49 3.24
CA ALA D 443 32.55 -11.13 3.72
C ALA D 443 33.13 -10.22 4.80
N PRO D 444 33.83 -10.77 5.78
CA PRO D 444 34.51 -9.92 6.77
C PRO D 444 35.68 -9.18 6.12
N THR D 445 36.25 -8.24 6.86
CA THR D 445 37.48 -7.62 6.41
C THR D 445 38.64 -8.60 6.55
N THR D 446 39.66 -8.41 5.71
CA THR D 446 40.79 -9.33 5.70
C THR D 446 41.40 -9.51 7.09
N GLU D 447 41.38 -8.45 7.91
CA GLU D 447 42.03 -8.48 9.21
C GLU D 447 41.25 -9.27 10.26
N GLU D 448 39.93 -9.48 10.10
CA GLU D 448 39.20 -10.24 11.12
C GLU D 448 39.21 -11.74 10.87
N ILE D 449 39.63 -12.19 9.68
CA ILE D 449 39.70 -13.62 9.39
C ILE D 449 40.60 -14.34 10.41
N VAL D 450 40.13 -15.49 10.87
CA VAL D 450 40.90 -16.36 11.76
C VAL D 450 41.61 -17.40 10.91
N THR D 451 42.93 -17.50 11.11
CA THR D 451 43.78 -18.45 10.38
C THR D 451 43.22 -19.87 10.31
#